data_6XI2
#
_entry.id   6XI2
#
_cell.length_a   142.322
_cell.length_b   153.979
_cell.length_c   187.494
_cell.angle_alpha   90.000
_cell.angle_beta   90.000
_cell.angle_gamma   90.000
#
_symmetry.space_group_name_H-M   'P 21 21 21'
#
loop_
_entity.id
_entity.type
_entity.pdbx_description
1 polymer 'Protein O-linked-mannose beta-1,4-N-acetylglucosaminyltransferase 2'
2 polymer 'Protein O-linked-mannose beta-1,4-N-acetylglucosaminyltransferase 2'
3 polymer 'Protein O-linked-mannose beta-1,4-N-acetylglucosaminyltransferase 2'
4 polymer 'Protein O-linked-mannose beta-1,4-N-acetylglucosaminyltransferase 2'
5 polymer ALA-ALA-ALA-ALA-ALA-ALA-ALA-ALA-ALA-ALA
6 polymer ALA-GLY-ALA-GLY-ALA-ALA-ALA-ALA-ALA-ALA
7 non-polymer 2-acetamido-2-deoxy-beta-D-glucopyranose
8 non-polymer 'PHOSPHATE ION'
9 water water
#
loop_
_entity_poly.entity_id
_entity_poly.type
_entity_poly.pdbx_seq_one_letter_code
_entity_poly.pdbx_strand_id
1 'polypeptide(L)'
;ALRIDYPAALQILMEGGTHMVCTGRTHTDRICRFKWLCYSNEAEEFIFFHGNTSVMLPNLGSRRFQPALLDLSTVEDHAT
QYFNFVELPAAALRFMPKPVFVPDVALIANRFNPDNLMHVFHDDLLPLFYTLRQFPGLAHEARLFFMEGWGEGAHFDLYK
LLSPKQPLLRAQLKTLGRLLCFSHAFVGLSKITTWYQYGFVQPQGPKANILVSGNEIRQFARFMTEKLNVSATGVPLGEE
YILVFSRTQNRLILNEAELLLALAQEFQMKTVTVSLEDHTFADVVRLVSNASMLVSMHGAQLVTTLFLPRGATVVELFPY
AVNPDHYTPYKTLAMLPGMDLQYVAWRNMMPENTVTHPERPWDQGGITHLDRAEQARILASREVPRHLCCRNPEWLFRIY
QDTKVDIPSLIQTIRRVVKGRPGPRKQKWAAGLYPGKVREARCQASVHGASEARLTVSWQIPWNLKYLKVAEVKYEVWLQ
EAGEAAYVPYILALQNHTFTENIKPFTTYLVWVRCIFNKILLGPFADVLVCNT
;
A
2 'polypeptide(L)'
;DYPAALQILMEGGTHMVCTGRTHTDRICRFKWLCYSNEAEEFIFFHGNTSVMLPNLGSRRFQPALLDLSTVEDHATQYFN
FVELPAAALRFMPKPVFVPDVALIANRFNPDNLMHVFHDDLLPLFYTLRQFPGLAHEARLFFMEGWGEGAHFDLYKLLSP
KQPLLRAQLKTLGRLLCFSHAFVGLSKITTWYQYGFVQPQGPKANILVSGNEIRQFARFMTEKLNASHTGVPLAEEYILV
FSRTQNRLILNEAELLLALAQEFQMKTVTVSLEDHTFADVVRLVSNASMLVSMHGAQLVTTLFLPRGATVVELFPYAVNP
DHYTPYKTLAMLPGMDLQYVAWRNMMPENTVTHPERPWDQGGITHLDRAQQAAILQSREVPRHLCCRNPEWLFRIYQDTK
VDIPSLIQTIRRVVAAPGPAKQKAAAGLYPGKVREARCQASVHGASEARLTVSWQIPWNLKYLKVAEVKYEVWLQEQGEA
AYVPYILALQNHTFTENIKPFTTYLVWVRCIFNKILLGPFADVLVCNT
;
B
3 'polypeptide(L)'
;ALRIDYPAALQILMEGGTHMVCTGRTHTDRICRFKWLCYSNEAEEFIFFHGNTSVMLPNLGSRRFQPALLDLSTVEDHNT
QYFNFVELPAAALRFMPKPVFVPDVALIANRFNPDNLMHVFHDDLLPLFYTLRQFPGLAHEARLFFMEGWGEGAHFDLYK
LLSPKQPLLRAQLKTLGRLLCFSHAFVGLSKITTWYQYGFVQPQGPKANILVSGNEIRQFARFMTEKLNASHTGVPLAAE
YILVFARTQNRLILNEAELLAALAQEFQMKTVTVSLEDHTFADVVRLVSNASMLVSMHGAQLVTTLFLPRGATVVELFPY
AVNPDHYTPYKTLAMLPGMDLQYVAWRNMMPENTVTHPERPWDQGGITHLDRAEQARILSSREVPRHLCCRNPEWLFRIY
QDTKVDIPSLIQTIRRVVAGAPGPRKQKWTAGLYPGKVREARCQASVHGASEARLTVSWQIPWNLKYLKVAEVKYEVWLQ
EAGENTYVPYILALQNHTFTENIKPFTTYLVWVRCIFNKILLGPFADVLVCNT
;
D
4 'polypeptide(L)'
;DYPAALQILMEGGTHMVCTGRTHTDRICRFKWLCYSNEAEEFIFFHGNTSVMLPNLGSRRFQPALLDLSTVEDHNTQYFN
FVELPAAALRFMPKPVFVPDVALIANRFNPDNLMHVFHDDLLPLFYTLRQFPGLAHEARLFFMEGWGEGAHFDLYKLLSP
KQPLLRAQLKTLGRLLCFSHAFVGLSKITTWYQYGFVQPQGPKANILVSGNEIRQFARFMTEKLNASHTGVPLAAEYILV
FSRTQNRLILNEAELLLALAQEFQMKTVTVSLEDHTFADVVRLVSNASMLVSMHGAQLVTTLFLPRGATVVELFPYAVNP
DHYTPYKTLAMLPGMDLQYVAWRNMMPENTVTHPERPWDQGGITHLDAAEQAAILQSREVPRHLCCRNPEWLFRIYQDTK
VDIPSLIQTIRRVVKGAAPRKQAAAAGLYPGKVREARCQASVHGASEARLTVSWQIPWNLKYLKVAEVKYEVWLQEAGEA
AYVPYILALQNHTFTENIKPFTTYLVWVRCIFNKILLGPFADVLVCNT
;
C
5 'polypeptide(L)' AAAAAAAAAA G
6 'polypeptide(L)' AGAGAAAAAA H
#
loop_
_chem_comp.id
_chem_comp.type
_chem_comp.name
_chem_comp.formula
NAG D-saccharide, beta linking 2-acetamido-2-deoxy-beta-D-glucopyranose 'C8 H15 N O6'
PO4 non-polymer 'PHOSPHATE ION' 'O4 P -3'
#
# COMPACT_ATOMS: atom_id res chain seq x y z
N ALA A 1 0.25 -2.43 9.94
CA ALA A 1 1.26 -3.42 9.58
C ALA A 1 1.78 -3.19 8.17
N LEU A 2 1.06 -3.72 7.19
CA LEU A 2 1.41 -3.58 5.77
C LEU A 2 0.17 -3.02 5.07
N ARG A 3 -0.08 -1.73 5.27
CA ARG A 3 -1.30 -1.08 4.81
C ARG A 3 -1.11 -0.62 3.37
N ILE A 4 -1.72 -1.35 2.43
CA ILE A 4 -1.64 -1.05 1.00
C ILE A 4 -3.07 -1.03 0.47
N ASP A 5 -3.68 0.15 0.46
CA ASP A 5 -5.04 0.33 -0.05
C ASP A 5 -4.97 1.33 -1.20
N TYR A 6 -4.88 0.82 -2.42
CA TYR A 6 -4.84 1.68 -3.60
C TYR A 6 -6.10 2.51 -3.76
N PRO A 7 -7.32 1.99 -3.61
CA PRO A 7 -8.51 2.85 -3.79
C PRO A 7 -8.57 4.02 -2.82
N ALA A 8 -8.26 3.80 -1.54
CA ALA A 8 -8.32 4.90 -0.58
C ALA A 8 -7.26 5.95 -0.89
N ALA A 9 -6.05 5.53 -1.24
CA ALA A 9 -5.02 6.48 -1.65
C ALA A 9 -5.41 7.21 -2.92
N LEU A 10 -6.09 6.50 -3.84
CA LEU A 10 -6.52 7.13 -5.09
C LEU A 10 -7.60 8.17 -4.84
N GLN A 11 -8.50 7.91 -3.88
CA GLN A 11 -9.54 8.89 -3.58
C GLN A 11 -8.99 10.06 -2.77
N ILE A 12 -7.98 9.82 -1.93
CA ILE A 12 -7.30 10.92 -1.25
C ILE A 12 -6.66 11.86 -2.28
N LEU A 13 -6.12 11.29 -3.36
CA LEU A 13 -5.53 12.09 -4.41
C LEU A 13 -6.57 12.80 -5.26
N MET A 14 -7.63 12.09 -5.63
CA MET A 14 -8.64 12.68 -6.52
C MET A 14 -9.50 13.70 -5.78
N GLU A 15 -9.77 13.49 -4.50
CA GLU A 15 -10.58 14.43 -3.74
C GLU A 15 -9.74 15.52 -3.08
N GLY A 16 -8.64 15.13 -2.44
CA GLY A 16 -7.83 16.08 -1.68
C GLY A 16 -6.83 16.87 -2.51
N GLY A 17 -6.09 16.20 -3.37
CA GLY A 17 -5.11 16.87 -4.20
C GLY A 17 -3.76 17.00 -3.53
N THR A 18 -2.88 17.72 -4.21
CA THR A 18 -1.49 17.89 -3.77
C THR A 18 -1.40 18.89 -2.61
N HIS A 19 -0.44 18.64 -1.73
CA HIS A 19 -0.19 19.46 -0.55
C HIS A 19 1.28 19.87 -0.55
N MET A 20 1.54 21.18 -0.41
CA MET A 20 2.90 21.70 -0.50
C MET A 20 3.14 22.75 0.55
N VAL A 21 4.17 22.54 1.37
CA VAL A 21 4.65 23.51 2.37
C VAL A 21 6.17 23.58 2.26
N CYS A 22 6.70 24.80 2.05
CA CYS A 22 8.10 25.02 1.74
C CYS A 22 8.73 26.05 2.66
N THR A 23 10.01 25.82 2.94
CA THR A 23 10.81 26.78 3.69
C THR A 23 11.36 27.87 2.78
N GLY A 24 11.63 29.03 3.38
CA GLY A 24 12.35 30.07 2.68
C GLY A 24 11.45 31.02 1.91
N ARG A 25 11.93 32.26 1.75
CA ARG A 25 11.22 33.29 1.01
C ARG A 25 11.70 33.43 -0.43
N THR A 26 12.91 32.97 -0.74
CA THR A 26 13.47 33.03 -2.08
C THR A 26 13.68 31.62 -2.62
N HIS A 27 13.82 31.53 -3.94
CA HIS A 27 13.93 30.23 -4.59
C HIS A 27 15.31 29.59 -4.41
N THR A 28 16.32 30.35 -3.98
CA THR A 28 17.66 29.82 -3.82
C THR A 28 17.87 29.18 -2.45
N ASP A 29 16.88 29.22 -1.57
CA ASP A 29 16.98 28.61 -0.24
C ASP A 29 15.71 27.87 0.14
N ARG A 30 15.00 27.32 -0.85
CA ARG A 30 13.69 26.74 -0.65
C ARG A 30 13.76 25.22 -0.70
N ILE A 31 13.29 24.57 0.36
CA ILE A 31 13.04 23.14 0.39
C ILE A 31 11.55 22.92 0.65
N CYS A 32 10.96 22.00 -0.11
CA CYS A 32 9.52 21.82 -0.22
C CYS A 32 9.11 20.43 0.28
N ARG A 33 8.14 20.39 1.19
CA ARG A 33 7.53 19.15 1.60
C ARG A 33 6.25 18.95 0.79
N PHE A 34 6.18 17.85 0.05
CA PHE A 34 5.05 17.56 -0.81
C PHE A 34 4.26 16.35 -0.29
N LYS A 35 2.95 16.39 -0.47
CA LYS A 35 2.09 15.23 -0.31
C LYS A 35 1.28 15.07 -1.58
N TRP A 36 1.34 13.87 -2.18
CA TRP A 36 0.63 13.57 -3.42
C TRP A 36 1.10 14.47 -4.56
N LEU A 37 2.41 14.68 -4.62
CA LEU A 37 3.04 15.27 -5.80
C LEU A 37 3.25 14.18 -6.84
N CYS A 38 2.85 14.46 -8.08
CA CYS A 38 2.81 13.48 -9.14
C CYS A 38 3.77 13.86 -10.28
N TYR A 39 4.26 12.83 -10.96
CA TYR A 39 5.19 13.01 -12.07
C TYR A 39 4.69 12.22 -13.28
N SER A 40 4.53 12.91 -14.40
CA SER A 40 4.10 12.29 -15.65
C SER A 40 5.34 12.00 -16.48
N ASN A 41 5.61 10.72 -16.72
CA ASN A 41 6.78 10.35 -17.51
C ASN A 41 6.61 10.73 -18.98
N GLU A 42 5.38 10.84 -19.45
CA GLU A 42 5.15 11.25 -20.84
C GLU A 42 5.49 12.73 -21.04
N ALA A 43 4.97 13.59 -20.17
CA ALA A 43 5.26 15.02 -20.27
C ALA A 43 6.61 15.38 -19.67
N GLU A 44 7.20 14.50 -18.85
CA GLU A 44 8.41 14.81 -18.11
C GLU A 44 8.22 16.08 -17.28
N GLU A 45 7.13 16.10 -16.53
CA GLU A 45 6.76 17.24 -15.70
C GLU A 45 6.20 16.75 -14.38
N PHE A 46 6.62 17.39 -13.30
CA PHE A 46 5.93 17.20 -12.02
C PHE A 46 4.57 17.89 -12.08
N ILE A 47 3.59 17.32 -11.39
CA ILE A 47 2.20 17.76 -11.49
C ILE A 47 1.69 18.10 -10.09
N PHE A 48 1.10 19.29 -9.97
CA PHE A 48 0.36 19.69 -8.78
C PHE A 48 -1.13 19.57 -9.10
N PHE A 49 -1.83 18.69 -8.38
CA PHE A 49 -3.25 18.48 -8.56
C PHE A 49 -4.01 19.29 -7.50
N HIS A 50 -4.93 20.15 -7.95
CA HIS A 50 -5.75 20.95 -7.05
C HIS A 50 -6.98 20.16 -6.64
N GLY A 51 -7.17 20.00 -5.34
CA GLY A 51 -8.32 19.29 -4.80
C GLY A 51 -8.92 19.98 -3.59
N ASN A 52 -9.67 19.21 -2.78
CA ASN A 52 -10.41 19.81 -1.68
C ASN A 52 -9.49 20.31 -0.57
N THR A 53 -8.36 19.66 -0.33
CA THR A 53 -7.46 20.01 0.76
C THR A 53 -6.14 20.57 0.26
N SER A 54 -6.08 21.02 -0.99
CA SER A 54 -4.82 21.46 -1.58
C SER A 54 -4.27 22.67 -0.84
N VAL A 55 -2.95 22.69 -0.66
CA VAL A 55 -2.22 23.80 -0.06
C VAL A 55 -0.99 24.07 -0.91
N MET A 56 -0.80 25.33 -1.32
CA MET A 56 0.39 25.75 -2.04
C MET A 56 1.07 26.86 -1.23
N LEU A 57 2.13 26.51 -0.53
CA LEU A 57 2.84 27.43 0.36
C LEU A 57 4.33 27.33 0.09
N PRO A 58 4.97 28.35 -0.52
CA PRO A 58 4.35 29.62 -0.88
C PRO A 58 3.45 29.55 -2.11
N ASN A 59 2.52 30.48 -2.20
CA ASN A 59 1.66 30.64 -3.38
C ASN A 59 2.17 31.87 -4.11
N LEU A 60 3.06 31.65 -5.07
CA LEU A 60 3.78 32.73 -5.73
C LEU A 60 3.04 33.33 -6.91
N GLY A 61 1.95 32.70 -7.35
CA GLY A 61 1.27 33.21 -8.53
C GLY A 61 2.17 33.14 -9.75
N SER A 62 2.15 34.20 -10.55
CA SER A 62 3.00 34.27 -11.73
C SER A 62 4.49 34.30 -11.37
N ARG A 63 4.83 34.64 -10.13
CA ARG A 63 6.23 34.67 -9.71
C ARG A 63 6.81 33.27 -9.53
N ARG A 64 6.00 32.22 -9.60
CA ARG A 64 6.53 30.87 -9.59
C ARG A 64 7.40 30.58 -10.81
N PHE A 65 7.39 31.46 -11.81
CA PHE A 65 8.20 31.30 -13.01
C PHE A 65 9.25 32.38 -13.14
N GLN A 66 9.61 33.02 -12.03
CA GLN A 66 10.62 34.09 -12.00
C GLN A 66 11.64 33.80 -10.92
N PRO A 67 12.53 32.82 -11.14
CA PRO A 67 12.64 31.97 -12.34
C PRO A 67 11.94 30.62 -12.21
N ALA A 68 11.78 30.12 -10.99
CA ALA A 68 11.21 28.80 -10.75
C ALA A 68 10.83 28.71 -9.27
N LEU A 69 10.42 27.52 -8.84
CA LEU A 69 10.03 27.32 -7.45
C LEU A 69 11.26 27.19 -6.54
N LEU A 70 12.24 26.40 -6.96
CA LEU A 70 13.41 26.16 -6.12
C LEU A 70 14.56 25.67 -6.98
N ASP A 71 15.73 25.54 -6.34
CA ASP A 71 16.92 24.98 -6.97
C ASP A 71 17.01 23.49 -6.66
N LEU A 72 16.95 22.66 -7.70
CA LEU A 72 17.13 21.22 -7.52
C LEU A 72 18.59 20.85 -7.27
N SER A 73 19.53 21.70 -7.68
CA SER A 73 20.95 21.53 -7.42
C SER A 73 21.40 22.50 -6.34
N THR A 74 22.64 22.35 -5.90
CA THR A 74 23.25 23.28 -4.97
C THR A 74 24.16 24.28 -5.68
N VAL A 75 24.14 24.31 -7.01
CA VAL A 75 24.97 25.22 -7.78
C VAL A 75 24.22 26.52 -8.03
N GLU A 76 23.31 26.88 -7.13
CA GLU A 76 22.65 28.17 -7.00
C GLU A 76 22.22 28.83 -8.31
N ASP A 77 20.92 28.76 -8.62
CA ASP A 77 20.31 29.53 -9.70
C ASP A 77 21.02 29.29 -11.03
N HIS A 78 21.35 28.02 -11.29
CA HIS A 78 22.10 27.63 -12.47
C HIS A 78 21.45 28.14 -13.75
N ALA A 79 20.41 27.43 -14.20
CA ALA A 79 19.57 27.69 -15.38
C ALA A 79 19.00 26.35 -15.81
N THR A 80 19.77 25.29 -15.62
CA THR A 80 19.42 23.94 -16.04
C THR A 80 19.06 23.04 -14.88
N GLN A 81 18.97 23.58 -13.65
CA GLN A 81 18.71 22.77 -12.47
C GLN A 81 17.49 23.28 -11.69
N TYR A 82 16.57 23.96 -12.34
CA TYR A 82 15.38 24.47 -11.68
C TYR A 82 14.35 23.37 -11.48
N PHE A 83 13.55 23.51 -10.43
CA PHE A 83 12.39 22.65 -10.21
C PHE A 83 11.12 23.46 -10.35
N ASN A 84 10.13 22.88 -11.03
CA ASN A 84 8.80 23.48 -11.12
C ASN A 84 7.82 22.38 -11.48
N PHE A 85 6.54 22.71 -11.36
CA PHE A 85 5.46 21.78 -11.69
C PHE A 85 4.45 22.50 -12.58
N VAL A 86 3.59 21.71 -13.19
CA VAL A 86 2.44 22.22 -13.94
C VAL A 86 1.18 21.88 -13.14
N GLU A 87 0.19 22.76 -13.24
CA GLU A 87 -1.02 22.65 -12.45
C GLU A 87 -2.14 21.99 -13.24
N LEU A 88 -2.86 21.09 -12.58
CA LEU A 88 -4.04 20.44 -13.13
C LEU A 88 -5.07 20.32 -12.02
N PRO A 89 -6.36 20.33 -12.35
CA PRO A 89 -7.36 19.96 -11.36
C PRO A 89 -7.28 18.48 -11.06
N ALA A 90 -7.56 18.13 -9.80
CA ALA A 90 -7.56 16.71 -9.43
C ALA A 90 -8.55 15.93 -10.27
N ALA A 91 -9.63 16.56 -10.72
CA ALA A 91 -10.62 15.89 -11.54
C ALA A 91 -10.06 15.46 -12.90
N ALA A 92 -9.00 16.12 -13.37
CA ALA A 92 -8.39 15.75 -14.65
C ALA A 92 -7.81 14.34 -14.64
N LEU A 93 -7.65 13.72 -13.46
CA LEU A 93 -7.18 12.35 -13.38
C LEU A 93 -8.11 11.37 -14.08
N ARG A 94 -9.37 11.78 -14.32
CA ARG A 94 -10.30 10.92 -15.04
C ARG A 94 -9.85 10.66 -16.47
N PHE A 95 -9.07 11.59 -17.04
CA PHE A 95 -8.61 11.48 -18.42
C PHE A 95 -7.13 11.10 -18.52
N MET A 96 -6.57 10.57 -17.44
CA MET A 96 -5.15 10.25 -17.36
C MET A 96 -4.98 8.80 -16.92
N PRO A 97 -3.80 8.22 -17.15
CA PRO A 97 -3.57 6.84 -16.69
C PRO A 97 -3.78 6.69 -15.20
N LYS A 98 -4.07 5.46 -14.80
CA LYS A 98 -4.19 5.14 -13.38
C LYS A 98 -2.84 5.31 -12.71
N PRO A 99 -2.70 6.18 -11.71
CA PRO A 99 -1.38 6.48 -11.16
C PRO A 99 -0.79 5.29 -10.41
N VAL A 100 0.53 5.31 -10.32
CA VAL A 100 1.30 4.38 -9.50
C VAL A 100 1.89 5.16 -8.34
N PHE A 101 1.69 4.66 -7.12
CA PHE A 101 2.01 5.40 -5.91
C PHE A 101 3.34 4.95 -5.33
N VAL A 102 4.17 5.91 -4.95
CA VAL A 102 5.39 5.64 -4.19
C VAL A 102 5.08 5.80 -2.71
N PRO A 103 4.91 4.71 -1.97
CA PRO A 103 4.61 4.82 -0.53
C PRO A 103 5.81 5.25 0.31
N ASP A 104 7.01 5.21 -0.25
CA ASP A 104 8.20 5.68 0.47
C ASP A 104 8.21 7.20 0.52
N VAL A 105 8.64 7.76 1.65
CA VAL A 105 8.98 9.17 1.67
C VAL A 105 10.24 9.37 0.86
N ALA A 106 10.22 10.36 -0.03
CA ALA A 106 11.28 10.53 -1.01
C ALA A 106 12.00 11.85 -0.81
N LEU A 107 13.25 11.89 -1.23
CA LEU A 107 14.01 13.13 -1.37
C LEU A 107 14.38 13.26 -2.84
N ILE A 108 13.86 14.31 -3.48
CA ILE A 108 14.06 14.54 -4.91
C ILE A 108 15.09 15.64 -5.07
N ALA A 109 16.16 15.35 -5.81
CA ALA A 109 17.24 16.30 -6.00
C ALA A 109 17.95 16.02 -7.32
N ASN A 110 18.82 16.94 -7.70
CA ASN A 110 19.63 16.82 -8.90
C ASN A 110 21.10 16.75 -8.52
N ARG A 111 21.79 15.72 -9.01
CA ARG A 111 23.25 15.67 -8.90
C ARG A 111 23.86 16.54 -9.99
N PHE A 112 24.86 17.33 -9.63
CA PHE A 112 25.42 18.26 -10.59
C PHE A 112 26.38 17.58 -11.57
N ASN A 113 27.36 16.84 -11.05
CA ASN A 113 28.33 16.13 -11.89
C ASN A 113 28.68 14.80 -11.22
N PRO A 114 27.90 13.76 -11.48
CA PRO A 114 28.15 12.47 -10.81
C PRO A 114 29.48 11.81 -11.17
N ASP A 115 30.21 12.34 -12.15
CA ASP A 115 31.48 11.75 -12.55
C ASP A 115 32.69 12.40 -11.87
N ASN A 116 32.53 13.60 -11.32
CA ASN A 116 33.62 14.32 -10.67
C ASN A 116 33.50 14.16 -9.16
N LEU A 117 34.58 13.68 -8.53
CA LEU A 117 34.51 13.36 -7.10
C LEU A 117 34.31 14.62 -6.26
N MET A 118 34.90 15.74 -6.68
CA MET A 118 34.69 17.00 -5.95
C MET A 118 33.21 17.40 -5.97
N HIS A 119 32.61 17.38 -7.17
CA HIS A 119 31.19 17.72 -7.28
C HIS A 119 30.33 16.74 -6.50
N VAL A 120 30.72 15.45 -6.49
CA VAL A 120 29.92 14.44 -5.82
C VAL A 120 29.84 14.73 -4.32
N PHE A 121 30.98 15.05 -3.71
CA PHE A 121 31.00 15.28 -2.27
C PHE A 121 30.50 16.68 -1.92
N HIS A 122 30.87 17.70 -2.69
CA HIS A 122 30.55 19.07 -2.32
C HIS A 122 29.12 19.45 -2.70
N ASP A 123 28.66 19.04 -3.88
CA ASP A 123 27.34 19.43 -4.36
C ASP A 123 26.24 18.47 -3.92
N ASP A 124 26.56 17.20 -3.70
CA ASP A 124 25.54 16.17 -3.48
C ASP A 124 25.62 15.53 -2.11
N LEU A 125 26.72 14.83 -1.79
CA LEU A 125 26.74 13.96 -0.62
C LEU A 125 26.55 14.75 0.67
N LEU A 126 27.36 15.79 0.87
CA LEU A 126 27.20 16.61 2.08
C LEU A 126 25.86 17.33 2.12
N PRO A 127 25.38 17.97 1.05
CA PRO A 127 24.03 18.56 1.11
C PRO A 127 22.93 17.54 1.35
N LEU A 128 23.02 16.36 0.73
CA LEU A 128 22.01 15.33 0.96
C LEU A 128 22.02 14.85 2.39
N PHE A 129 23.21 14.63 2.95
CA PHE A 129 23.34 14.12 4.32
C PHE A 129 22.60 15.01 5.32
N TYR A 130 22.75 16.33 5.19
CA TYR A 130 22.18 17.25 6.15
C TYR A 130 20.81 17.78 5.75
N THR A 131 20.44 17.68 4.47
CA THR A 131 19.05 17.93 4.10
C THR A 131 18.13 16.86 4.67
N LEU A 132 18.58 15.60 4.63
CA LEU A 132 17.81 14.51 5.24
C LEU A 132 17.60 14.76 6.72
N ARG A 133 18.65 15.20 7.42
CA ARG A 133 18.57 15.40 8.86
C ARG A 133 17.82 16.67 9.25
N GLN A 134 17.39 17.47 8.27
CA GLN A 134 16.58 18.65 8.59
C GLN A 134 15.17 18.28 8.99
N PHE A 135 14.66 17.16 8.47
CA PHE A 135 13.27 16.77 8.70
C PHE A 135 13.24 15.40 9.39
N PRO A 136 12.42 15.24 10.42
CA PRO A 136 12.38 13.96 11.14
C PRO A 136 11.92 12.82 10.25
N GLY A 137 12.59 11.67 10.39
CA GLY A 137 12.23 10.47 9.67
C GLY A 137 12.81 10.34 8.28
N LEU A 138 13.71 11.22 7.87
CA LEU A 138 14.31 11.12 6.55
C LEU A 138 15.65 10.39 6.56
N ALA A 139 16.43 10.57 7.64
CA ALA A 139 17.82 10.13 7.64
C ALA A 139 17.96 8.64 7.38
N HIS A 140 16.99 7.83 7.83
CA HIS A 140 17.08 6.38 7.70
C HIS A 140 15.88 5.77 7.00
N GLU A 141 15.02 6.59 6.39
CA GLU A 141 13.83 6.07 5.72
C GLU A 141 13.67 6.54 4.28
N ALA A 142 14.29 7.66 3.88
CA ALA A 142 14.03 8.24 2.58
C ALA A 142 14.75 7.48 1.48
N ARG A 143 14.11 7.38 0.32
CA ARG A 143 14.74 6.91 -0.90
C ARG A 143 15.07 8.12 -1.77
N LEU A 144 16.29 8.16 -2.28
CA LEU A 144 16.73 9.29 -3.09
C LEU A 144 16.29 9.12 -4.53
N PHE A 145 15.78 10.22 -5.11
CA PHE A 145 15.39 10.27 -6.51
C PHE A 145 16.21 11.37 -7.19
N PHE A 146 17.01 10.97 -8.17
CA PHE A 146 17.87 11.91 -8.89
C PHE A 146 17.26 12.18 -10.27
N MET A 147 16.91 13.43 -10.53
CA MET A 147 16.14 13.81 -11.71
C MET A 147 16.97 14.54 -12.76
N GLU A 148 18.29 14.63 -12.57
CA GLU A 148 19.10 15.46 -13.46
C GLU A 148 19.26 14.85 -14.85
N GLY A 149 19.16 13.53 -14.96
CA GLY A 149 19.25 12.86 -16.23
C GLY A 149 20.55 12.14 -16.50
N TRP A 150 21.49 12.14 -15.56
CA TRP A 150 22.72 11.40 -15.74
C TRP A 150 22.53 9.93 -15.36
N GLY A 151 23.45 9.09 -15.83
CA GLY A 151 23.47 7.71 -15.44
C GLY A 151 23.97 7.55 -14.01
N GLU A 152 24.29 6.31 -13.66
CA GLU A 152 24.79 6.03 -12.31
C GLU A 152 26.07 6.80 -12.02
N GLY A 153 26.96 6.90 -13.00
CA GLY A 153 28.21 7.60 -12.82
C GLY A 153 29.26 6.75 -12.13
N ALA A 154 30.47 7.29 -12.07
CA ALA A 154 31.62 6.54 -11.56
C ALA A 154 31.59 6.36 -10.05
N HIS A 155 30.75 7.10 -9.33
CA HIS A 155 30.78 7.07 -7.87
C HIS A 155 29.40 6.79 -7.28
N PHE A 156 28.58 6.02 -7.99
CA PHE A 156 27.23 5.74 -7.51
C PHE A 156 27.25 4.97 -6.20
N ASP A 157 28.32 4.20 -5.93
CA ASP A 157 28.40 3.45 -4.69
C ASP A 157 28.41 4.39 -3.48
N LEU A 158 28.86 5.63 -3.67
CA LEU A 158 28.87 6.59 -2.57
C LEU A 158 27.47 7.10 -2.27
N TYR A 159 26.65 7.32 -3.30
CA TYR A 159 25.28 7.79 -3.09
C TYR A 159 24.46 6.75 -2.32
N LYS A 160 24.71 5.47 -2.58
CA LYS A 160 23.97 4.40 -1.92
C LYS A 160 24.31 4.27 -0.44
N LEU A 161 25.42 4.89 0.02
CA LEU A 161 25.75 4.86 1.43
C LEU A 161 24.83 5.74 2.26
N LEU A 162 24.20 6.74 1.65
CA LEU A 162 23.38 7.70 2.39
C LEU A 162 22.06 7.12 2.87
N SER A 163 21.64 5.97 2.35
CA SER A 163 20.33 5.44 2.64
C SER A 163 20.37 3.92 2.58
N PRO A 164 19.59 3.24 3.43
CA PRO A 164 19.41 1.79 3.24
C PRO A 164 18.70 1.45 1.96
N LYS A 165 17.80 2.33 1.49
CA LYS A 165 17.05 2.10 0.28
C LYS A 165 17.84 2.54 -0.95
N GLN A 166 17.77 1.73 -1.99
CA GLN A 166 18.54 2.01 -3.20
C GLN A 166 18.00 3.25 -3.89
N PRO A 167 18.84 4.22 -4.23
CA PRO A 167 18.35 5.40 -4.95
C PRO A 167 17.88 5.05 -6.35
N LEU A 168 17.02 5.90 -6.89
CA LEU A 168 16.45 5.72 -8.22
C LEU A 168 16.87 6.88 -9.12
N LEU A 169 17.10 6.57 -10.38
CA LEU A 169 17.40 7.57 -11.40
C LEU A 169 16.15 7.84 -12.23
N ARG A 170 16.14 9.00 -12.89
CA ARG A 170 14.96 9.41 -13.64
C ARG A 170 14.62 8.41 -14.74
N ALA A 171 15.65 7.85 -15.38
CA ALA A 171 15.39 6.90 -16.47
C ALA A 171 14.65 5.67 -15.99
N GLN A 172 14.80 5.31 -14.71
CA GLN A 172 14.13 4.14 -14.17
C GLN A 172 12.67 4.38 -13.84
N LEU A 173 12.19 5.63 -13.92
CA LEU A 173 10.84 5.93 -13.48
C LEU A 173 9.79 5.42 -14.45
N LYS A 174 10.09 5.40 -15.75
CA LYS A 174 9.11 4.96 -16.73
C LYS A 174 8.73 3.49 -16.54
N THR A 175 9.66 2.68 -16.04
CA THR A 175 9.36 1.28 -15.80
C THR A 175 8.36 1.07 -14.67
N LEU A 176 8.18 2.06 -13.80
CA LEU A 176 7.22 1.94 -12.72
C LEU A 176 5.79 2.25 -13.18
N GLY A 177 5.64 3.14 -14.15
CA GLY A 177 4.34 3.52 -14.65
C GLY A 177 4.37 4.84 -15.37
N ARG A 178 3.32 5.07 -16.16
CA ARG A 178 3.24 6.31 -16.93
C ARG A 178 3.07 7.52 -16.04
N LEU A 179 2.40 7.37 -14.91
CA LEU A 179 2.12 8.49 -14.00
C LEU A 179 2.50 8.07 -12.59
N LEU A 180 3.60 8.63 -12.08
CA LEU A 180 4.04 8.39 -10.72
C LEU A 180 3.50 9.47 -9.79
N CYS A 181 3.09 9.06 -8.59
CA CYS A 181 2.58 9.96 -7.56
C CYS A 181 3.27 9.62 -6.24
N PHE A 182 3.98 10.59 -5.67
CA PHE A 182 4.67 10.39 -4.41
C PHE A 182 3.70 10.73 -3.27
N SER A 183 3.48 9.76 -2.37
CA SER A 183 2.62 10.03 -1.23
C SER A 183 3.26 11.03 -0.27
N HIS A 184 4.58 11.07 -0.22
CA HIS A 184 5.29 11.98 0.69
C HIS A 184 6.67 12.21 0.08
N ALA A 185 6.95 13.44 -0.36
CA ALA A 185 8.19 13.72 -1.07
C ALA A 185 8.74 15.07 -0.67
N PHE A 186 10.05 15.11 -0.42
CA PHE A 186 10.76 16.35 -0.19
C PHE A 186 11.60 16.69 -1.41
N VAL A 187 11.61 17.96 -1.78
CA VAL A 187 12.23 18.43 -3.02
C VAL A 187 13.19 19.56 -2.68
N GLY A 188 14.43 19.45 -3.15
CA GLY A 188 15.43 20.47 -2.96
C GLY A 188 16.59 20.00 -2.09
N LEU A 189 17.62 20.84 -2.06
CA LEU A 189 18.82 20.55 -1.29
C LEU A 189 19.25 21.80 -0.54
N SER A 190 19.80 21.61 0.66
CA SER A 190 20.37 22.73 1.40
C SER A 190 21.71 23.12 0.80
N LYS A 191 21.94 24.43 0.72
CA LYS A 191 23.23 24.97 0.31
C LYS A 191 24.13 25.26 1.49
N ILE A 192 23.71 24.87 2.70
CA ILE A 192 24.38 25.31 3.91
C ILE A 192 25.77 24.69 4.09
N THR A 193 26.04 23.55 3.46
CA THR A 193 27.33 22.90 3.60
C THR A 193 28.34 23.31 2.53
N THR A 194 27.91 24.06 1.50
CA THR A 194 28.82 24.42 0.43
C THR A 194 29.83 25.46 0.90
N TRP A 195 31.01 25.44 0.26
CA TRP A 195 32.06 26.39 0.56
C TRP A 195 32.72 26.97 -0.68
N TYR A 196 32.34 26.54 -1.88
CA TYR A 196 33.02 26.92 -3.10
C TYR A 196 32.00 27.11 -4.22
N GLN A 197 32.29 28.05 -5.11
CA GLN A 197 31.49 28.27 -6.31
C GLN A 197 32.40 28.16 -7.53
N TYR A 198 31.88 27.58 -8.60
CA TYR A 198 32.68 27.12 -9.72
C TYR A 198 32.87 28.18 -10.82
N GLY A 199 32.36 29.38 -10.63
CA GLY A 199 32.70 30.48 -11.51
C GLY A 199 31.81 30.68 -12.72
N PHE A 200 30.49 30.64 -12.52
CA PHE A 200 29.58 30.84 -13.64
C PHE A 200 29.33 32.32 -13.94
N VAL A 201 29.42 33.18 -12.93
CA VAL A 201 29.21 34.61 -13.09
C VAL A 201 30.51 35.39 -12.94
N GLN A 202 31.23 35.15 -11.85
CA GLN A 202 32.56 35.73 -11.62
C GLN A 202 33.55 34.57 -11.55
N PRO A 203 34.86 34.81 -11.56
CA PRO A 203 35.81 33.69 -11.49
C PRO A 203 35.60 32.84 -10.24
N GLN A 204 36.00 31.57 -10.35
CA GLN A 204 35.76 30.62 -9.27
C GLN A 204 36.53 31.02 -8.01
N GLY A 205 36.03 30.55 -6.87
CA GLY A 205 36.62 30.87 -5.59
C GLY A 205 35.71 30.45 -4.45
N PRO A 206 36.15 30.71 -3.22
CA PRO A 206 35.33 30.34 -2.06
C PRO A 206 34.11 31.23 -1.93
N LYS A 207 33.07 30.68 -1.30
CA LYS A 207 31.86 31.45 -1.04
C LYS A 207 32.15 32.57 -0.05
N ALA A 208 31.41 33.67 -0.21
CA ALA A 208 31.64 34.83 0.65
C ALA A 208 31.30 34.53 2.10
N ASN A 209 30.23 33.78 2.34
CA ASN A 209 29.76 33.46 3.69
C ASN A 209 29.62 31.94 3.80
N ILE A 210 30.71 31.27 4.19
CA ILE A 210 30.68 29.83 4.42
C ILE A 210 29.97 29.55 5.74
N LEU A 211 28.96 28.70 5.70
CA LEU A 211 28.10 28.45 6.84
C LEU A 211 28.34 27.07 7.46
N VAL A 212 29.45 26.42 7.11
CA VAL A 212 29.79 25.11 7.65
C VAL A 212 31.20 25.18 8.22
N SER A 213 31.44 24.40 9.27
CA SER A 213 32.75 24.32 9.91
C SER A 213 33.29 22.91 9.79
N GLY A 214 34.55 22.75 10.18
CA GLY A 214 35.19 21.45 10.11
C GLY A 214 34.50 20.39 10.94
N ASN A 215 33.89 20.77 12.06
CA ASN A 215 33.21 19.81 12.90
C ASN A 215 32.06 19.14 12.16
N GLU A 216 31.26 19.93 11.43
CA GLU A 216 30.16 19.35 10.66
C GLU A 216 30.68 18.54 9.49
N ILE A 217 31.79 18.98 8.88
CA ILE A 217 32.43 18.20 7.83
C ILE A 217 32.87 16.84 8.37
N ARG A 218 33.46 16.84 9.57
CA ARG A 218 34.03 15.61 10.12
C ARG A 218 32.96 14.66 10.65
N GLN A 219 31.82 15.19 11.11
CA GLN A 219 30.72 14.30 11.49
C GLN A 219 30.19 13.56 10.28
N PHE A 220 30.10 14.24 9.14
CA PHE A 220 29.72 13.57 7.89
C PHE A 220 30.77 12.56 7.48
N ALA A 221 32.06 12.92 7.58
CA ALA A 221 33.12 11.99 7.23
C ALA A 221 33.07 10.75 8.12
N ARG A 222 32.81 10.92 9.42
CA ARG A 222 32.72 9.79 10.31
C ARG A 222 31.57 8.86 9.92
N PHE A 223 30.45 9.43 9.45
CA PHE A 223 29.35 8.59 8.97
C PHE A 223 29.77 7.79 7.75
N MET A 224 30.51 8.42 6.83
CA MET A 224 30.87 7.75 5.59
C MET A 224 31.86 6.62 5.83
N THR A 225 32.86 6.83 6.70
CA THR A 225 33.81 5.77 7.00
C THR A 225 33.14 4.58 7.66
N GLU A 226 32.11 4.82 8.48
CA GLU A 226 31.35 3.71 9.06
C GLU A 226 30.63 2.93 7.98
N LYS A 227 29.96 3.62 7.05
CA LYS A 227 29.24 2.94 5.99
C LYS A 227 30.19 2.19 5.05
N LEU A 228 31.42 2.68 4.91
CA LEU A 228 32.43 2.00 4.12
C LEU A 228 33.10 0.85 4.88
N ASN A 229 32.62 0.55 6.08
CA ASN A 229 33.18 -0.51 6.93
C ASN A 229 34.65 -0.28 7.23
N VAL A 230 35.04 0.99 7.34
CA VAL A 230 36.38 1.38 7.73
C VAL A 230 36.35 1.69 9.22
N SER A 231 37.13 0.95 10.01
CA SER A 231 37.22 1.19 11.43
C SER A 231 37.70 2.61 11.69
N ALA A 232 37.70 3.00 12.97
CA ALA A 232 38.17 4.31 13.39
C ALA A 232 39.21 4.17 14.50
N THR A 233 40.11 3.20 14.34
CA THR A 233 41.07 2.86 15.38
C THR A 233 42.42 3.54 15.20
N GLY A 234 42.84 3.78 13.95
CA GLY A 234 44.13 4.38 13.69
C GLY A 234 45.24 3.36 13.53
N VAL A 235 46.41 3.85 13.14
CA VAL A 235 47.59 3.02 12.97
C VAL A 235 48.28 2.89 14.32
N PRO A 236 49.26 1.97 14.48
CA PRO A 236 50.05 1.95 15.73
C PRO A 236 50.92 3.17 15.88
N LEU A 237 52.14 2.99 16.40
CA LEU A 237 53.14 4.05 16.41
C LEU A 237 54.39 3.54 15.71
N GLY A 238 55.04 4.43 14.96
CA GLY A 238 56.07 4.04 14.03
C GLY A 238 55.55 3.66 12.66
N GLU A 239 54.24 3.50 12.51
CA GLU A 239 53.61 3.16 11.24
C GLU A 239 52.96 4.36 10.57
N GLU A 240 53.28 5.57 11.02
CA GLU A 240 52.79 6.77 10.35
C GLU A 240 53.37 6.87 8.95
N TYR A 241 52.71 7.64 8.09
CA TYR A 241 53.16 7.71 6.71
C TYR A 241 52.66 9.00 6.06
N ILE A 242 53.42 9.43 5.06
CA ILE A 242 53.00 10.48 4.14
C ILE A 242 52.29 9.82 2.97
N LEU A 243 51.12 10.34 2.61
CA LEU A 243 50.31 9.77 1.53
C LEU A 243 50.42 10.66 0.29
N VAL A 244 50.74 10.05 -0.84
CA VAL A 244 50.90 10.75 -2.11
C VAL A 244 49.89 10.19 -3.09
N PHE A 245 49.03 11.06 -3.61
CA PHE A 245 48.08 10.65 -4.62
C PHE A 245 48.78 10.50 -5.97
N SER A 246 48.52 9.39 -6.64
CA SER A 246 49.15 9.07 -7.92
C SER A 246 48.10 9.00 -9.02
N ARG A 247 48.57 9.14 -10.25
CA ARG A 247 47.72 8.99 -11.43
C ARG A 247 48.44 8.14 -12.46
N THR A 248 47.66 7.33 -13.18
CA THR A 248 48.09 6.66 -14.40
C THR A 248 47.90 7.58 -15.60
N GLN A 249 46.69 8.11 -15.73
CA GLN A 249 46.21 9.09 -16.70
C GLN A 249 47.22 10.12 -17.19
N ASN A 250 46.98 11.33 -16.73
CA ASN A 250 47.68 12.55 -17.11
C ASN A 250 47.79 13.37 -15.84
N ARG A 251 48.17 14.65 -15.97
CA ARG A 251 48.42 15.49 -14.81
C ARG A 251 49.36 14.77 -13.84
N LEU A 252 50.41 14.18 -14.41
CA LEU A 252 51.29 13.29 -13.69
C LEU A 252 52.38 14.06 -12.96
N ILE A 253 52.89 13.46 -11.90
CA ILE A 253 54.14 13.86 -11.28
C ILE A 253 55.23 13.00 -11.91
N LEU A 254 56.03 13.59 -12.79
CA LEU A 254 56.95 12.80 -13.61
C LEU A 254 58.05 12.17 -12.75
N ASN A 255 58.54 12.89 -11.76
CA ASN A 255 59.58 12.37 -10.87
C ASN A 255 59.00 11.86 -9.56
N GLU A 256 57.96 11.02 -9.66
CA GLU A 256 57.29 10.52 -8.46
C GLU A 256 58.24 9.69 -7.60
N ALA A 257 59.06 8.85 -8.23
CA ALA A 257 59.99 8.01 -7.47
C ALA A 257 60.98 8.85 -6.68
N GLU A 258 61.52 9.91 -7.30
CA GLU A 258 62.39 10.82 -6.56
C GLU A 258 61.63 11.53 -5.45
N LEU A 259 60.38 11.88 -5.71
CA LEU A 259 59.59 12.60 -4.71
C LEU A 259 59.33 11.74 -3.48
N LEU A 260 58.98 10.47 -3.68
CA LEU A 260 58.70 9.58 -2.56
C LEU A 260 59.93 9.40 -1.67
N LEU A 261 61.09 9.18 -2.29
CA LEU A 261 62.30 9.00 -1.51
C LEU A 261 62.70 10.29 -0.78
N ALA A 262 62.54 11.43 -1.45
CA ALA A 262 62.93 12.70 -0.84
C ALA A 262 62.06 13.03 0.36
N LEU A 263 60.73 12.91 0.20
CA LEU A 263 59.83 13.17 1.31
C LEU A 263 60.09 12.22 2.47
N ALA A 264 60.34 10.94 2.16
CA ALA A 264 60.58 9.96 3.21
C ALA A 264 61.83 10.30 4.02
N GLN A 265 62.89 10.73 3.35
CA GLN A 265 64.12 11.05 4.05
C GLN A 265 64.01 12.38 4.80
N GLU A 266 63.39 13.37 4.18
CA GLU A 266 63.29 14.69 4.79
C GLU A 266 62.48 14.65 6.08
N PHE A 267 61.31 14.00 6.04
CA PHE A 267 60.39 14.00 7.16
C PHE A 267 60.47 12.71 7.99
N GLN A 268 61.45 11.87 7.73
CA GLN A 268 61.77 10.72 8.58
C GLN A 268 60.55 9.83 8.78
N MET A 269 59.97 9.40 7.67
CA MET A 269 58.65 8.79 7.70
C MET A 269 58.40 8.04 6.41
N LYS A 270 57.77 6.87 6.52
CA LYS A 270 57.38 6.10 5.35
C LYS A 270 56.45 6.92 4.46
N THR A 271 56.54 6.69 3.14
CA THR A 271 55.64 7.30 2.17
C THR A 271 54.85 6.22 1.46
N VAL A 272 53.57 6.50 1.19
CA VAL A 272 52.66 5.56 0.58
C VAL A 272 51.99 6.22 -0.62
N THR A 273 51.75 5.42 -1.66
CA THR A 273 51.10 5.89 -2.88
C THR A 273 49.64 5.42 -2.90
N VAL A 274 48.74 6.32 -3.31
CA VAL A 274 47.33 6.01 -3.42
C VAL A 274 46.81 6.48 -4.77
N SER A 275 45.82 5.78 -5.29
CA SER A 275 45.24 6.08 -6.59
C SER A 275 43.74 5.79 -6.56
N LEU A 276 42.95 6.68 -7.16
CA LEU A 276 41.52 6.42 -7.28
C LEU A 276 41.24 5.26 -8.23
N GLU A 277 42.07 5.10 -9.26
CA GLU A 277 41.83 4.07 -10.26
C GLU A 277 42.26 2.69 -9.78
N ASP A 278 43.31 2.60 -8.96
CA ASP A 278 43.89 1.33 -8.55
C ASP A 278 43.41 0.87 -7.17
N HIS A 279 42.62 1.67 -6.47
CA HIS A 279 42.14 1.32 -5.14
C HIS A 279 40.62 1.41 -5.11
N THR A 280 39.99 0.48 -4.40
CA THR A 280 38.60 0.66 -4.02
C THR A 280 38.50 1.89 -3.14
N PHE A 281 37.36 2.59 -3.22
CA PHE A 281 37.22 3.83 -2.47
C PHE A 281 37.31 3.60 -0.97
N ALA A 282 36.93 2.42 -0.50
CA ALA A 282 37.10 2.10 0.91
C ALA A 282 38.58 2.06 1.29
N ASP A 283 39.42 1.56 0.38
CA ASP A 283 40.86 1.56 0.63
C ASP A 283 41.42 2.98 0.59
N VAL A 284 40.90 3.82 -0.30
CA VAL A 284 41.31 5.22 -0.36
C VAL A 284 41.04 5.90 0.97
N VAL A 285 39.82 5.75 1.48
CA VAL A 285 39.45 6.37 2.75
C VAL A 285 40.27 5.76 3.89
N ARG A 286 40.49 4.45 3.84
CA ARG A 286 41.34 3.81 4.85
C ARG A 286 42.73 4.43 4.88
N LEU A 287 43.31 4.68 3.71
CA LEU A 287 44.67 5.24 3.65
C LEU A 287 44.66 6.70 4.07
N VAL A 288 43.71 7.48 3.58
CA VAL A 288 43.69 8.92 3.85
C VAL A 288 43.48 9.18 5.34
N SER A 289 42.67 8.36 6.00
CA SER A 289 42.28 8.63 7.38
C SER A 289 43.42 8.45 8.37
N ASN A 290 44.54 7.81 7.99
CA ASN A 290 45.72 7.74 8.84
C ASN A 290 46.86 8.60 8.34
N ALA A 291 46.70 9.24 7.18
CA ALA A 291 47.79 10.01 6.61
C ALA A 291 48.17 11.19 7.50
N SER A 292 49.45 11.26 7.87
CA SER A 292 49.97 12.45 8.54
C SER A 292 50.10 13.63 7.59
N MET A 293 50.20 13.35 6.28
CA MET A 293 50.36 14.38 5.27
C MET A 293 49.82 13.84 3.95
N LEU A 294 49.15 14.69 3.19
CA LEU A 294 48.55 14.30 1.91
C LEU A 294 49.13 15.20 0.81
N VAL A 295 49.84 14.58 -0.13
CA VAL A 295 50.46 15.28 -1.24
C VAL A 295 49.75 14.86 -2.53
N SER A 296 49.39 15.84 -3.36
CA SER A 296 48.67 15.54 -4.57
C SER A 296 48.70 16.73 -5.52
N MET A 297 48.71 16.44 -6.81
CA MET A 297 48.44 17.48 -7.80
C MET A 297 47.02 18.00 -7.61
N HIS A 298 46.79 19.24 -8.02
CA HIS A 298 45.46 19.82 -7.94
C HIS A 298 44.48 18.99 -8.77
N GLY A 299 43.44 18.49 -8.13
CA GLY A 299 42.48 17.65 -8.82
C GLY A 299 41.40 17.18 -7.86
N ALA A 300 40.38 16.54 -8.44
CA ALA A 300 39.20 16.14 -7.69
C ALA A 300 39.52 15.17 -6.57
N GLN A 301 40.63 14.42 -6.68
CA GLN A 301 40.98 13.46 -5.64
C GLN A 301 41.29 14.11 -4.30
N LEU A 302 41.60 15.41 -4.31
CA LEU A 302 41.93 16.10 -3.07
C LEU A 302 40.71 16.40 -2.21
N VAL A 303 39.50 16.15 -2.71
CA VAL A 303 38.32 16.31 -1.86
C VAL A 303 38.33 15.30 -0.71
N THR A 304 39.14 14.25 -0.83
CA THR A 304 39.30 13.26 0.23
C THR A 304 40.00 13.89 1.43
N THR A 305 40.40 15.16 1.30
CA THR A 305 40.95 15.90 2.42
C THR A 305 40.04 15.83 3.63
N LEU A 306 38.72 15.80 3.41
CA LEU A 306 37.77 15.77 4.51
C LEU A 306 37.87 14.50 5.36
N PHE A 307 38.56 13.47 4.88
CA PHE A 307 38.77 12.25 5.65
C PHE A 307 40.06 12.28 6.47
N LEU A 308 40.87 13.33 6.33
CA LEU A 308 42.16 13.38 6.99
C LEU A 308 41.99 13.48 8.51
N PRO A 309 42.93 12.95 9.28
CA PRO A 309 42.90 13.11 10.73
C PRO A 309 43.32 14.52 11.13
N ARG A 310 42.90 14.91 12.33
CA ARG A 310 43.26 16.21 12.87
C ARG A 310 44.78 16.31 13.01
N GLY A 311 45.35 17.43 12.56
CA GLY A 311 46.77 17.65 12.61
C GLY A 311 47.52 17.33 11.33
N ALA A 312 46.86 16.72 10.35
CA ALA A 312 47.53 16.40 9.10
C ALA A 312 47.74 17.65 8.27
N THR A 313 48.62 17.55 7.27
CA THR A 313 48.96 18.65 6.39
C THR A 313 48.59 18.29 4.96
N VAL A 314 47.93 19.22 4.28
CA VAL A 314 47.62 19.08 2.86
C VAL A 314 48.70 19.79 2.07
N VAL A 315 49.31 19.08 1.12
CA VAL A 315 50.31 19.65 0.22
C VAL A 315 49.77 19.52 -1.19
N GLU A 316 49.33 20.64 -1.77
CA GLU A 316 48.73 20.67 -3.09
C GLU A 316 49.72 21.27 -4.08
N LEU A 317 49.98 20.54 -5.17
CA LEU A 317 50.92 20.95 -6.19
C LEU A 317 50.16 21.47 -7.41
N PHE A 318 50.59 22.62 -7.93
CA PHE A 318 49.96 23.24 -9.08
C PHE A 318 50.92 23.24 -10.26
N PRO A 319 50.48 22.86 -11.45
CA PRO A 319 51.38 22.82 -12.60
C PRO A 319 51.75 24.22 -13.06
N TYR A 320 52.67 24.25 -14.03
CA TYR A 320 53.20 25.51 -14.53
C TYR A 320 52.08 26.40 -15.05
N ALA A 321 52.16 27.69 -14.72
CA ALA A 321 51.27 28.77 -15.13
C ALA A 321 49.91 28.73 -14.43
N VAL A 322 49.76 27.93 -13.39
CA VAL A 322 48.51 27.85 -12.64
C VAL A 322 48.72 28.53 -11.29
N ASN A 323 48.00 29.63 -11.07
CA ASN A 323 48.13 30.39 -9.83
C ASN A 323 47.33 29.71 -8.72
N PRO A 324 47.97 29.23 -7.65
CA PRO A 324 47.23 28.53 -6.60
C PRO A 324 46.14 29.38 -5.96
N ASP A 325 46.35 30.69 -5.83
CA ASP A 325 45.34 31.56 -5.23
C ASP A 325 44.09 31.72 -6.09
N HIS A 326 44.09 31.19 -7.30
CA HIS A 326 42.92 31.26 -8.17
C HIS A 326 42.06 30.01 -8.14
N TYR A 327 42.58 28.90 -7.62
CA TYR A 327 41.90 27.60 -7.64
C TYR A 327 42.02 26.99 -6.25
N THR A 328 41.12 27.41 -5.35
CA THR A 328 41.23 27.06 -3.94
C THR A 328 40.04 26.28 -3.38
N PRO A 329 39.50 25.26 -4.07
CA PRO A 329 38.42 24.49 -3.43
C PRO A 329 38.91 23.63 -2.29
N TYR A 330 40.15 23.16 -2.34
CA TYR A 330 40.70 22.31 -1.29
C TYR A 330 41.47 23.08 -0.25
N LYS A 331 42.05 24.23 -0.63
CA LYS A 331 42.59 25.14 0.37
C LYS A 331 41.49 25.64 1.30
N THR A 332 40.32 25.96 0.74
CA THR A 332 39.20 26.40 1.56
C THR A 332 38.71 25.29 2.48
N LEU A 333 38.61 24.06 1.95
CA LEU A 333 38.16 22.94 2.78
C LEU A 333 39.15 22.66 3.91
N ALA A 334 40.46 22.68 3.59
CA ALA A 334 41.47 22.36 4.60
C ALA A 334 41.56 23.44 5.67
N MET A 335 41.37 24.71 5.31
CA MET A 335 41.54 25.82 6.23
C MET A 335 40.23 26.24 6.90
N LEU A 336 39.17 25.47 6.74
CA LEU A 336 37.93 25.75 7.46
C LEU A 336 38.18 25.72 8.95
N PRO A 337 37.60 26.63 9.73
CA PRO A 337 37.72 26.54 11.19
C PRO A 337 37.13 25.23 11.69
N GLY A 338 37.88 24.58 12.59
CA GLY A 338 37.48 23.30 13.12
C GLY A 338 37.96 22.09 12.33
N MET A 339 38.54 22.30 11.15
CA MET A 339 39.07 21.18 10.38
C MET A 339 40.36 20.65 10.99
N ASP A 340 41.12 21.51 11.66
CA ASP A 340 42.39 21.14 12.30
C ASP A 340 43.36 20.56 11.29
N LEU A 341 43.47 21.21 10.14
CA LEU A 341 44.40 20.81 9.08
C LEU A 341 45.26 22.01 8.69
N GLN A 342 46.48 21.71 8.25
CA GLN A 342 47.37 22.72 7.68
C GLN A 342 47.39 22.55 6.17
N TYR A 343 47.49 23.68 5.47
CA TYR A 343 47.49 23.67 4.01
C TYR A 343 48.78 24.28 3.49
N VAL A 344 49.28 23.70 2.40
CA VAL A 344 50.51 24.14 1.75
C VAL A 344 50.31 24.04 0.25
N ALA A 345 50.62 25.11 -0.48
CA ALA A 345 50.50 25.15 -1.93
C ALA A 345 51.86 25.37 -2.56
N TRP A 346 52.17 24.56 -3.57
CA TRP A 346 53.41 24.68 -4.33
C TRP A 346 53.08 24.82 -5.80
N ARG A 347 53.80 25.71 -6.49
CA ARG A 347 53.52 26.05 -7.88
C ARG A 347 54.78 25.85 -8.71
N ASN A 348 54.68 25.07 -9.77
CA ASN A 348 55.80 24.85 -10.67
C ASN A 348 56.12 26.15 -11.40
N MET A 349 57.27 26.74 -11.10
CA MET A 349 57.71 27.98 -11.71
C MET A 349 58.65 27.76 -12.90
N MET A 350 59.14 26.54 -13.09
CA MET A 350 60.20 26.30 -14.06
C MET A 350 59.63 25.68 -15.32
N PRO A 351 59.57 26.41 -16.44
CA PRO A 351 58.98 25.85 -17.66
C PRO A 351 59.71 24.63 -18.19
N GLU A 352 60.98 24.44 -17.85
CA GLU A 352 61.70 23.24 -18.27
C GLU A 352 61.24 22.00 -17.51
N ASN A 353 60.43 22.16 -16.48
CA ASN A 353 59.91 21.04 -15.70
C ASN A 353 58.45 20.73 -16.03
N THR A 354 57.91 21.28 -17.10
CA THR A 354 56.54 21.00 -17.53
C THR A 354 56.56 20.29 -18.88
N VAL A 355 55.55 19.46 -19.10
CA VAL A 355 55.35 18.77 -20.36
C VAL A 355 53.91 19.00 -20.79
N THR A 356 53.73 19.67 -21.92
CA THR A 356 52.40 19.96 -22.42
C THR A 356 51.96 18.90 -23.44
N HIS A 357 50.69 18.95 -23.80
CA HIS A 357 50.11 18.02 -24.77
C HIS A 357 49.10 18.77 -25.63
N PRO A 358 49.58 19.57 -26.57
CA PRO A 358 48.67 20.41 -27.37
C PRO A 358 47.81 19.62 -28.34
N GLU A 359 48.20 18.40 -28.69
CA GLU A 359 47.50 17.64 -29.72
C GLU A 359 46.43 16.70 -29.16
N ARG A 360 46.17 16.76 -27.85
CA ARG A 360 45.12 15.94 -27.26
C ARG A 360 43.76 16.50 -27.62
N PRO A 361 42.68 15.74 -27.39
CA PRO A 361 41.34 16.31 -27.56
C PRO A 361 41.11 17.49 -26.63
N TRP A 362 40.05 18.23 -26.91
CA TRP A 362 39.82 19.49 -26.21
C TRP A 362 39.65 19.29 -24.71
N ASP A 363 38.94 18.25 -24.30
CA ASP A 363 38.67 18.05 -22.88
C ASP A 363 39.86 17.46 -22.13
N GLN A 364 41.00 17.28 -22.80
CA GLN A 364 42.24 16.89 -22.15
C GLN A 364 43.32 17.95 -22.30
N GLY A 365 42.92 19.20 -22.57
CA GLY A 365 43.85 20.30 -22.64
C GLY A 365 44.42 20.61 -24.01
N GLY A 366 44.04 19.86 -25.04
CA GLY A 366 44.57 20.12 -26.37
C GLY A 366 44.13 21.49 -26.87
N ILE A 367 45.03 22.14 -27.61
CA ILE A 367 44.77 23.43 -28.23
C ILE A 367 44.84 23.37 -29.74
N THR A 368 44.99 22.17 -30.31
CA THR A 368 45.10 22.03 -31.76
C THR A 368 43.84 22.42 -32.49
N HIS A 369 42.70 22.47 -31.80
CA HIS A 369 41.41 22.79 -32.40
C HIS A 369 41.15 24.28 -32.48
N LEU A 370 42.13 25.11 -32.14
CA LEU A 370 41.96 26.55 -32.11
C LEU A 370 42.74 27.21 -33.23
N ASP A 371 42.38 28.46 -33.52
CA ASP A 371 43.17 29.27 -34.44
C ASP A 371 44.60 29.36 -33.92
N ARG A 372 45.55 29.35 -34.86
CA ARG A 372 46.96 29.35 -34.48
C ARG A 372 47.36 30.63 -33.76
N ALA A 373 46.60 31.73 -33.94
CA ALA A 373 46.89 32.94 -33.19
C ALA A 373 46.53 32.78 -31.71
N GLU A 374 45.49 32.02 -31.39
CA GLU A 374 45.17 31.78 -29.99
C GLU A 374 46.02 30.66 -29.40
N GLN A 375 46.47 29.72 -30.24
CA GLN A 375 47.48 28.77 -29.80
C GLN A 375 48.74 29.49 -29.35
N ALA A 376 49.14 30.52 -30.11
CA ALA A 376 50.35 31.26 -29.78
C ALA A 376 50.19 32.04 -28.49
N ARG A 377 49.02 32.68 -28.29
CA ARG A 377 48.79 33.41 -27.04
C ARG A 377 48.81 32.48 -25.85
N ILE A 378 48.34 31.24 -26.01
CA ILE A 378 48.33 30.29 -24.89
C ILE A 378 49.75 29.79 -24.61
N LEU A 379 50.49 29.46 -25.67
CA LEU A 379 51.83 28.91 -25.49
C LEU A 379 52.78 29.94 -24.87
N ALA A 380 52.50 31.22 -25.06
CA ALA A 380 53.36 32.28 -24.55
C ALA A 380 52.93 32.80 -23.18
N SER A 381 51.71 32.50 -22.75
CA SER A 381 51.21 33.01 -21.48
C SER A 381 51.92 32.32 -20.32
N ARG A 382 52.37 33.12 -19.35
CA ARG A 382 53.07 32.59 -18.19
C ARG A 382 52.15 32.27 -17.02
N GLU A 383 50.88 32.68 -17.09
CA GLU A 383 49.92 32.37 -16.03
C GLU A 383 48.52 32.39 -16.63
N VAL A 384 47.72 31.39 -16.26
CA VAL A 384 46.33 31.32 -16.71
C VAL A 384 45.57 32.52 -16.15
N PRO A 385 45.04 33.40 -16.99
CA PRO A 385 44.29 34.55 -16.48
C PRO A 385 42.97 34.12 -15.89
N ARG A 386 42.42 35.00 -15.04
CA ARG A 386 41.10 34.75 -14.48
C ARG A 386 40.08 34.59 -15.59
N HIS A 387 39.11 33.70 -15.38
CA HIS A 387 38.17 33.35 -16.43
C HIS A 387 36.88 32.85 -15.80
N LEU A 388 35.85 32.73 -16.63
CA LEU A 388 34.59 32.15 -16.23
C LEU A 388 34.59 30.64 -16.50
N CYS A 389 33.55 29.97 -16.01
CA CYS A 389 33.65 28.52 -15.79
C CYS A 389 33.69 27.72 -17.08
N CYS A 390 34.41 26.60 -16.99
CA CYS A 390 34.01 25.29 -17.53
C CYS A 390 34.90 24.80 -18.67
N ARG A 391 34.92 25.50 -19.81
CA ARG A 391 35.64 25.01 -20.98
C ARG A 391 36.73 25.98 -21.44
N ASN A 392 37.40 26.62 -20.50
CA ASN A 392 38.48 27.54 -20.85
C ASN A 392 39.67 26.75 -21.39
N PRO A 393 40.07 26.96 -22.64
CA PRO A 393 41.11 26.10 -23.22
C PRO A 393 42.50 26.32 -22.64
N GLU A 394 42.86 27.54 -22.25
CA GLU A 394 44.17 27.75 -21.65
C GLU A 394 44.24 27.11 -20.27
N TRP A 395 43.16 27.19 -19.50
CA TRP A 395 43.11 26.51 -18.21
C TRP A 395 43.23 25.00 -18.40
N LEU A 396 42.47 24.45 -19.34
CA LEU A 396 42.55 23.01 -19.61
C LEU A 396 43.92 22.62 -20.11
N PHE A 397 44.54 23.48 -20.94
CA PHE A 397 45.87 23.19 -21.46
C PHE A 397 46.91 23.11 -20.35
N ARG A 398 46.82 24.00 -19.37
CA ARG A 398 47.81 24.04 -18.31
C ARG A 398 47.54 23.01 -17.22
N ILE A 399 46.27 22.75 -16.92
CA ILE A 399 45.97 21.80 -15.85
C ILE A 399 46.20 20.36 -16.28
N TYR A 400 46.31 20.10 -17.58
CA TYR A 400 46.61 18.76 -18.07
C TYR A 400 48.07 18.59 -18.45
N GLN A 401 48.93 19.51 -18.00
CA GLN A 401 50.37 19.31 -18.14
C GLN A 401 50.83 18.20 -17.21
N ASP A 402 52.00 17.64 -17.54
CA ASP A 402 52.73 16.81 -16.61
C ASP A 402 53.80 17.65 -15.93
N THR A 403 54.13 17.29 -14.69
CA THR A 403 54.96 18.15 -13.86
C THR A 403 56.13 17.36 -13.29
N LYS A 404 57.33 17.90 -13.45
CA LYS A 404 58.52 17.46 -12.74
C LYS A 404 58.68 18.36 -11.52
N VAL A 405 58.44 17.81 -10.34
CA VAL A 405 58.45 18.62 -9.13
C VAL A 405 59.89 18.97 -8.76
N ASP A 406 60.15 20.26 -8.55
CA ASP A 406 61.42 20.69 -7.97
C ASP A 406 61.41 20.33 -6.49
N ILE A 407 62.12 19.26 -6.14
CA ILE A 407 62.05 18.73 -4.78
C ILE A 407 62.56 19.72 -3.75
N PRO A 408 63.73 20.36 -3.91
CA PRO A 408 64.12 21.36 -2.91
C PRO A 408 63.11 22.49 -2.76
N SER A 409 62.57 22.98 -3.87
CA SER A 409 61.52 23.99 -3.82
C SER A 409 60.34 23.51 -2.99
N LEU A 410 59.91 22.26 -3.21
CA LEU A 410 58.75 21.74 -2.50
C LEU A 410 59.03 21.59 -1.01
N ILE A 411 60.22 21.11 -0.65
CA ILE A 411 60.53 20.88 0.76
C ILE A 411 60.53 22.20 1.52
N GLN A 412 61.11 23.26 0.93
CA GLN A 412 61.05 24.58 1.55
C GLN A 412 59.62 25.03 1.76
N THR A 413 58.76 24.82 0.76
CA THR A 413 57.36 25.21 0.87
C THR A 413 56.67 24.51 2.03
N ILE A 414 56.92 23.21 2.19
CA ILE A 414 56.33 22.47 3.29
C ILE A 414 56.96 22.89 4.61
N ARG A 415 58.27 23.16 4.61
CA ARG A 415 58.98 23.48 5.85
C ARG A 415 58.53 24.82 6.44
N ARG A 416 57.86 25.67 5.66
CA ARG A 416 57.30 26.89 6.22
C ARG A 416 56.09 26.64 7.11
N VAL A 417 55.65 25.38 7.22
CA VAL A 417 54.46 25.04 7.97
C VAL A 417 54.76 23.87 8.90
N VAL A 418 55.35 22.81 8.34
CA VAL A 418 55.73 21.64 9.12
C VAL A 418 57.16 21.83 9.59
N LYS A 419 57.33 22.10 10.89
CA LYS A 419 58.65 22.34 11.45
C LYS A 419 59.33 21.05 11.90
N GLY A 420 58.57 20.08 12.38
CA GLY A 420 59.13 18.80 12.75
C GLY A 420 58.56 17.67 11.92
N ARG A 421 58.01 16.66 12.55
CA ARG A 421 57.31 15.61 11.81
C ARG A 421 55.86 16.03 11.57
N PRO A 422 55.28 15.61 10.45
CA PRO A 422 53.87 15.92 10.18
C PRO A 422 52.94 15.01 10.98
N GLY A 423 51.68 15.42 11.03
CA GLY A 423 50.65 14.62 11.68
C GLY A 423 50.27 15.15 13.05
N PRO A 424 49.29 14.49 13.68
CA PRO A 424 48.78 14.84 15.01
C PRO A 424 49.86 14.81 16.09
N ALA A 430 41.11 21.28 20.40
CA ALA A 430 39.69 20.97 20.55
C ALA A 430 38.99 22.00 21.44
N ALA A 431 38.24 22.91 20.81
CA ALA A 431 37.52 23.96 21.53
C ALA A 431 36.54 24.67 20.61
N GLY A 432 36.56 26.00 20.62
CA GLY A 432 35.83 26.79 19.65
C GLY A 432 34.57 27.48 20.14
N LEU A 433 34.44 27.70 21.44
CA LEU A 433 33.22 28.27 21.99
C LEU A 433 33.28 29.79 22.02
N TYR A 434 32.10 30.42 22.02
CA TYR A 434 31.99 31.86 22.00
C TYR A 434 31.48 32.38 23.35
N PRO A 435 31.88 33.59 23.74
CA PRO A 435 31.42 34.12 25.03
C PRO A 435 29.97 34.54 24.96
N GLY A 436 29.35 34.61 26.14
CA GLY A 436 28.02 35.19 26.26
C GLY A 436 28.10 36.69 26.43
N LYS A 437 26.92 37.29 26.61
CA LYS A 437 26.86 38.71 26.93
C LYS A 437 27.48 38.97 28.30
N VAL A 438 28.11 40.13 28.45
CA VAL A 438 28.52 40.57 29.77
C VAL A 438 27.28 40.98 30.55
N ARG A 439 27.25 40.65 31.83
CA ARG A 439 26.05 40.79 32.64
C ARG A 439 26.14 42.01 33.56
N GLU A 440 25.00 42.65 33.76
CA GLU A 440 24.87 43.79 34.69
C GLU A 440 25.88 44.88 34.35
N ALA A 441 25.90 45.29 33.08
CA ALA A 441 26.79 46.36 32.64
C ALA A 441 26.33 47.68 33.23
N ARG A 442 27.24 48.35 33.94
CA ARG A 442 26.93 49.60 34.62
C ARG A 442 27.96 50.65 34.27
N CYS A 443 27.53 51.91 34.26
CA CYS A 443 28.42 53.03 34.03
C CYS A 443 28.10 54.13 35.02
N GLN A 444 29.13 54.86 35.45
CA GLN A 444 28.98 55.90 36.47
C GLN A 444 29.80 57.11 36.06
N ALA A 445 29.12 58.20 35.74
CA ALA A 445 29.80 59.47 35.52
C ALA A 445 30.29 60.04 36.84
N SER A 446 31.25 60.96 36.75
CA SER A 446 31.96 61.49 37.89
C SER A 446 32.01 63.01 37.80
N VAL A 447 31.64 63.68 38.87
CA VAL A 447 31.87 65.12 38.97
C VAL A 447 33.24 65.35 39.59
N HIS A 448 34.08 66.12 38.90
CA HIS A 448 35.47 66.26 39.29
C HIS A 448 35.90 67.72 39.10
N GLY A 449 36.53 68.28 40.13
CA GLY A 449 37.15 69.60 40.01
C GLY A 449 36.19 70.65 39.51
N ALA A 450 36.63 71.42 38.51
CA ALA A 450 35.82 72.46 37.92
C ALA A 450 34.87 71.84 36.89
N SER A 451 33.86 71.16 37.43
CA SER A 451 32.87 70.42 36.65
C SER A 451 33.48 69.57 35.53
N GLU A 452 34.62 68.95 35.79
CA GLU A 452 35.11 67.90 34.90
C GLU A 452 34.22 66.68 35.00
N ALA A 453 34.11 65.93 33.89
CA ALA A 453 33.35 64.70 33.86
C ALA A 453 34.32 63.54 33.64
N ARG A 454 33.80 62.32 33.76
CA ARG A 454 34.53 61.10 33.42
C ARG A 454 33.51 59.98 33.29
N LEU A 455 33.98 58.79 32.92
CA LEU A 455 33.09 57.66 32.75
C LEU A 455 33.77 56.40 33.24
N THR A 456 33.10 55.68 34.14
CA THR A 456 33.57 54.44 34.72
C THR A 456 32.56 53.34 34.42
N VAL A 457 32.99 52.31 33.69
CA VAL A 457 32.12 51.24 33.25
C VAL A 457 32.53 49.95 33.96
N SER A 458 31.53 49.15 34.34
CA SER A 458 31.76 47.89 35.03
C SER A 458 30.79 46.85 34.51
N TRP A 459 31.17 45.58 34.64
CA TRP A 459 30.34 44.47 34.18
C TRP A 459 30.82 43.18 34.82
N GLN A 460 29.93 42.19 34.82
CA GLN A 460 30.24 40.85 35.29
C GLN A 460 30.63 39.97 34.11
N ILE A 461 31.28 38.85 34.43
CA ILE A 461 31.73 37.90 33.40
C ILE A 461 30.51 37.28 32.74
N PRO A 462 30.62 36.86 31.48
CA PRO A 462 29.50 36.13 30.85
C PRO A 462 29.18 34.87 31.64
N TRP A 463 27.90 34.48 31.60
CA TRP A 463 27.41 33.38 32.43
C TRP A 463 28.13 32.08 32.09
N ASN A 464 28.44 31.85 30.81
CA ASN A 464 29.09 30.61 30.43
C ASN A 464 30.57 30.58 30.77
N LEU A 465 31.18 31.74 31.03
CA LEU A 465 32.59 31.77 31.42
C LEU A 465 32.84 31.05 32.74
N LYS A 466 31.82 30.88 33.57
CA LYS A 466 31.98 30.20 34.86
C LYS A 466 32.37 28.74 34.71
N TYR A 467 32.23 28.15 33.53
CA TYR A 467 32.52 26.73 33.32
C TYR A 467 33.58 26.51 32.24
N LEU A 468 34.32 27.55 31.87
CA LEU A 468 35.13 27.50 30.66
C LEU A 468 36.63 27.50 30.95
N LYS A 469 37.38 26.96 30.00
CA LYS A 469 38.84 26.90 30.04
C LYS A 469 39.36 27.77 28.91
N VAL A 470 39.44 29.07 29.16
CA VAL A 470 39.82 30.06 28.15
C VAL A 470 41.21 30.57 28.47
N ALA A 471 42.10 30.51 27.48
CA ALA A 471 43.46 31.01 27.65
C ALA A 471 43.45 32.52 27.82
N GLU A 472 42.87 33.25 26.88
CA GLU A 472 42.85 34.70 26.88
C GLU A 472 41.41 35.19 26.88
N VAL A 473 41.05 36.00 27.87
CA VAL A 473 39.73 36.63 27.95
C VAL A 473 39.94 38.14 28.03
N LYS A 474 39.44 38.85 27.02
CA LYS A 474 39.46 40.30 27.00
C LYS A 474 38.05 40.83 26.79
N TYR A 475 37.90 42.15 26.89
CA TYR A 475 36.62 42.80 26.71
C TYR A 475 36.78 44.02 25.82
N GLU A 476 35.82 44.23 24.92
CA GLU A 476 35.85 45.32 23.97
C GLU A 476 34.74 46.31 24.30
N VAL A 477 35.11 47.58 24.48
CA VAL A 477 34.18 48.63 24.84
C VAL A 477 34.18 49.70 23.75
N TRP A 478 32.98 50.05 23.27
CA TRP A 478 32.79 51.12 22.32
C TRP A 478 32.15 52.31 23.03
N LEU A 479 32.53 53.52 22.62
CA LEU A 479 31.87 54.74 23.06
C LEU A 479 31.21 55.41 21.85
N GLN A 480 30.44 56.45 22.14
CA GLN A 480 29.82 57.26 21.09
C GLN A 480 29.36 58.58 21.69
N GLU A 481 28.82 59.44 20.82
CA GLU A 481 28.46 60.82 21.17
C GLU A 481 27.06 61.12 20.62
N ALA A 482 26.04 60.63 21.32
CA ALA A 482 24.64 60.93 21.00
C ALA A 482 24.35 60.73 19.51
N GLY A 483 24.74 61.69 18.70
CA GLY A 483 24.53 61.59 17.27
C GLY A 483 25.76 61.88 16.43
N GLU A 484 26.88 61.24 16.76
CA GLU A 484 28.11 61.35 15.97
C GLU A 484 28.75 59.97 15.82
N ALA A 485 29.80 59.92 15.01
CA ALA A 485 30.42 58.66 14.61
C ALA A 485 30.88 57.85 15.82
N ALA A 486 30.91 56.52 15.66
CA ALA A 486 31.27 55.63 16.75
C ALA A 486 32.67 55.93 17.25
N TYR A 487 32.77 56.18 18.56
CA TYR A 487 34.00 56.63 19.18
C TYR A 487 35.07 55.53 19.15
N VAL A 488 36.16 55.82 19.84
CA VAL A 488 37.20 54.92 20.30
C VAL A 488 36.69 53.51 20.61
N PRO A 489 37.35 52.47 20.12
CA PRO A 489 37.17 51.14 20.73
C PRO A 489 38.32 50.80 21.65
N TYR A 490 38.04 50.13 22.76
CA TYR A 490 39.08 49.69 23.69
C TYR A 490 38.99 48.19 23.91
N ILE A 491 40.14 47.58 24.14
CA ILE A 491 40.26 46.17 24.48
C ILE A 491 41.02 46.10 25.80
N LEU A 492 40.35 45.60 26.86
CA LEU A 492 40.98 45.54 28.17
C LEU A 492 40.89 44.14 28.76
N ALA A 493 41.70 43.93 29.80
CA ALA A 493 41.90 42.64 30.45
C ALA A 493 40.88 42.36 31.56
N LEU A 494 40.53 43.36 32.37
CA LEU A 494 39.67 43.13 33.52
C LEU A 494 38.39 43.95 33.43
N GLN A 495 37.42 43.56 34.25
CA GLN A 495 36.03 43.99 34.14
C GLN A 495 35.78 45.40 34.68
N ASN A 496 36.81 46.21 34.86
CA ASN A 496 36.66 47.59 35.33
C ASN A 496 37.43 48.53 34.41
N HIS A 497 37.00 49.80 34.40
CA HIS A 497 37.75 50.87 33.74
C HIS A 497 37.09 52.24 33.97
N THR A 498 37.89 53.30 33.93
CA THR A 498 37.41 54.67 33.98
C THR A 498 38.06 55.45 32.84
N PHE A 499 37.26 56.20 32.09
CA PHE A 499 37.72 56.89 30.90
C PHE A 499 38.04 58.36 31.20
N THR A 500 38.73 58.99 30.25
CA THR A 500 39.19 60.37 30.42
C THR A 500 39.01 61.27 29.21
N GLU A 501 39.08 60.75 27.98
CA GLU A 501 39.17 61.59 26.79
C GLU A 501 37.79 62.03 26.30
N ASN A 502 37.73 63.26 25.79
CA ASN A 502 36.51 63.83 25.21
C ASN A 502 35.33 63.75 26.18
N ILE A 503 35.59 64.10 27.43
CA ILE A 503 34.58 64.21 28.47
C ILE A 503 34.11 65.65 28.54
N LYS A 504 32.95 65.87 29.23
CA LYS A 504 32.48 67.10 29.90
C LYS A 504 31.01 67.40 29.55
N PRO A 505 30.33 68.32 30.30
CA PRO A 505 28.95 68.05 30.79
C PRO A 505 27.84 67.66 29.83
N PHE A 506 26.66 67.49 30.45
CA PHE A 506 25.54 66.67 30.00
C PHE A 506 25.57 66.26 28.54
N THR A 507 26.07 65.04 28.32
CA THR A 507 26.15 64.43 26.99
C THR A 507 25.74 62.97 27.14
N THR A 508 24.88 62.51 26.24
CA THR A 508 24.46 61.11 26.25
C THR A 508 25.55 60.28 25.58
N TYR A 509 26.21 59.43 26.37
CA TYR A 509 27.32 58.61 25.90
C TYR A 509 26.85 57.16 25.81
N LEU A 510 26.79 56.64 24.59
CA LEU A 510 26.38 55.26 24.35
C LEU A 510 27.59 54.35 24.45
N VAL A 511 27.48 53.32 25.29
CA VAL A 511 28.59 52.42 25.58
C VAL A 511 28.17 50.99 25.25
N TRP A 512 28.97 50.32 24.43
CA TRP A 512 28.76 48.91 24.08
C TRP A 512 29.94 48.11 24.61
N VAL A 513 29.65 46.97 25.24
CA VAL A 513 30.67 46.09 25.78
C VAL A 513 30.44 44.68 25.28
N ARG A 514 31.53 44.00 24.92
CA ARG A 514 31.45 42.59 24.52
C ARG A 514 32.74 41.90 24.94
N CYS A 515 32.62 40.62 25.26
CA CYS A 515 33.75 39.80 25.66
C CYS A 515 34.30 39.05 24.46
N ILE A 516 35.61 38.81 24.46
CA ILE A 516 36.30 38.17 23.34
C ILE A 516 37.21 37.08 23.89
N PHE A 517 37.06 35.87 23.34
CA PHE A 517 37.91 34.74 23.69
C PHE A 517 38.94 34.54 22.60
N ASN A 518 40.22 34.50 23.00
CA ASN A 518 41.31 34.12 22.10
C ASN A 518 41.27 34.87 20.77
N LYS A 519 41.70 36.13 20.76
CA LYS A 519 41.84 36.91 19.54
C LYS A 519 40.51 37.16 18.83
N ILE A 520 39.93 36.10 18.26
CA ILE A 520 38.98 36.23 17.18
C ILE A 520 37.55 35.87 17.58
N LEU A 521 37.34 35.13 18.66
CA LEU A 521 35.99 34.72 19.03
C LEU A 521 35.27 35.91 19.65
N LEU A 522 34.58 36.67 18.81
CA LEU A 522 33.87 37.87 19.26
C LEU A 522 32.50 37.49 19.79
N GLY A 523 32.23 37.83 21.05
CA GLY A 523 30.94 37.56 21.64
C GLY A 523 29.93 38.64 21.31
N PRO A 524 28.69 38.41 21.72
CA PRO A 524 27.64 39.39 21.44
C PRO A 524 27.74 40.61 22.33
N PHE A 525 27.23 41.73 21.82
CA PHE A 525 27.16 42.96 22.59
C PHE A 525 25.97 42.90 23.56
N ALA A 526 26.20 43.36 24.78
CA ALA A 526 25.09 43.55 25.71
C ALA A 526 24.27 44.76 25.27
N ASP A 527 23.15 44.98 25.97
CA ASP A 527 22.33 46.14 25.69
C ASP A 527 23.14 47.42 25.89
N VAL A 528 22.87 48.43 25.06
CA VAL A 528 23.65 49.66 25.11
C VAL A 528 23.39 50.40 26.41
N LEU A 529 24.41 51.11 26.89
CA LEU A 529 24.35 51.89 28.12
C LEU A 529 24.38 53.36 27.77
N VAL A 530 23.35 54.10 28.16
CA VAL A 530 23.33 55.54 28.00
C VAL A 530 23.83 56.17 29.29
N CYS A 531 24.96 56.87 29.21
CA CYS A 531 25.63 57.41 30.38
C CYS A 531 25.69 58.93 30.25
N ASN A 532 24.87 59.63 31.02
CA ASN A 532 24.83 61.08 31.00
C ASN A 532 25.90 61.67 31.92
N THR A 533 26.55 62.72 31.46
CA THR A 533 27.62 63.36 32.21
C THR A 533 27.09 64.51 33.04
N ASP B 1 15.83 4.68 31.64
CA ASP B 1 15.68 5.51 30.46
C ASP B 1 16.21 6.92 30.70
N TYR B 2 15.94 7.46 31.89
CA TYR B 2 16.59 8.71 32.27
C TYR B 2 18.11 8.60 32.30
N PRO B 3 18.72 7.53 32.84
CA PRO B 3 20.19 7.42 32.73
C PRO B 3 20.67 7.41 31.30
N ALA B 4 19.92 6.78 30.38
CA ALA B 4 20.31 6.79 28.98
C ALA B 4 20.23 8.19 28.39
N ALA B 5 19.16 8.93 28.69
CA ALA B 5 19.01 10.28 28.17
C ALA B 5 20.10 11.20 28.70
N LEU B 6 20.40 11.11 30.00
CA LEU B 6 21.50 11.89 30.56
C LEU B 6 22.84 11.47 29.97
N GLN B 7 22.98 10.19 29.62
CA GLN B 7 24.21 9.73 28.98
C GLN B 7 24.33 10.27 27.57
N ILE B 8 23.23 10.25 26.80
CA ILE B 8 23.27 10.76 25.44
C ILE B 8 23.62 12.25 25.43
N LEU B 9 23.03 13.01 26.36
CA LEU B 9 23.26 14.45 26.39
C LEU B 9 24.70 14.78 26.77
N MET B 10 25.24 14.09 27.78
CA MET B 10 26.58 14.41 28.26
C MET B 10 27.66 13.91 27.29
N GLU B 11 27.44 12.76 26.66
CA GLU B 11 28.41 12.26 25.69
C GLU B 11 28.20 12.90 24.32
N GLY B 12 26.96 12.94 23.85
CA GLY B 12 26.67 13.37 22.50
C GLY B 12 26.58 14.87 22.29
N GLY B 13 25.94 15.57 23.23
CA GLY B 13 25.80 17.02 23.11
C GLY B 13 24.61 17.43 22.26
N THR B 14 24.49 18.74 22.08
CA THR B 14 23.39 19.32 21.32
C THR B 14 23.62 19.16 19.82
N HIS B 15 22.52 19.00 19.08
CA HIS B 15 22.54 18.83 17.64
C HIS B 15 21.59 19.83 17.02
N MET B 16 22.07 20.58 16.02
CA MET B 16 21.29 21.66 15.43
C MET B 16 21.43 21.67 13.91
N VAL B 17 20.31 21.64 13.20
CA VAL B 17 20.24 21.80 11.76
C VAL B 17 19.11 22.78 11.44
N CYS B 18 19.44 23.87 10.74
CA CYS B 18 18.49 24.97 10.56
C CYS B 18 18.18 25.22 9.10
N THR B 19 16.95 25.70 8.88
CA THR B 19 16.50 26.15 7.57
C THR B 19 17.10 27.51 7.24
N GLY B 20 17.40 27.72 5.95
CA GLY B 20 17.67 29.07 5.46
C GLY B 20 19.06 29.61 5.72
N ARG B 21 19.51 30.52 4.84
CA ARG B 21 20.83 31.12 4.94
C ARG B 21 20.80 32.49 5.62
N THR B 22 19.63 33.00 5.99
CA THR B 22 19.50 34.25 6.73
C THR B 22 18.68 34.01 7.99
N HIS B 23 18.85 34.91 8.96
CA HIS B 23 18.19 34.77 10.25
C HIS B 23 16.71 35.15 10.23
N THR B 24 16.23 35.78 9.15
CA THR B 24 14.83 36.18 9.06
C THR B 24 13.96 35.13 8.39
N ASP B 25 14.52 33.98 8.00
CA ASP B 25 13.77 32.89 7.41
C ASP B 25 14.35 31.56 7.90
N ARG B 26 14.80 31.53 9.14
CA ARG B 26 15.49 30.37 9.70
C ARG B 26 14.61 29.68 10.74
N ILE B 27 14.40 28.39 10.54
CA ILE B 27 13.76 27.52 11.51
C ILE B 27 14.75 26.40 11.84
N CYS B 28 14.98 26.19 13.13
CA CYS B 28 16.05 25.31 13.60
C CYS B 28 15.48 24.05 14.23
N ARG B 29 16.01 22.91 13.84
CA ARG B 29 15.70 21.64 14.49
C ARG B 29 16.81 21.33 15.49
N PHE B 30 16.45 21.18 16.75
CA PHE B 30 17.40 20.93 17.83
C PHE B 30 17.20 19.53 18.42
N LYS B 31 18.31 18.90 18.78
CA LYS B 31 18.30 17.73 19.63
C LYS B 31 19.14 18.02 20.86
N TRP B 32 18.58 17.79 22.04
CA TRP B 32 19.28 18.02 23.31
C TRP B 32 19.67 19.48 23.46
N LEU B 33 18.76 20.36 23.06
CA LEU B 33 18.88 21.78 23.38
C LEU B 33 18.37 22.03 24.80
N CYS B 34 19.13 22.79 25.57
CA CYS B 34 18.92 22.97 27.00
C CYS B 34 18.58 24.44 27.30
N TYR B 35 17.97 24.63 28.47
CA TYR B 35 17.58 25.95 28.90
C TYR B 35 17.81 26.09 30.40
N SER B 36 18.53 27.14 30.79
CA SER B 36 18.78 27.43 32.19
C SER B 36 17.75 28.44 32.68
N ASN B 37 16.91 28.02 33.64
CA ASN B 37 15.94 28.94 34.22
C ASN B 37 16.62 30.02 35.05
N GLU B 38 17.79 29.71 35.63
CA GLU B 38 18.50 30.70 36.44
C GLU B 38 19.07 31.81 35.56
N ALA B 39 19.85 31.45 34.54
CA ALA B 39 20.44 32.43 33.65
C ALA B 39 19.49 32.92 32.56
N GLU B 40 18.35 32.26 32.39
CA GLU B 40 17.39 32.58 31.34
C GLU B 40 18.08 32.57 29.97
N GLU B 41 18.76 31.46 29.68
CA GLU B 41 19.53 31.31 28.45
C GLU B 41 19.35 29.91 27.92
N PHE B 42 19.23 29.79 26.60
CA PHE B 42 19.32 28.50 25.95
C PHE B 42 20.78 28.10 25.83
N ILE B 43 21.04 26.80 25.91
CA ILE B 43 22.40 26.28 25.99
C ILE B 43 22.62 25.25 24.90
N PHE B 44 23.67 25.45 24.10
CA PHE B 44 24.19 24.44 23.19
C PHE B 44 25.36 23.74 23.85
N PHE B 45 25.22 22.45 24.14
CA PHE B 45 26.28 21.66 24.75
C PHE B 45 27.04 20.93 23.64
N HIS B 46 28.34 21.17 23.57
CA HIS B 46 29.17 20.53 22.57
C HIS B 46 29.58 19.14 23.03
N GLY B 47 29.12 18.11 22.32
CA GLY B 47 29.52 16.74 22.58
C GLY B 47 30.22 16.14 21.38
N ASN B 48 30.39 14.81 21.38
CA ASN B 48 31.11 14.15 20.30
C ASN B 48 30.21 13.75 19.14
N THR B 49 28.94 14.18 19.13
CA THR B 49 28.08 14.07 17.96
C THR B 49 27.48 15.42 17.58
N SER B 50 27.95 16.50 18.21
CA SER B 50 27.31 17.80 18.04
C SER B 50 27.47 18.31 16.61
N VAL B 51 26.37 18.80 16.04
CA VAL B 51 26.34 19.47 14.75
C VAL B 51 25.72 20.84 14.95
N MET B 52 26.33 21.86 14.37
CA MET B 52 25.82 23.24 14.44
C MET B 52 25.71 23.75 13.00
N LEU B 53 24.52 23.59 12.42
CA LEU B 53 24.28 23.98 11.03
C LEU B 53 23.11 24.96 10.98
N PRO B 54 23.32 26.24 10.61
CA PRO B 54 24.61 26.77 10.17
C PRO B 54 25.60 27.01 11.31
N ASN B 55 26.88 26.98 10.99
CA ASN B 55 27.93 27.36 11.92
C ASN B 55 28.35 28.78 11.54
N LEU B 56 27.82 29.76 12.25
CA LEU B 56 27.95 31.15 11.88
C LEU B 56 29.15 31.85 12.51
N GLY B 57 29.85 31.19 13.43
CA GLY B 57 30.97 31.84 14.08
C GLY B 57 30.53 33.08 14.82
N SER B 58 31.28 34.17 14.65
CA SER B 58 30.91 35.44 15.27
C SER B 58 29.66 36.06 14.65
N ARG B 59 29.26 35.60 13.46
CA ARG B 59 28.06 36.13 12.82
C ARG B 59 26.78 35.64 13.48
N ARG B 60 26.87 34.70 14.42
CA ARG B 60 25.69 34.28 15.17
C ARG B 60 25.11 35.40 16.02
N PHE B 61 25.87 36.48 16.23
CA PHE B 61 25.41 37.64 16.99
C PHE B 61 25.25 38.87 16.10
N GLN B 62 25.02 38.68 14.80
CA GLN B 62 24.84 39.78 13.86
C GLN B 62 23.56 39.54 13.05
N PRO B 63 22.38 39.73 13.66
CA PRO B 63 22.17 40.12 15.06
C PRO B 63 21.95 38.94 15.99
N ALA B 64 21.44 37.83 15.47
CA ALA B 64 21.10 36.66 16.26
C ALA B 64 20.98 35.46 15.34
N LEU B 65 20.50 34.34 15.88
CA LEU B 65 20.36 33.12 15.09
C LEU B 65 19.09 33.12 14.26
N LEU B 66 17.96 33.53 14.85
CA LEU B 66 16.69 33.50 14.15
C LEU B 66 15.70 34.42 14.85
N ASP B 67 14.53 34.56 14.22
CA ASP B 67 13.41 35.32 14.77
C ASP B 67 12.45 34.36 15.47
N LEU B 68 12.09 34.69 16.71
CA LEU B 68 11.14 33.86 17.45
C LEU B 68 9.69 34.24 17.17
N SER B 69 9.43 35.46 16.73
CA SER B 69 8.11 35.87 16.31
C SER B 69 8.16 36.31 14.84
N THR B 70 6.98 36.39 14.21
CA THR B 70 6.88 36.66 12.79
C THR B 70 6.90 38.14 12.45
N VAL B 71 6.90 39.03 13.44
CA VAL B 71 7.07 40.45 13.20
C VAL B 71 8.55 40.68 12.89
N GLU B 72 8.85 41.02 11.63
CA GLU B 72 10.18 40.85 11.08
C GLU B 72 11.26 41.53 11.91
N ASP B 73 12.49 41.01 11.77
CA ASP B 73 13.54 41.01 12.78
C ASP B 73 13.35 42.06 13.88
N HIS B 74 12.38 41.78 14.75
CA HIS B 74 12.09 42.65 15.88
C HIS B 74 13.21 42.57 16.90
N ALA B 75 13.64 43.74 17.41
CA ALA B 75 14.78 43.80 18.32
C ALA B 75 14.52 43.09 19.64
N THR B 76 13.28 42.71 19.94
CA THR B 76 12.94 42.10 21.21
C THR B 76 12.61 40.61 21.12
N GLN B 77 12.56 40.04 19.91
CA GLN B 77 12.12 38.66 19.72
C GLN B 77 13.19 37.80 19.08
N TYR B 78 14.47 38.10 19.35
CA TYR B 78 15.55 37.31 18.79
C TYR B 78 15.79 36.04 19.62
N PHE B 79 16.16 34.97 18.94
CA PHE B 79 16.58 33.73 19.59
C PHE B 79 18.08 33.58 19.48
N ASN B 80 18.69 33.05 20.53
CA ASN B 80 20.09 32.69 20.52
C ASN B 80 20.35 31.73 21.67
N PHE B 81 21.54 31.14 21.68
CA PHE B 81 21.97 30.29 22.78
C PHE B 81 23.38 30.67 23.19
N VAL B 82 23.79 30.15 24.34
CA VAL B 82 25.17 30.24 24.79
C VAL B 82 25.77 28.84 24.76
N GLU B 83 27.07 28.77 24.51
CA GLU B 83 27.75 27.50 24.30
C GLU B 83 28.47 27.06 25.57
N LEU B 84 28.51 25.74 25.76
CA LEU B 84 29.18 25.12 26.88
C LEU B 84 29.67 23.75 26.45
N PRO B 85 30.79 23.28 26.99
CA PRO B 85 31.15 21.87 26.78
C PRO B 85 30.17 20.98 27.52
N ALA B 86 29.79 19.87 26.90
CA ALA B 86 28.86 18.94 27.53
C ALA B 86 29.39 18.41 28.85
N ALA B 87 30.71 18.46 29.06
CA ALA B 87 31.29 18.04 30.33
C ALA B 87 30.98 19.03 31.45
N ALA B 88 30.61 20.26 31.12
CA ALA B 88 30.28 21.24 32.16
C ALA B 88 29.03 20.85 32.93
N LEU B 89 28.24 19.91 32.41
CA LEU B 89 27.06 19.45 33.12
C LEU B 89 27.40 18.79 34.46
N ARG B 90 28.66 18.40 34.65
CA ARG B 90 29.06 17.79 35.93
C ARG B 90 29.03 18.79 37.08
N PHE B 91 29.04 20.09 36.79
CA PHE B 91 28.92 21.14 37.80
C PHE B 91 27.57 21.84 37.73
N MET B 92 26.59 21.25 37.06
CA MET B 92 25.28 21.82 36.81
C MET B 92 24.22 20.93 37.42
N PRO B 93 23.01 21.44 37.63
CA PRO B 93 21.97 20.61 38.25
C PRO B 93 21.56 19.48 37.31
N LYS B 94 21.12 18.38 37.91
CA LYS B 94 20.60 17.25 37.16
C LYS B 94 19.47 17.73 36.26
N PRO B 95 19.62 17.67 34.93
CA PRO B 95 18.62 18.28 34.06
C PRO B 95 17.29 17.54 34.09
N VAL B 96 16.22 18.30 33.88
CA VAL B 96 14.89 17.76 33.69
C VAL B 96 14.60 17.73 32.20
N PHE B 97 14.18 16.59 31.69
CA PHE B 97 14.04 16.37 30.25
C PHE B 97 12.58 16.51 29.85
N VAL B 98 12.34 17.28 28.78
CA VAL B 98 11.03 17.36 28.15
C VAL B 98 10.97 16.28 27.07
N PRO B 99 10.18 15.22 27.24
CA PRO B 99 10.18 14.13 26.25
C PRO B 99 9.42 14.49 24.98
N ASP B 100 8.38 15.31 25.11
CA ASP B 100 7.59 15.68 23.93
C ASP B 100 8.42 16.49 22.96
N VAL B 101 8.20 16.27 21.66
CA VAL B 101 8.76 17.16 20.67
C VAL B 101 8.12 18.53 20.85
N ALA B 102 8.93 19.57 20.79
CA ALA B 102 8.49 20.92 21.14
C ALA B 102 8.68 21.86 19.96
N LEU B 103 7.78 22.83 19.85
CA LEU B 103 7.96 23.98 18.97
C LEU B 103 8.04 25.22 19.85
N ILE B 104 9.16 25.92 19.79
CA ILE B 104 9.42 27.10 20.62
C ILE B 104 9.26 28.34 19.76
N ALA B 105 8.45 29.27 20.22
CA ALA B 105 8.16 30.48 19.47
C ALA B 105 7.68 31.57 20.43
N ASN B 106 7.54 32.78 19.89
CA ASN B 106 7.10 33.93 20.66
C ASN B 106 5.83 34.48 20.05
N ARG B 107 4.81 34.67 20.89
CA ARG B 107 3.61 35.38 20.48
C ARG B 107 3.85 36.88 20.58
N PHE B 108 3.36 37.62 19.57
CA PHE B 108 3.63 39.05 19.56
C PHE B 108 2.69 39.81 20.47
N ASN B 109 1.39 39.53 20.41
CA ASN B 109 0.40 40.22 21.24
C ASN B 109 -0.76 39.27 21.48
N PRO B 110 -0.70 38.47 22.55
CA PRO B 110 -1.78 37.50 22.80
C PRO B 110 -3.12 38.13 23.13
N ASP B 111 -3.20 39.46 23.27
CA ASP B 111 -4.45 40.12 23.62
C ASP B 111 -5.20 40.68 22.42
N ASN B 112 -4.56 40.79 21.26
CA ASN B 112 -5.18 41.34 20.07
C ASN B 112 -5.51 40.22 19.10
N LEU B 113 -6.76 40.17 18.65
CA LEU B 113 -7.21 39.07 17.82
C LEU B 113 -6.53 39.09 16.45
N MET B 114 -6.28 40.27 15.90
CA MET B 114 -5.58 40.35 14.62
C MET B 114 -4.16 39.81 14.74
N HIS B 115 -3.43 40.24 15.78
CA HIS B 115 -2.08 39.73 15.99
C HIS B 115 -2.09 38.23 16.26
N VAL B 116 -3.10 37.75 16.98
CA VAL B 116 -3.16 36.32 17.33
C VAL B 116 -3.27 35.48 16.07
N PHE B 117 -4.17 35.87 15.15
CA PHE B 117 -4.37 35.08 13.94
C PHE B 117 -3.25 35.30 12.92
N HIS B 118 -2.82 36.56 12.75
CA HIS B 118 -1.86 36.88 11.69
C HIS B 118 -0.42 36.53 12.09
N ASP B 119 -0.05 36.80 13.34
CA ASP B 119 1.33 36.59 13.76
C ASP B 119 1.59 35.22 14.35
N ASP B 120 0.56 34.57 14.90
CA ASP B 120 0.76 33.35 15.68
C ASP B 120 0.04 32.15 15.07
N LEU B 121 -1.28 32.11 15.10
CA LEU B 121 -2.01 30.89 14.75
C LEU B 121 -1.70 30.43 13.34
N LEU B 122 -1.78 31.34 12.37
CA LEU B 122 -1.50 30.95 10.98
C LEU B 122 -0.05 30.53 10.79
N PRO B 123 0.95 31.29 11.26
CA PRO B 123 2.34 30.78 11.17
C PRO B 123 2.55 29.47 11.93
N LEU B 124 1.93 29.31 13.10
CA LEU B 124 2.09 28.08 13.86
C LEU B 124 1.47 26.89 13.13
N PHE B 125 0.28 27.09 12.55
CA PHE B 125 -0.42 26.01 11.86
C PHE B 125 0.45 25.41 10.76
N TYR B 126 1.15 26.25 10.00
CA TYR B 126 1.92 25.79 8.85
C TYR B 126 3.39 25.56 9.14
N THR B 127 3.93 26.15 10.21
CA THR B 127 5.26 25.74 10.66
C THR B 127 5.24 24.32 11.21
N LEU B 128 4.19 23.99 11.97
CA LEU B 128 3.96 22.61 12.39
C LEU B 128 4.03 21.66 11.20
N ARG B 129 3.25 21.94 10.17
CA ARG B 129 3.12 21.05 9.03
C ARG B 129 4.32 21.09 8.09
N GLN B 130 5.32 21.92 8.37
CA GLN B 130 6.54 21.90 7.58
C GLN B 130 7.36 20.65 7.88
N PHE B 131 7.26 20.11 9.09
CA PHE B 131 8.07 18.99 9.51
C PHE B 131 7.20 17.81 9.90
N PRO B 132 7.56 16.60 9.49
CA PRO B 132 6.70 15.43 9.78
C PRO B 132 6.61 15.15 11.27
N GLY B 133 5.42 14.80 11.71
CA GLY B 133 5.18 14.40 13.09
C GLY B 133 5.02 15.52 14.07
N LEU B 134 4.80 16.76 13.62
CA LEU B 134 4.68 17.90 14.51
C LEU B 134 3.22 18.34 14.72
N ALA B 135 2.40 18.27 13.67
CA ALA B 135 1.05 18.82 13.74
C ALA B 135 0.18 18.10 14.77
N HIS B 136 0.52 16.87 15.15
CA HIS B 136 -0.29 16.09 16.07
C HIS B 136 0.49 15.63 17.30
N GLU B 137 1.73 16.06 17.47
CA GLU B 137 2.54 15.58 18.58
C GLU B 137 3.17 16.72 19.37
N ALA B 138 3.45 17.84 18.71
CA ALA B 138 4.24 18.89 19.30
C ALA B 138 3.52 19.55 20.48
N ARG B 139 4.32 20.00 21.45
CA ARG B 139 3.85 20.84 22.53
C ARG B 139 4.43 22.23 22.34
N LEU B 140 3.56 23.24 22.31
CA LEU B 140 3.99 24.61 22.06
C LEU B 140 4.63 25.21 23.30
N PHE B 141 5.73 25.92 23.10
CA PHE B 141 6.43 26.62 24.17
C PHE B 141 6.53 28.09 23.80
N PHE B 142 5.75 28.93 24.49
CA PHE B 142 5.75 30.36 24.26
C PHE B 142 6.72 31.02 25.22
N MET B 143 7.72 31.72 24.68
CA MET B 143 8.82 32.26 25.48
C MET B 143 8.85 33.79 25.49
N GLU B 144 7.84 34.45 24.90
CA GLU B 144 7.86 35.90 24.85
C GLU B 144 7.68 36.55 26.21
N GLY B 145 7.09 35.85 27.18
CA GLY B 145 6.93 36.36 28.51
C GLY B 145 5.57 36.89 28.87
N TRP B 146 4.59 36.76 27.98
CA TRP B 146 3.23 37.16 28.29
C TRP B 146 2.47 36.02 28.97
N GLY B 147 1.32 36.37 29.55
CA GLY B 147 0.45 35.38 30.14
C GLY B 147 -0.40 34.69 29.10
N GLU B 148 -1.43 33.98 29.58
CA GLU B 148 -2.35 33.30 28.68
C GLU B 148 -2.97 34.26 27.68
N GLY B 149 -3.30 35.48 28.13
CA GLY B 149 -3.90 36.45 27.26
C GLY B 149 -5.39 36.20 27.06
N ALA B 150 -6.00 37.11 26.32
CA ALA B 150 -7.45 37.13 26.15
C ALA B 150 -7.97 36.06 25.19
N HIS B 151 -7.08 35.29 24.53
CA HIS B 151 -7.53 34.34 23.52
C HIS B 151 -6.79 33.01 23.62
N PHE B 152 -6.39 32.62 24.83
CA PHE B 152 -5.58 31.42 25.00
C PHE B 152 -6.28 30.16 24.53
N ASP B 153 -7.61 30.15 24.48
CA ASP B 153 -8.33 28.98 23.97
C ASP B 153 -8.00 28.71 22.52
N LEU B 154 -7.71 29.76 21.75
CA LEU B 154 -7.43 29.58 20.33
C LEU B 154 -6.08 28.89 20.12
N TYR B 155 -5.08 29.24 20.93
CA TYR B 155 -3.80 28.56 20.84
C TYR B 155 -3.94 27.08 21.17
N LYS B 156 -4.82 26.76 22.12
CA LYS B 156 -5.06 25.37 22.51
C LYS B 156 -5.65 24.55 21.38
N LEU B 157 -6.33 25.20 20.41
CA LEU B 157 -6.86 24.47 19.27
C LEU B 157 -5.75 23.87 18.43
N LEU B 158 -4.68 24.61 18.23
CA LEU B 158 -3.45 24.01 17.72
C LEU B 158 -2.78 23.22 18.84
N SER B 159 -2.23 22.05 18.49
CA SER B 159 -1.63 21.07 19.38
C SER B 159 -2.68 20.32 20.19
N PRO B 160 -2.54 19.00 20.35
CA PRO B 160 -3.33 18.27 21.35
C PRO B 160 -2.75 18.35 22.75
N LYS B 161 -1.60 18.97 22.92
CA LYS B 161 -0.95 19.13 24.21
C LYS B 161 -1.16 20.54 24.74
N GLN B 162 -1.15 20.66 26.06
CA GLN B 162 -1.28 21.98 26.68
C GLN B 162 -0.04 22.81 26.42
N PRO B 163 -0.14 23.96 25.78
CA PRO B 163 1.03 24.83 25.60
C PRO B 163 1.56 25.30 26.95
N LEU B 164 2.85 25.61 26.97
CA LEU B 164 3.52 26.09 28.17
C LEU B 164 3.98 27.53 27.97
N LEU B 165 3.83 28.33 29.02
CA LEU B 165 4.33 29.69 29.04
C LEU B 165 5.68 29.72 29.75
N ARG B 166 6.43 30.81 29.51
CA ARG B 166 7.77 30.90 30.07
C ARG B 166 7.74 30.92 31.60
N ALA B 167 6.72 31.54 32.18
CA ALA B 167 6.62 31.60 33.64
C ALA B 167 6.47 30.21 34.24
N GLN B 168 5.82 29.29 33.54
CA GLN B 168 5.65 27.92 34.04
C GLN B 168 6.93 27.10 33.97
N LEU B 169 7.98 27.60 33.32
CA LEU B 169 9.18 26.80 33.11
C LEU B 169 9.97 26.63 34.40
N LYS B 170 10.16 27.72 35.15
CA LYS B 170 10.95 27.65 36.38
C LYS B 170 10.38 26.63 37.36
N THR B 171 9.09 26.35 37.27
CA THR B 171 8.47 25.33 38.12
C THR B 171 9.11 23.97 37.92
N LEU B 172 9.53 23.65 36.69
CA LEU B 172 9.96 22.30 36.36
C LEU B 172 11.39 22.00 36.78
N GLY B 173 12.25 23.00 36.89
CA GLY B 173 13.61 22.76 37.32
C GLY B 173 14.53 23.89 36.90
N ARG B 174 15.73 23.89 37.50
CA ARG B 174 16.72 24.91 37.17
C ARG B 174 17.27 24.74 35.77
N LEU B 175 17.28 23.51 35.24
CA LEU B 175 17.87 23.22 33.94
C LEU B 175 16.96 22.26 33.18
N LEU B 176 16.26 22.78 32.18
CA LEU B 176 15.50 21.96 31.26
C LEU B 176 16.33 21.63 30.03
N CYS B 177 16.09 20.45 29.46
CA CYS B 177 16.73 20.01 28.22
C CYS B 177 15.68 19.33 27.35
N PHE B 178 15.45 19.88 26.15
CA PHE B 178 14.51 19.31 25.19
C PHE B 178 15.22 18.22 24.39
N SER B 179 14.69 16.99 24.45
CA SER B 179 15.24 15.92 23.62
C SER B 179 15.04 16.19 22.14
N HIS B 180 14.04 16.98 21.77
CA HIS B 180 13.74 17.26 20.37
C HIS B 180 12.88 18.52 20.31
N ALA B 181 13.47 19.62 19.83
CA ALA B 181 12.78 20.91 19.83
C ALA B 181 13.01 21.63 18.51
N PHE B 182 11.95 22.22 17.99
CA PHE B 182 12.01 23.11 16.84
C PHE B 182 11.83 24.55 17.33
N VAL B 183 12.61 25.47 16.75
CA VAL B 183 12.63 26.86 17.19
C VAL B 183 12.39 27.76 15.99
N GLY B 184 11.39 28.63 16.11
CA GLY B 184 11.11 29.63 15.09
C GLY B 184 9.75 29.41 14.43
N LEU B 185 9.37 30.40 13.64
CA LEU B 185 8.10 30.37 12.92
C LEU B 185 8.30 30.88 11.51
N SER B 186 7.57 30.29 10.56
CA SER B 186 7.62 30.76 9.18
C SER B 186 6.86 32.07 9.05
N LYS B 187 7.40 32.97 8.23
CA LYS B 187 6.74 34.23 7.90
C LYS B 187 5.90 34.12 6.62
N ILE B 188 5.71 32.90 6.11
CA ILE B 188 5.18 32.71 4.77
C ILE B 188 3.69 33.05 4.67
N THR B 189 2.95 32.99 5.77
CA THR B 189 1.51 33.26 5.73
C THR B 189 1.16 34.72 5.99
N THR B 190 2.13 35.54 6.38
CA THR B 190 1.84 36.92 6.75
C THR B 190 1.63 37.78 5.51
N TRP B 191 0.80 38.83 5.67
CA TRP B 191 0.47 39.72 4.58
C TRP B 191 0.56 41.19 4.97
N TYR B 192 0.90 41.51 6.22
CA TYR B 192 0.86 42.88 6.70
C TYR B 192 2.06 43.14 7.62
N GLN B 193 2.60 44.34 7.54
CA GLN B 193 3.61 44.83 8.47
C GLN B 193 3.05 46.06 9.19
N TYR B 194 3.35 46.17 10.48
CA TYR B 194 2.63 47.09 11.34
C TYR B 194 3.22 48.49 11.38
N GLY B 195 4.42 48.71 10.85
CA GLY B 195 4.88 50.07 10.64
C GLY B 195 6.03 50.53 11.53
N PHE B 196 7.03 49.67 11.72
CA PHE B 196 8.14 50.03 12.60
C PHE B 196 9.19 50.89 11.88
N VAL B 197 9.33 50.73 10.57
CA VAL B 197 10.32 51.47 9.78
C VAL B 197 9.65 52.48 8.85
N GLN B 198 8.61 52.05 8.15
CA GLN B 198 7.78 52.90 7.31
C GLN B 198 6.33 52.68 7.72
N PRO B 199 5.43 53.60 7.33
CA PRO B 199 4.03 53.46 7.77
C PRO B 199 3.45 52.08 7.46
N GLN B 200 2.50 51.67 8.30
CA GLN B 200 1.93 50.34 8.19
C GLN B 200 1.25 50.16 6.83
N GLY B 201 1.23 48.91 6.38
CA GLY B 201 0.67 48.58 5.10
C GLY B 201 0.91 47.12 4.74
N PRO B 202 0.47 46.71 3.56
CA PRO B 202 0.66 45.33 3.14
C PRO B 202 2.13 45.03 2.87
N LYS B 203 2.49 43.76 3.02
CA LYS B 203 3.83 43.32 2.64
C LYS B 203 4.00 43.40 1.13
N ALA B 204 5.23 43.68 0.70
CA ALA B 204 5.49 43.87 -0.72
C ALA B 204 5.34 42.57 -1.50
N ASN B 205 5.72 41.44 -0.88
CA ASN B 205 5.65 40.13 -1.54
C ASN B 205 4.86 39.20 -0.63
N ILE B 206 3.55 39.13 -0.85
CA ILE B 206 2.68 38.24 -0.11
C ILE B 206 2.75 36.85 -0.75
N LEU B 207 3.10 35.84 0.05
CA LEU B 207 3.33 34.50 -0.45
C LEU B 207 2.20 33.54 -0.06
N VAL B 208 1.05 34.05 0.36
CA VAL B 208 -0.08 33.24 0.72
C VAL B 208 -1.29 33.71 -0.09
N SER B 209 -2.12 32.77 -0.52
CA SER B 209 -3.33 33.06 -1.26
C SER B 209 -4.55 32.71 -0.40
N GLY B 210 -5.73 33.01 -0.92
CA GLY B 210 -6.95 32.77 -0.18
C GLY B 210 -7.21 31.31 0.11
N ASN B 211 -6.69 30.42 -0.73
CA ASN B 211 -6.93 28.99 -0.54
C ASN B 211 -6.21 28.48 0.71
N GLU B 212 -4.96 28.92 0.92
CA GLU B 212 -4.23 28.48 2.11
C GLU B 212 -4.84 29.07 3.37
N ILE B 213 -5.35 30.30 3.29
CA ILE B 213 -6.06 30.90 4.41
C ILE B 213 -7.29 30.07 4.76
N ARG B 214 -8.03 29.64 3.74
CA ARG B 214 -9.29 28.95 3.99
C ARG B 214 -9.07 27.55 4.55
N GLN B 215 -8.04 26.85 4.09
CA GLN B 215 -7.73 25.54 4.65
C GLN B 215 -7.44 25.63 6.14
N PHE B 216 -6.74 26.69 6.56
CA PHE B 216 -6.56 26.94 7.97
C PHE B 216 -7.88 27.26 8.66
N ALA B 217 -8.75 28.02 7.98
CA ALA B 217 -10.03 28.40 8.56
C ALA B 217 -10.91 27.18 8.82
N ARG B 218 -10.92 26.23 7.88
CA ARG B 218 -11.73 25.04 8.05
C ARG B 218 -11.18 24.16 9.17
N PHE B 219 -9.86 24.11 9.34
CA PHE B 219 -9.27 23.39 10.46
C PHE B 219 -9.74 23.99 11.78
N MET B 220 -9.65 25.31 11.92
CA MET B 220 -10.09 25.97 13.14
C MET B 220 -11.59 25.77 13.35
N THR B 221 -12.37 25.80 12.27
CA THR B 221 -13.81 25.59 12.40
C THR B 221 -14.12 24.17 12.88
N GLU B 222 -13.34 23.19 12.42
CA GLU B 222 -13.55 21.82 12.87
C GLU B 222 -13.19 21.64 14.33
N LYS B 223 -12.07 22.22 14.77
CA LYS B 223 -11.66 22.11 16.17
C LYS B 223 -12.56 22.91 17.10
N LEU B 224 -13.36 23.83 16.57
CA LEU B 224 -14.36 24.54 17.35
C LEU B 224 -15.72 23.84 17.33
N ASN B 225 -15.82 22.70 16.65
CA ASN B 225 -17.07 21.93 16.53
C ASN B 225 -18.20 22.75 15.93
N ALA B 226 -17.87 23.79 15.16
CA ALA B 226 -18.84 24.74 14.62
C ALA B 226 -18.98 24.61 13.11
N SER B 227 -18.89 23.38 12.60
CA SER B 227 -18.97 23.16 11.16
C SER B 227 -20.40 22.89 10.71
N ALA B 234 -34.89 35.07 8.35
CA ALA B 234 -34.59 34.43 7.08
C ALA B 234 -33.40 33.49 7.20
N GLU B 235 -32.90 33.01 6.05
CA GLU B 235 -31.74 32.13 6.01
C GLU B 235 -30.46 32.90 5.71
N GLU B 236 -30.39 33.55 4.55
CA GLU B 236 -29.29 34.46 4.27
C GLU B 236 -29.35 35.65 5.22
N TYR B 237 -28.19 36.24 5.51
CA TYR B 237 -28.18 37.35 6.44
C TYR B 237 -26.95 38.23 6.24
N ILE B 238 -27.09 39.48 6.65
CA ILE B 238 -25.98 40.43 6.76
C ILE B 238 -25.55 40.45 8.22
N LEU B 239 -24.25 40.30 8.46
CA LEU B 239 -23.70 40.24 9.81
C LEU B 239 -22.98 41.55 10.12
N VAL B 240 -23.47 42.26 11.14
CA VAL B 240 -22.84 43.49 11.61
C VAL B 240 -22.05 43.16 12.87
N PHE B 241 -20.74 43.34 12.80
CA PHE B 241 -19.84 42.98 13.90
C PHE B 241 -19.74 44.16 14.85
N SER B 242 -20.55 44.14 15.91
CA SER B 242 -20.60 45.23 16.86
C SER B 242 -19.45 45.14 17.86
N ARG B 243 -19.08 46.30 18.41
CA ARG B 243 -18.21 46.40 19.55
C ARG B 243 -19.01 46.87 20.75
N THR B 244 -18.53 46.54 21.95
CA THR B 244 -19.24 46.86 23.18
C THR B 244 -18.51 47.83 24.08
N GLN B 245 -17.18 47.85 24.05
CA GLN B 245 -16.42 48.70 24.96
C GLN B 245 -16.09 50.06 24.35
N ASN B 246 -15.37 50.06 23.22
CA ASN B 246 -14.96 51.29 22.57
C ASN B 246 -15.13 51.16 21.06
N ARG B 247 -14.96 52.29 20.36
CA ARG B 247 -15.09 52.36 18.90
C ARG B 247 -16.45 51.83 18.45
N LEU B 248 -17.50 52.49 18.93
CA LEU B 248 -18.86 52.03 18.75
C LEU B 248 -19.52 52.64 17.53
N ILE B 249 -20.55 51.97 17.04
CA ILE B 249 -21.48 52.52 16.06
C ILE B 249 -22.67 53.04 16.85
N LEU B 250 -22.84 54.36 16.88
CA LEU B 250 -23.83 54.96 17.77
C LEU B 250 -25.25 54.67 17.28
N ASN B 251 -25.47 54.69 15.98
CA ASN B 251 -26.79 54.40 15.40
C ASN B 251 -26.84 52.99 14.84
N GLU B 252 -26.51 52.02 15.72
CA GLU B 252 -26.48 50.62 15.31
C GLU B 252 -27.87 50.12 14.95
N ALA B 253 -28.89 50.54 15.70
CA ALA B 253 -30.26 50.09 15.42
C ALA B 253 -30.74 50.62 14.07
N GLU B 254 -30.48 51.89 13.78
CA GLU B 254 -30.85 52.44 12.48
C GLU B 254 -30.10 51.75 11.35
N LEU B 255 -28.85 51.37 11.60
CA LEU B 255 -28.06 50.68 10.58
C LEU B 255 -28.63 49.30 10.27
N LEU B 256 -29.06 48.58 11.30
CA LEU B 256 -29.60 47.24 11.09
C LEU B 256 -30.83 47.27 10.21
N LEU B 257 -31.74 48.21 10.49
CA LEU B 257 -32.98 48.29 9.71
C LEU B 257 -32.71 48.74 8.28
N ALA B 258 -31.83 49.74 8.12
CA ALA B 258 -31.56 50.27 6.78
C ALA B 258 -30.86 49.24 5.90
N LEU B 259 -29.90 48.50 6.47
CA LEU B 259 -29.26 47.42 5.72
C LEU B 259 -30.27 46.34 5.36
N ALA B 260 -31.14 45.97 6.31
CA ALA B 260 -32.12 44.93 6.07
C ALA B 260 -33.13 45.35 5.00
N GLN B 261 -33.50 46.63 4.97
CA GLN B 261 -34.46 47.10 3.99
C GLN B 261 -33.81 47.30 2.62
N GLU B 262 -32.62 47.90 2.58
CA GLU B 262 -31.97 48.19 1.32
C GLU B 262 -31.59 46.93 0.56
N PHE B 263 -31.20 45.87 1.27
CA PHE B 263 -30.71 44.65 0.64
C PHE B 263 -31.68 43.49 0.76
N GLN B 264 -32.87 43.70 1.35
CA GLN B 264 -33.90 42.67 1.45
C GLN B 264 -33.35 41.39 2.08
N MET B 265 -32.70 41.55 3.23
CA MET B 265 -31.98 40.45 3.86
C MET B 265 -32.01 40.65 5.36
N LYS B 266 -32.16 39.55 6.10
CA LYS B 266 -32.07 39.60 7.55
C LYS B 266 -30.72 40.17 7.95
N THR B 267 -30.73 41.11 8.89
CA THR B 267 -29.50 41.76 9.33
C THR B 267 -29.34 41.54 10.83
N VAL B 268 -28.18 41.01 11.22
CA VAL B 268 -27.96 40.47 12.56
C VAL B 268 -26.61 40.95 13.08
N THR B 269 -26.55 41.16 14.40
CA THR B 269 -25.32 41.59 15.05
C THR B 269 -24.59 40.41 15.68
N VAL B 270 -23.26 40.55 15.80
CA VAL B 270 -22.42 39.61 16.52
C VAL B 270 -21.41 40.43 17.32
N SER B 271 -20.88 39.81 18.38
CA SER B 271 -19.99 40.49 19.29
C SER B 271 -18.98 39.48 19.85
N LEU B 272 -17.74 39.94 20.04
CA LEU B 272 -16.74 39.09 20.68
C LEU B 272 -17.02 38.94 22.17
N GLU B 273 -17.65 39.94 22.78
CA GLU B 273 -17.86 39.98 24.22
C GLU B 273 -19.12 39.25 24.66
N ASP B 274 -20.14 39.17 23.79
CA ASP B 274 -21.40 38.54 24.15
C ASP B 274 -21.61 37.18 23.48
N HIS B 275 -20.73 36.77 22.58
CA HIS B 275 -20.80 35.46 21.95
C HIS B 275 -19.53 34.68 22.25
N THR B 276 -19.67 33.37 22.38
CA THR B 276 -18.50 32.50 22.35
C THR B 276 -17.82 32.62 21.00
N PHE B 277 -16.51 32.37 20.97
CA PHE B 277 -15.80 32.48 19.71
C PHE B 277 -16.27 31.43 18.71
N ALA B 278 -16.64 30.24 19.19
CA ALA B 278 -17.22 29.23 18.30
C ALA B 278 -18.50 29.73 17.67
N ASP B 279 -19.30 30.50 18.41
CA ASP B 279 -20.50 31.09 17.84
C ASP B 279 -20.15 32.21 16.87
N VAL B 280 -19.10 32.97 17.16
CA VAL B 280 -18.65 34.02 16.24
C VAL B 280 -18.27 33.41 14.90
N VAL B 281 -17.47 32.33 14.92
CA VAL B 281 -17.04 31.69 13.69
C VAL B 281 -18.24 31.12 12.94
N ARG B 282 -19.17 30.50 13.66
CA ARG B 282 -20.34 29.92 13.01
C ARG B 282 -21.18 30.98 12.30
N LEU B 283 -21.36 32.14 12.93
CA LEU B 283 -22.15 33.21 12.33
C LEU B 283 -21.42 33.83 11.14
N VAL B 284 -20.10 34.00 11.25
CA VAL B 284 -19.34 34.60 10.16
C VAL B 284 -19.25 33.64 8.98
N SER B 285 -19.22 32.34 9.23
CA SER B 285 -19.00 31.36 8.17
C SER B 285 -20.13 31.35 7.14
N ASN B 286 -21.33 31.74 7.55
CA ASN B 286 -22.48 31.72 6.65
C ASN B 286 -22.97 33.12 6.28
N ALA B 287 -22.28 34.17 6.71
CA ALA B 287 -22.73 35.52 6.43
C ALA B 287 -22.47 35.89 4.97
N SER B 288 -23.48 36.51 4.34
CA SER B 288 -23.33 37.01 2.98
C SER B 288 -22.64 38.37 2.93
N MET B 289 -22.57 39.06 4.06
CA MET B 289 -21.94 40.37 4.13
C MET B 289 -21.51 40.63 5.57
N LEU B 290 -20.32 41.21 5.74
CA LEU B 290 -19.77 41.50 7.06
C LEU B 290 -19.53 43.01 7.15
N VAL B 291 -20.26 43.66 8.06
CA VAL B 291 -20.13 45.10 8.28
C VAL B 291 -19.53 45.30 9.67
N SER B 292 -18.49 46.13 9.75
CA SER B 292 -17.80 46.32 11.01
C SER B 292 -16.95 47.58 10.95
N MET B 293 -16.77 48.20 12.11
CA MET B 293 -15.75 49.22 12.25
C MET B 293 -14.37 48.59 12.12
N HIS B 294 -13.40 49.38 11.67
CA HIS B 294 -12.02 48.92 11.62
C HIS B 294 -11.57 48.47 13.00
N GLY B 295 -11.08 47.23 13.08
CA GLY B 295 -10.67 46.69 14.36
C GLY B 295 -10.29 45.24 14.24
N ALA B 296 -9.75 44.72 15.35
CA ALA B 296 -9.18 43.38 15.35
C ALA B 296 -10.23 42.31 15.06
N GLN B 297 -11.50 42.57 15.36
CA GLN B 297 -12.53 41.59 15.11
C GLN B 297 -12.73 41.32 13.63
N LEU B 298 -12.29 42.23 12.76
CA LEU B 298 -12.43 42.03 11.33
C LEU B 298 -11.43 41.02 10.78
N VAL B 299 -10.52 40.49 11.60
CA VAL B 299 -9.68 39.40 11.15
C VAL B 299 -10.48 38.14 10.94
N THR B 300 -11.70 38.07 11.48
CA THR B 300 -12.59 36.94 11.26
C THR B 300 -13.07 36.93 9.82
N THR B 301 -12.66 37.93 9.05
CA THR B 301 -12.92 37.95 7.60
C THR B 301 -12.47 36.64 6.96
N LEU B 302 -11.37 36.06 7.45
CA LEU B 302 -10.85 34.82 6.90
C LEU B 302 -11.83 33.65 7.02
N PHE B 303 -12.87 33.79 7.84
CA PHE B 303 -13.88 32.74 7.98
C PHE B 303 -15.06 32.93 7.04
N LEU B 304 -15.11 34.03 6.30
CA LEU B 304 -16.25 34.31 5.44
C LEU B 304 -16.32 33.33 4.28
N PRO B 305 -17.52 33.01 3.81
CA PRO B 305 -17.65 32.13 2.65
C PRO B 305 -17.33 32.88 1.36
N ARG B 306 -17.03 32.09 0.33
CA ARG B 306 -16.73 32.67 -0.98
C ARG B 306 -17.94 33.41 -1.52
N GLY B 307 -17.71 34.62 -2.02
CA GLY B 307 -18.78 35.45 -2.54
C GLY B 307 -19.32 36.48 -1.58
N ALA B 308 -18.89 36.45 -0.32
CA ALA B 308 -19.34 37.44 0.65
C ALA B 308 -18.67 38.79 0.39
N THR B 309 -19.14 39.81 1.09
CA THR B 309 -18.63 41.17 0.96
C THR B 309 -18.24 41.70 2.33
N VAL B 310 -17.06 42.32 2.39
CA VAL B 310 -16.58 42.97 3.60
C VAL B 310 -16.86 44.47 3.48
N VAL B 311 -17.52 45.02 4.49
CA VAL B 311 -17.83 46.44 4.54
C VAL B 311 -17.15 47.00 5.79
N GLU B 312 -16.00 47.63 5.61
CA GLU B 312 -15.21 48.16 6.72
C GLU B 312 -15.52 49.64 6.91
N LEU B 313 -15.92 50.01 8.12
CA LEU B 313 -16.23 51.38 8.46
C LEU B 313 -15.03 52.02 9.18
N PHE B 314 -14.65 53.21 8.73
CA PHE B 314 -13.53 53.91 9.33
C PHE B 314 -14.02 55.19 10.00
N PRO B 315 -13.56 55.48 11.22
CA PRO B 315 -14.04 56.67 11.93
C PRO B 315 -13.51 57.97 11.31
N TYR B 316 -13.96 59.09 11.87
CA TYR B 316 -13.61 60.40 11.32
C TYR B 316 -12.10 60.60 11.31
N ALA B 317 -11.60 61.15 10.19
CA ALA B 317 -10.21 61.53 9.96
C ALA B 317 -9.27 60.35 9.73
N VAL B 318 -9.80 59.14 9.59
CA VAL B 318 -8.98 57.96 9.35
C VAL B 318 -9.09 57.61 7.87
N ASN B 319 -8.00 57.80 7.14
CA ASN B 319 -7.97 57.46 5.72
C ASN B 319 -7.96 55.94 5.57
N PRO B 320 -8.94 55.34 4.91
CA PRO B 320 -8.94 53.88 4.76
C PRO B 320 -7.72 53.32 4.05
N ASP B 321 -7.12 54.10 3.14
CA ASP B 321 -5.97 53.62 2.39
C ASP B 321 -4.71 53.49 3.22
N HIS B 322 -4.69 54.05 4.43
CA HIS B 322 -3.51 53.96 5.29
C HIS B 322 -3.56 52.76 6.23
N TYR B 323 -4.70 52.10 6.36
CA TYR B 323 -4.89 51.03 7.35
C TYR B 323 -5.64 49.89 6.65
N THR B 324 -4.88 49.02 6.01
CA THR B 324 -5.47 48.01 5.13
C THR B 324 -5.17 46.56 5.49
N PRO B 325 -5.11 46.17 6.78
CA PRO B 325 -4.83 44.75 7.06
C PRO B 325 -5.99 43.84 6.69
N TYR B 326 -7.22 44.32 6.79
CA TYR B 326 -8.38 43.53 6.44
C TYR B 326 -8.78 43.69 4.98
N LYS B 327 -8.48 44.84 4.39
CA LYS B 327 -8.60 44.97 2.94
C LYS B 327 -7.63 44.04 2.24
N THR B 328 -6.39 43.96 2.73
CA THR B 328 -5.40 43.09 2.11
C THR B 328 -5.79 41.63 2.23
N LEU B 329 -6.28 41.22 3.41
CA LEU B 329 -6.71 39.83 3.59
C LEU B 329 -7.92 39.51 2.72
N ALA B 330 -8.89 40.42 2.66
CA ALA B 330 -10.11 40.17 1.90
C ALA B 330 -9.83 40.13 0.39
N MET B 331 -8.86 40.89 -0.08
CA MET B 331 -8.58 41.01 -1.50
C MET B 331 -7.47 40.08 -1.98
N LEU B 332 -7.02 39.15 -1.14
CA LEU B 332 -6.01 38.21 -1.56
C LEU B 332 -6.56 37.35 -2.70
N PRO B 333 -5.74 36.98 -3.68
CA PRO B 333 -6.21 36.08 -4.73
C PRO B 333 -6.63 34.74 -4.16
N GLY B 334 -7.82 34.29 -4.53
CA GLY B 334 -8.37 33.06 -4.03
C GLY B 334 -9.34 33.21 -2.87
N MET B 335 -9.38 34.37 -2.22
CA MET B 335 -10.35 34.59 -1.15
C MET B 335 -11.76 34.69 -1.70
N ASP B 336 -11.92 35.21 -2.92
CA ASP B 336 -13.23 35.37 -3.55
C ASP B 336 -14.16 36.23 -2.70
N LEU B 337 -13.62 37.30 -2.15
CA LEU B 337 -14.39 38.26 -1.37
C LEU B 337 -14.37 39.62 -2.06
N GLN B 338 -15.39 40.42 -1.78
CA GLN B 338 -15.43 41.80 -2.18
C GLN B 338 -15.16 42.69 -0.97
N TYR B 339 -14.56 43.85 -1.21
CA TYR B 339 -14.21 44.77 -0.15
C TYR B 339 -14.79 46.15 -0.43
N VAL B 340 -15.36 46.76 0.60
CA VAL B 340 -15.87 48.13 0.55
C VAL B 340 -15.39 48.86 1.78
N ALA B 341 -14.86 50.07 1.58
CA ALA B 341 -14.43 50.92 2.67
C ALA B 341 -15.30 52.17 2.72
N TRP B 342 -15.76 52.52 3.91
CA TRP B 342 -16.53 53.73 4.13
C TRP B 342 -15.86 54.58 5.20
N ARG B 343 -15.77 55.88 4.94
CA ARG B 343 -15.08 56.81 5.82
C ARG B 343 -16.04 57.87 6.30
N ASN B 344 -16.10 58.09 7.61
CA ASN B 344 -16.92 59.15 8.18
C ASN B 344 -16.29 60.49 7.89
N MET B 345 -16.94 61.30 7.05
CA MET B 345 -16.44 62.61 6.67
C MET B 345 -17.10 63.73 7.47
N MET B 346 -17.99 63.39 8.38
CA MET B 346 -18.88 64.36 9.02
C MET B 346 -18.48 64.59 10.47
N PRO B 347 -17.84 65.72 10.81
CA PRO B 347 -17.23 65.88 12.15
C PRO B 347 -18.23 65.83 13.31
N GLU B 348 -19.50 66.11 13.05
CA GLU B 348 -20.58 66.02 14.02
C GLU B 348 -21.12 64.61 14.18
N ASN B 349 -20.69 63.69 13.34
CA ASN B 349 -21.07 62.29 13.47
C ASN B 349 -20.04 61.50 14.25
N THR B 350 -19.09 62.18 14.90
CA THR B 350 -18.07 61.53 15.69
C THR B 350 -18.14 61.99 17.13
N VAL B 351 -17.72 61.12 18.04
CA VAL B 351 -17.66 61.39 19.47
C VAL B 351 -16.23 61.11 19.91
N THR B 352 -15.53 62.15 20.31
CA THR B 352 -14.16 62.00 20.79
C THR B 352 -14.13 61.71 22.28
N HIS B 353 -12.99 61.24 22.76
CA HIS B 353 -12.79 60.91 24.16
C HIS B 353 -11.36 61.30 24.56
N PRO B 354 -11.09 62.60 24.68
CA PRO B 354 -9.71 63.04 24.93
C PRO B 354 -9.23 62.82 26.35
N GLU B 355 -10.09 62.38 27.26
CA GLU B 355 -9.73 62.26 28.67
C GLU B 355 -9.39 60.82 29.09
N ARG B 356 -9.49 59.86 28.17
CA ARG B 356 -9.16 58.48 28.47
C ARG B 356 -7.65 58.34 28.63
N PRO B 357 -7.17 57.19 29.14
CA PRO B 357 -5.72 56.97 29.19
C PRO B 357 -5.08 57.08 27.82
N TRP B 358 -3.75 57.25 27.82
CA TRP B 358 -3.02 57.45 26.57
C TRP B 358 -3.20 56.25 25.64
N ASP B 359 -3.25 55.04 26.19
CA ASP B 359 -3.29 53.84 25.36
C ASP B 359 -4.65 53.60 24.72
N GLN B 360 -5.67 54.38 25.03
CA GLN B 360 -6.94 54.29 24.34
C GLN B 360 -7.41 55.65 23.85
N GLY B 361 -6.47 56.48 23.40
CA GLY B 361 -6.80 57.67 22.63
C GLY B 361 -6.73 58.99 23.36
N GLY B 362 -6.45 59.00 24.66
CA GLY B 362 -6.42 60.25 25.40
C GLY B 362 -5.28 61.16 24.95
N ILE B 363 -5.54 62.46 24.99
CA ILE B 363 -4.59 63.47 24.54
C ILE B 363 -4.30 64.53 25.58
N THR B 364 -4.89 64.44 26.78
CA THR B 364 -4.64 65.46 27.79
C THR B 364 -3.24 65.35 28.40
N HIS B 365 -2.51 64.28 28.10
CA HIS B 365 -1.10 64.18 28.48
C HIS B 365 -0.20 65.00 27.57
N LEU B 366 -0.71 65.44 26.41
CA LEU B 366 0.01 66.33 25.53
C LEU B 366 -0.28 67.78 25.90
N ASP B 367 0.63 68.67 25.51
CA ASP B 367 0.45 70.07 25.86
C ASP B 367 -0.68 70.68 25.03
N ARG B 368 -1.08 71.88 25.43
CA ARG B 368 -2.33 72.47 24.97
C ARG B 368 -2.35 72.67 23.45
N ALA B 369 -1.22 73.09 22.88
CA ALA B 369 -1.19 73.36 21.44
C ALA B 369 -1.28 72.09 20.62
N GLN B 370 -0.76 70.97 21.12
CA GLN B 370 -0.75 69.74 20.33
C GLN B 370 -2.13 69.11 20.30
N GLN B 371 -2.84 69.08 21.43
CA GLN B 371 -4.20 68.55 21.41
C GLN B 371 -5.15 69.45 20.62
N ALA B 372 -4.81 70.74 20.45
CA ALA B 372 -5.60 71.61 19.59
C ALA B 372 -5.34 71.31 18.12
N ALA B 373 -4.07 71.11 17.75
CA ALA B 373 -3.76 70.75 16.37
C ALA B 373 -4.35 69.40 16.00
N ILE B 374 -4.44 68.49 16.96
CA ILE B 374 -5.05 67.18 16.70
C ILE B 374 -6.55 67.34 16.46
N LEU B 375 -7.22 68.15 17.29
CA LEU B 375 -8.66 68.35 17.11
C LEU B 375 -8.97 69.07 15.80
N GLN B 376 -8.05 69.92 15.33
CA GLN B 376 -8.26 70.64 14.08
C GLN B 376 -7.92 69.80 12.85
N SER B 377 -7.13 68.74 13.03
CA SER B 377 -6.71 67.94 11.88
C SER B 377 -7.87 67.11 11.35
N ARG B 378 -8.02 67.10 10.02
CA ARG B 378 -9.10 66.38 9.36
C ARG B 378 -8.67 65.02 8.81
N GLU B 379 -7.38 64.68 8.90
CA GLU B 379 -6.93 63.36 8.49
C GLU B 379 -5.64 63.02 9.24
N VAL B 380 -5.60 61.81 9.80
CA VAL B 380 -4.44 61.34 10.55
C VAL B 380 -3.25 61.23 9.61
N PRO B 381 -2.15 61.92 9.88
CA PRO B 381 -0.96 61.81 9.03
C PRO B 381 -0.35 60.42 9.10
N ARG B 382 0.43 60.11 8.07
CA ARG B 382 1.22 58.89 8.09
C ARG B 382 2.17 58.91 9.29
N HIS B 383 2.35 57.74 9.91
CA HIS B 383 3.10 57.66 11.16
C HIS B 383 3.72 56.29 11.29
N LEU B 384 4.52 56.12 12.33
CA LEU B 384 5.17 54.86 12.65
C LEU B 384 4.58 54.26 13.92
N CYS B 385 4.93 53.00 14.17
CA CYS B 385 4.49 52.29 15.36
C CYS B 385 5.13 52.88 16.61
N CYS B 386 4.44 52.79 17.75
CA CYS B 386 3.15 52.13 17.91
C CYS B 386 2.09 53.05 18.55
N ARG B 387 2.56 54.14 19.17
CA ARG B 387 1.67 54.94 20.01
C ARG B 387 1.53 56.37 19.51
N ASN B 388 1.19 56.55 18.24
CA ASN B 388 0.94 57.87 17.71
C ASN B 388 -0.32 58.44 18.34
N PRO B 389 -0.25 59.57 19.05
CA PRO B 389 -1.44 60.05 19.80
C PRO B 389 -2.60 60.44 18.91
N GLU B 390 -2.35 61.09 17.77
CA GLU B 390 -3.45 61.46 16.89
C GLU B 390 -4.13 60.23 16.32
N TRP B 391 -3.36 59.19 15.98
CA TRP B 391 -3.94 57.95 15.48
C TRP B 391 -4.80 57.29 16.55
N LEU B 392 -4.26 57.14 17.76
CA LEU B 392 -5.01 56.52 18.85
C LEU B 392 -6.25 57.34 19.19
N PHE B 393 -6.16 58.66 19.10
CA PHE B 393 -7.29 59.52 19.41
C PHE B 393 -8.43 59.33 18.41
N ARG B 394 -8.10 59.24 17.12
CA ARG B 394 -9.14 59.13 16.10
C ARG B 394 -9.69 57.71 15.99
N ILE B 395 -8.84 56.70 16.13
CA ILE B 395 -9.30 55.33 15.99
C ILE B 395 -10.20 54.92 17.15
N TYR B 396 -10.13 55.61 18.28
CA TYR B 396 -10.96 55.30 19.43
C TYR B 396 -12.15 56.23 19.57
N GLN B 397 -12.54 56.90 18.48
CA GLN B 397 -13.77 57.67 18.46
C GLN B 397 -14.98 56.73 18.39
N ASP B 398 -16.14 57.28 18.71
CA ASP B 398 -17.41 56.65 18.39
C ASP B 398 -18.00 57.33 17.16
N THR B 399 -18.73 56.55 16.36
CA THR B 399 -19.13 57.00 15.04
C THR B 399 -20.64 56.84 14.86
N LYS B 400 -21.29 57.90 14.41
CA LYS B 400 -22.65 57.82 13.88
C LYS B 400 -22.55 57.69 12.36
N VAL B 401 -23.04 56.57 11.85
CA VAL B 401 -22.88 56.25 10.43
C VAL B 401 -23.93 56.99 9.62
N ASP B 402 -23.48 57.80 8.66
CA ASP B 402 -24.39 58.42 7.71
C ASP B 402 -24.92 57.33 6.79
N ILE B 403 -26.16 56.90 7.03
CA ILE B 403 -26.69 55.74 6.33
C ILE B 403 -26.80 55.96 4.82
N PRO B 404 -27.31 57.09 4.32
CA PRO B 404 -27.37 57.26 2.85
C PRO B 404 -26.02 57.09 2.15
N SER B 405 -24.96 57.72 2.68
CA SER B 405 -23.66 57.62 2.02
C SER B 405 -23.10 56.21 2.11
N LEU B 406 -23.34 55.51 3.22
CA LEU B 406 -22.89 54.13 3.33
C LEU B 406 -23.57 53.24 2.30
N ILE B 407 -24.90 53.36 2.18
CA ILE B 407 -25.63 52.60 1.19
C ILE B 407 -25.08 52.86 -0.20
N GLN B 408 -24.87 54.13 -0.53
CA GLN B 408 -24.35 54.49 -1.85
C GLN B 408 -22.96 53.92 -2.07
N THR B 409 -22.14 53.87 -1.02
CA THR B 409 -20.78 53.35 -1.15
C THR B 409 -20.80 51.83 -1.36
N ILE B 410 -21.62 51.12 -0.61
CA ILE B 410 -21.74 49.67 -0.80
C ILE B 410 -22.33 49.37 -2.17
N ARG B 411 -23.27 50.20 -2.62
CA ARG B 411 -23.95 49.95 -3.89
C ARG B 411 -23.01 50.10 -5.09
N ARG B 412 -21.87 50.78 -4.93
CA ARG B 412 -20.89 50.84 -5.99
C ARG B 412 -20.21 49.49 -6.23
N VAL B 413 -20.51 48.47 -5.42
CA VAL B 413 -19.83 47.19 -5.49
C VAL B 413 -20.84 46.05 -5.52
N VAL B 414 -21.99 46.25 -4.87
CA VAL B 414 -22.93 45.16 -4.61
C VAL B 414 -24.27 45.45 -5.27
N ALA B 415 -24.93 44.36 -5.74
CA ALA B 415 -26.32 44.38 -6.18
C ALA B 415 -26.97 43.09 -5.67
N ALA B 416 -27.21 43.07 -4.34
CA ALA B 416 -27.66 41.95 -3.51
C ALA B 416 -26.46 41.07 -3.14
N PRO B 417 -26.17 40.91 -1.85
CA PRO B 417 -24.92 40.24 -1.44
C PRO B 417 -24.88 38.79 -1.90
N GLY B 418 -23.78 38.44 -2.57
CA GLY B 418 -23.67 37.16 -3.24
C GLY B 418 -23.45 36.01 -2.28
N PRO B 419 -23.34 34.79 -2.84
CA PRO B 419 -23.24 33.52 -2.12
C PRO B 419 -22.11 33.45 -1.11
N ALA B 424 -17.47 29.47 -9.11
CA ALA B 424 -16.80 28.63 -8.13
C ALA B 424 -15.28 28.77 -8.21
N ALA B 425 -14.59 27.64 -8.30
CA ALA B 425 -13.14 27.61 -8.20
C ALA B 425 -12.47 27.97 -9.53
N ALA B 426 -11.16 28.22 -9.44
CA ALA B 426 -10.32 28.56 -10.59
C ALA B 426 -8.86 28.66 -10.18
N GLY B 427 -8.05 29.33 -10.98
CA GLY B 427 -6.74 29.79 -10.57
C GLY B 427 -5.53 29.00 -11.03
N LEU B 428 -5.59 28.33 -12.18
CA LEU B 428 -4.46 27.55 -12.65
C LEU B 428 -3.61 28.36 -13.62
N TYR B 429 -2.29 28.06 -13.62
CA TYR B 429 -1.38 28.72 -14.54
C TYR B 429 -1.00 27.79 -15.68
N PRO B 430 -0.74 28.35 -16.86
CA PRO B 430 -0.33 27.51 -17.99
C PRO B 430 1.06 26.95 -17.78
N GLY B 431 1.33 25.86 -18.51
CA GLY B 431 2.69 25.40 -18.67
C GLY B 431 3.37 26.14 -19.81
N LYS B 432 4.61 25.78 -20.06
CA LYS B 432 5.32 26.35 -21.20
C LYS B 432 4.67 25.90 -22.49
N VAL B 433 4.72 26.76 -23.51
CA VAL B 433 4.43 26.30 -24.85
C VAL B 433 5.54 25.34 -25.29
N ARG B 434 5.20 24.40 -26.14
CA ARG B 434 6.12 23.34 -26.52
C ARG B 434 6.44 23.43 -28.01
N GLU B 435 7.64 22.94 -28.35
CA GLU B 435 8.10 22.86 -29.73
C GLU B 435 8.05 24.22 -30.41
N ALA B 436 8.46 25.26 -29.69
CA ALA B 436 8.54 26.60 -30.26
C ALA B 436 9.57 26.62 -31.38
N ARG B 437 9.16 27.03 -32.56
CA ARG B 437 10.04 27.09 -33.73
C ARG B 437 9.86 28.40 -34.44
N CYS B 438 10.90 28.84 -35.15
CA CYS B 438 10.77 29.97 -36.04
C CYS B 438 11.40 29.65 -37.38
N GLN B 439 11.00 30.45 -38.38
CA GLN B 439 11.45 30.26 -39.75
C GLN B 439 11.17 31.54 -40.52
N ALA B 440 12.16 32.02 -41.25
CA ALA B 440 12.04 33.27 -42.00
C ALA B 440 11.94 32.98 -43.49
N SER B 441 11.41 33.98 -44.21
CA SER B 441 11.27 33.90 -45.64
C SER B 441 11.33 35.32 -46.21
N VAL B 442 11.83 35.43 -47.43
CA VAL B 442 12.01 36.72 -48.09
C VAL B 442 11.13 36.72 -49.34
N HIS B 443 9.91 37.25 -49.19
CA HIS B 443 8.99 37.33 -50.31
C HIS B 443 9.41 38.44 -51.27
N GLY B 444 8.62 38.58 -52.34
CA GLY B 444 8.76 39.58 -53.39
C GLY B 444 9.96 40.48 -53.40
N ALA B 445 9.74 41.78 -53.20
CA ALA B 445 10.80 42.78 -53.23
C ALA B 445 11.26 43.10 -51.80
N SER B 446 12.39 42.51 -51.42
CA SER B 446 13.28 42.90 -50.33
C SER B 446 12.80 42.63 -48.91
N GLU B 447 11.59 42.12 -48.70
CA GLU B 447 10.95 42.24 -47.40
C GLU B 447 10.78 40.90 -46.69
N ALA B 448 11.06 40.93 -45.39
CA ALA B 448 11.20 39.74 -44.56
C ALA B 448 9.87 39.34 -43.92
N ARG B 449 9.74 38.05 -43.65
CA ARG B 449 8.59 37.48 -42.95
C ARG B 449 9.11 36.52 -41.91
N LEU B 450 8.67 36.70 -40.66
CA LEU B 450 9.12 35.88 -39.54
C LEU B 450 7.93 35.07 -39.03
N THR B 451 7.99 33.76 -39.18
CA THR B 451 6.93 32.85 -38.76
C THR B 451 7.33 32.16 -37.47
N VAL B 452 6.47 32.25 -36.46
CA VAL B 452 6.70 31.63 -35.16
C VAL B 452 5.53 30.69 -34.89
N SER B 453 5.84 29.48 -34.43
CA SER B 453 4.82 28.49 -34.12
C SER B 453 5.20 27.73 -32.86
N TRP B 454 4.19 27.11 -32.25
CA TRP B 454 4.39 26.35 -31.02
C TRP B 454 3.17 25.46 -30.79
N GLN B 455 3.33 24.51 -29.89
CA GLN B 455 2.23 23.67 -29.43
C GLN B 455 1.72 24.19 -28.09
N ILE B 456 0.47 23.86 -27.79
CA ILE B 456 -0.19 24.33 -26.56
C ILE B 456 0.54 23.75 -25.34
N PRO B 457 0.46 24.40 -24.19
CA PRO B 457 1.03 23.80 -22.97
C PRO B 457 0.40 22.45 -22.68
N TRP B 458 1.22 21.54 -22.14
CA TRP B 458 0.80 20.16 -21.94
C TRP B 458 -0.40 20.06 -21.02
N ASN B 459 -0.51 20.96 -20.03
CA ASN B 459 -1.64 20.89 -19.11
C ASN B 459 -2.94 21.41 -19.71
N LEU B 460 -2.86 22.20 -20.78
CA LEU B 460 -4.07 22.69 -21.43
C LEU B 460 -4.89 21.57 -22.04
N LYS B 461 -4.28 20.41 -22.28
CA LYS B 461 -5.02 19.27 -22.81
C LYS B 461 -6.16 18.85 -21.89
N TYR B 462 -6.01 19.07 -20.59
CA TYR B 462 -6.98 18.63 -19.59
C TYR B 462 -7.74 19.79 -18.95
N LEU B 463 -7.62 21.00 -19.49
CA LEU B 463 -8.20 22.20 -18.91
C LEU B 463 -9.37 22.70 -19.76
N LYS B 464 -10.22 23.50 -19.12
CA LYS B 464 -11.28 24.24 -19.79
C LYS B 464 -11.13 25.70 -19.37
N VAL B 465 -10.56 26.51 -20.25
CA VAL B 465 -10.21 27.89 -19.93
C VAL B 465 -11.04 28.81 -20.81
N ALA B 466 -11.66 29.83 -20.19
CA ALA B 466 -12.53 30.73 -20.92
C ALA B 466 -11.77 31.51 -21.97
N GLU B 467 -10.56 31.96 -21.65
CA GLU B 467 -9.74 32.73 -22.58
C GLU B 467 -8.31 32.23 -22.51
N VAL B 468 -7.81 31.73 -23.63
CA VAL B 468 -6.42 31.32 -23.77
C VAL B 468 -5.77 32.23 -24.81
N LYS B 469 -4.71 32.91 -24.42
CA LYS B 469 -3.95 33.77 -25.32
C LYS B 469 -2.47 33.43 -25.20
N TYR B 470 -1.69 33.98 -26.12
CA TYR B 470 -0.24 33.80 -26.12
C TYR B 470 0.43 35.15 -26.31
N GLU B 471 1.40 35.44 -25.46
CA GLU B 471 2.18 36.67 -25.55
C GLU B 471 3.52 36.37 -26.19
N VAL B 472 3.83 37.09 -27.27
CA VAL B 472 5.07 36.91 -28.01
C VAL B 472 5.92 38.16 -27.81
N TRP B 473 7.19 37.96 -27.45
CA TRP B 473 8.12 39.05 -27.14
C TRP B 473 9.26 38.99 -28.14
N LEU B 474 9.42 40.04 -28.94
CA LEU B 474 10.12 40.00 -30.22
C LEU B 474 11.24 41.04 -30.26
N GLN B 475 12.37 40.71 -29.62
CA GLN B 475 13.46 41.66 -29.44
C GLN B 475 14.48 41.53 -30.56
N GLU B 476 15.00 42.68 -31.00
CA GLU B 476 16.09 42.72 -31.97
C GLU B 476 17.43 42.54 -31.26
N GLN B 477 18.28 41.67 -31.82
CA GLN B 477 19.55 41.21 -31.27
C GLN B 477 20.05 41.94 -30.03
N GLY B 478 20.37 43.22 -30.16
CA GLY B 478 20.90 43.97 -29.03
C GLY B 478 20.32 45.35 -28.89
N GLU B 479 19.02 45.43 -28.57
CA GLU B 479 18.31 46.70 -28.44
C GLU B 479 17.45 46.67 -27.19
N ALA B 480 16.79 47.80 -26.94
CA ALA B 480 15.71 47.86 -25.96
C ALA B 480 14.38 47.93 -26.70
N ALA B 481 13.99 46.77 -27.25
CA ALA B 481 12.93 46.68 -28.25
C ALA B 481 11.73 45.89 -27.77
N TYR B 482 11.89 44.59 -27.51
CA TYR B 482 10.82 43.62 -27.20
C TYR B 482 9.60 43.73 -28.13
N VAL B 483 8.77 44.76 -27.99
CA VAL B 483 7.55 44.93 -28.80
C VAL B 483 6.54 43.85 -28.47
N PRO B 484 5.35 44.20 -27.97
CA PRO B 484 4.38 43.19 -27.55
C PRO B 484 3.47 42.69 -28.66
N TYR B 485 2.98 41.46 -28.46
CA TYR B 485 1.96 40.86 -29.30
C TYR B 485 1.12 39.92 -28.44
N ILE B 486 -0.20 40.11 -28.44
CA ILE B 486 -1.14 39.17 -27.83
C ILE B 486 -1.85 38.45 -28.97
N LEU B 487 -1.77 37.12 -28.98
CA LEU B 487 -2.32 36.32 -30.05
C LEU B 487 -3.20 35.21 -29.49
N ALA B 488 -4.18 34.80 -30.28
CA ALA B 488 -5.00 33.64 -29.98
C ALA B 488 -4.52 32.37 -30.67
N LEU B 489 -3.94 32.49 -31.86
CA LEU B 489 -3.47 31.34 -32.60
C LEU B 489 -2.06 30.94 -32.12
N GLN B 490 -1.63 29.77 -32.57
CA GLN B 490 -0.34 29.21 -32.17
C GLN B 490 0.70 29.27 -33.30
N ASN B 491 0.35 29.87 -34.43
CA ASN B 491 1.25 29.98 -35.58
C ASN B 491 1.01 31.35 -36.20
N HIS B 492 1.98 32.25 -36.08
CA HIS B 492 1.83 33.62 -36.56
C HIS B 492 3.00 33.99 -37.45
N THR B 493 2.74 34.87 -38.42
CA THR B 493 3.74 35.37 -39.34
C THR B 493 3.79 36.87 -39.22
N PHE B 494 4.96 37.39 -38.85
CA PHE B 494 5.16 38.83 -38.67
C PHE B 494 5.76 39.43 -39.92
N THR B 495 5.26 40.59 -40.31
CA THR B 495 5.75 41.30 -41.48
C THR B 495 6.04 42.77 -41.21
N GLU B 496 5.15 43.47 -40.51
CA GLU B 496 5.35 44.89 -40.25
C GLU B 496 6.53 45.10 -39.29
N ASN B 497 7.46 45.97 -39.71
CA ASN B 497 8.66 46.31 -38.95
C ASN B 497 9.66 45.16 -38.84
N ILE B 498 9.56 44.17 -39.72
CA ILE B 498 10.50 43.05 -39.76
C ILE B 498 11.53 43.35 -40.84
N LYS B 499 12.77 43.68 -40.42
CA LYS B 499 13.80 43.98 -41.39
C LYS B 499 14.53 42.70 -41.82
N PRO B 500 15.01 42.63 -43.05
CA PRO B 500 15.81 41.48 -43.47
C PRO B 500 17.22 41.55 -42.90
N PHE B 501 17.89 40.40 -42.94
CA PHE B 501 19.26 40.26 -42.45
C PHE B 501 19.38 40.77 -41.01
N THR B 502 18.48 40.30 -40.16
CA THR B 502 18.40 40.76 -38.78
C THR B 502 18.19 39.56 -37.86
N THR B 503 18.88 39.56 -36.74
CA THR B 503 18.73 38.52 -35.73
C THR B 503 17.64 38.92 -34.74
N TYR B 504 16.65 38.05 -34.57
CA TYR B 504 15.51 38.32 -33.70
C TYR B 504 15.43 37.28 -32.60
N LEU B 505 15.37 37.76 -31.36
CA LEU B 505 15.10 36.88 -30.22
C LEU B 505 13.61 36.90 -29.93
N VAL B 506 13.05 35.70 -29.68
CA VAL B 506 11.61 35.52 -29.56
C VAL B 506 11.31 34.77 -28.27
N TRP B 507 10.43 35.33 -27.44
CA TRP B 507 9.92 34.67 -26.25
C TRP B 507 8.43 34.46 -26.40
N VAL B 508 7.96 33.29 -25.97
CA VAL B 508 6.54 32.92 -26.07
C VAL B 508 6.08 32.40 -24.72
N ARG B 509 4.97 32.93 -24.22
CA ARG B 509 4.31 32.41 -23.04
C ARG B 509 2.80 32.47 -23.23
N CYS B 510 2.10 31.59 -22.53
CA CYS B 510 0.65 31.48 -22.62
C CYS B 510 0.00 32.13 -21.41
N ILE B 511 -1.19 32.71 -21.63
CA ILE B 511 -1.89 33.46 -20.59
C ILE B 511 -3.31 32.92 -20.48
N PHE B 512 -3.72 32.57 -19.28
CA PHE B 512 -5.09 32.16 -18.99
C PHE B 512 -5.85 33.35 -18.42
N ASN B 513 -6.95 33.71 -19.07
CA ASN B 513 -7.88 34.73 -18.57
C ASN B 513 -7.16 36.04 -18.21
N LYS B 514 -6.28 36.47 -19.12
CA LYS B 514 -5.65 37.78 -19.10
C LYS B 514 -4.61 37.97 -18.01
N ILE B 515 -4.83 37.43 -16.81
CA ILE B 515 -3.98 37.73 -15.67
C ILE B 515 -3.14 36.55 -15.19
N LEU B 516 -3.39 35.33 -15.68
CA LEU B 516 -2.63 34.16 -15.25
C LEU B 516 -1.51 33.93 -16.26
N LEU B 517 -0.37 34.58 -16.01
CA LEU B 517 0.76 34.54 -16.94
C LEU B 517 1.58 33.28 -16.72
N GLY B 518 1.74 32.49 -17.78
CA GLY B 518 2.54 31.29 -17.71
C GLY B 518 4.01 31.57 -17.92
N PRO B 519 4.82 30.53 -17.75
CA PRO B 519 6.27 30.70 -17.93
C PRO B 519 6.66 30.86 -19.38
N PHE B 520 7.79 31.53 -19.59
CA PHE B 520 8.37 31.64 -20.93
C PHE B 520 9.08 30.34 -21.29
N ALA B 521 9.02 29.99 -22.56
CA ALA B 521 9.84 28.90 -23.08
C ALA B 521 11.25 29.41 -23.34
N ASP B 522 12.14 28.50 -23.75
CA ASP B 522 13.50 28.91 -24.10
C ASP B 522 13.46 29.89 -25.27
N VAL B 523 14.37 30.86 -25.25
CA VAL B 523 14.37 31.91 -26.25
C VAL B 523 14.65 31.32 -27.62
N LEU B 524 13.98 31.84 -28.64
CA LEU B 524 14.22 31.47 -30.02
C LEU B 524 15.09 32.53 -30.69
N VAL B 525 16.14 32.09 -31.37
CA VAL B 525 16.99 32.97 -32.15
C VAL B 525 16.64 32.77 -33.62
N CYS B 526 16.24 33.86 -34.28
CA CYS B 526 15.70 33.77 -35.63
C CYS B 526 16.32 34.84 -36.51
N ASN B 527 16.77 34.44 -37.69
CA ASN B 527 17.46 35.32 -38.61
C ASN B 527 16.61 35.55 -39.85
N THR B 528 16.46 36.80 -40.23
CA THR B 528 15.66 37.17 -41.39
C THR B 528 16.46 36.97 -42.67
N ALA C 1 -2.64 5.52 6.03
CA ALA C 1 -3.57 5.20 4.95
C ALA C 1 -2.85 4.48 3.82
N LEU C 2 -1.53 4.66 3.76
CA LEU C 2 -0.70 3.98 2.76
C LEU C 2 0.77 4.10 3.11
N ARG C 3 1.26 3.26 4.02
CA ARG C 3 2.69 3.20 4.30
C ARG C 3 3.04 1.81 4.81
N ILE C 4 4.34 1.52 4.79
CA ILE C 4 4.85 0.17 5.00
C ILE C 4 5.67 0.15 6.29
N ASP C 5 5.44 -0.86 7.12
CA ASP C 5 6.25 -1.11 8.31
C ASP C 5 6.71 -2.57 8.21
N TYR C 6 7.85 -2.77 7.56
CA TYR C 6 8.40 -4.13 7.43
C TYR C 6 8.73 -4.75 8.78
N PRO C 7 9.41 -4.06 9.72
CA PRO C 7 9.63 -4.70 11.03
C PRO C 7 8.35 -5.09 11.74
N ALA C 8 7.35 -4.20 11.77
CA ALA C 8 6.06 -4.52 12.36
C ALA C 8 5.13 -5.25 11.39
N ALA C 9 5.69 -6.17 10.61
CA ALA C 9 4.93 -7.06 9.74
C ALA C 9 5.63 -8.41 9.75
N LEU C 10 6.96 -8.38 9.73
CA LEU C 10 7.74 -9.56 10.08
C LEU C 10 7.46 -9.98 11.52
N GLN C 11 7.15 -9.02 12.39
CA GLN C 11 6.80 -9.34 13.77
C GLN C 11 5.44 -10.03 13.85
N ILE C 12 4.45 -9.53 13.12
CA ILE C 12 3.13 -10.15 13.13
C ILE C 12 3.19 -11.56 12.54
N LEU C 13 3.94 -11.72 11.45
CA LEU C 13 4.08 -13.04 10.85
C LEU C 13 4.79 -14.01 11.78
N MET C 14 5.84 -13.55 12.46
CA MET C 14 6.62 -14.42 13.33
C MET C 14 5.84 -14.89 14.55
N GLU C 15 4.75 -14.22 14.89
CA GLU C 15 3.91 -14.63 16.01
C GLU C 15 2.57 -15.24 15.57
N GLY C 16 2.05 -14.84 14.41
CA GLY C 16 0.74 -15.28 13.99
C GLY C 16 0.74 -16.52 13.11
N GLY C 17 1.70 -16.62 12.20
CA GLY C 17 1.81 -17.78 11.35
C GLY C 17 0.94 -17.72 10.12
N THR C 18 0.80 -18.88 9.47
CA THR C 18 0.06 -19.01 8.23
C THR C 18 -1.39 -19.40 8.51
N HIS C 19 -2.29 -18.91 7.65
CA HIS C 19 -3.72 -19.14 7.76
C HIS C 19 -4.21 -19.79 6.48
N MET C 20 -4.90 -20.93 6.61
CA MET C 20 -5.35 -21.69 5.45
C MET C 20 -6.78 -22.18 5.64
N VAL C 21 -7.62 -21.92 4.65
CA VAL C 21 -8.99 -22.41 4.60
C VAL C 21 -9.25 -22.89 3.17
N CYS C 22 -9.48 -24.19 3.00
CA CYS C 22 -9.66 -24.78 1.69
C CYS C 22 -11.08 -25.29 1.51
N THR C 23 -11.55 -25.25 0.26
CA THR C 23 -12.78 -25.89 -0.14
C THR C 23 -12.52 -27.34 -0.51
N GLY C 24 -13.56 -28.15 -0.48
CA GLY C 24 -13.44 -29.47 -1.08
C GLY C 24 -13.30 -30.60 -0.07
N ARG C 25 -13.94 -31.72 -0.38
CA ARG C 25 -13.90 -32.89 0.48
C ARG C 25 -12.59 -33.66 0.33
N THR C 26 -12.04 -33.73 -0.89
CA THR C 26 -10.81 -34.43 -1.17
C THR C 26 -9.86 -33.51 -1.93
N HIS C 27 -8.66 -34.04 -2.23
CA HIS C 27 -7.62 -33.24 -2.88
C HIS C 27 -7.91 -33.01 -4.36
N THR C 28 -8.77 -33.82 -4.97
CA THR C 28 -9.13 -33.61 -6.37
C THR C 28 -10.20 -32.53 -6.55
N ASP C 29 -10.66 -31.93 -5.45
CA ASP C 29 -11.74 -30.94 -5.48
C ASP C 29 -11.40 -29.71 -4.66
N ARG C 30 -10.12 -29.48 -4.36
CA ARG C 30 -9.71 -28.55 -3.32
C ARG C 30 -9.07 -27.30 -3.91
N ILE C 31 -9.58 -26.14 -3.48
CA ILE C 31 -8.95 -24.84 -3.72
C ILE C 31 -8.76 -24.18 -2.36
N CYS C 32 -7.54 -23.72 -2.09
CA CYS C 32 -7.18 -23.21 -0.78
C CYS C 32 -7.03 -21.69 -0.81
N ARG C 33 -7.44 -21.05 0.28
CA ARG C 33 -7.20 -19.64 0.51
C ARG C 33 -6.15 -19.50 1.61
N PHE C 34 -5.02 -18.90 1.28
CA PHE C 34 -3.90 -18.77 2.20
C PHE C 34 -3.72 -17.32 2.61
N LYS C 35 -3.33 -17.12 3.87
CA LYS C 35 -2.76 -15.87 4.33
C LYS C 35 -1.39 -16.16 4.91
N TRP C 36 -0.38 -15.42 4.43
CA TRP C 36 1.00 -15.55 4.90
C TRP C 36 1.55 -16.94 4.57
N LEU C 37 1.19 -17.45 3.39
CA LEU C 37 1.86 -18.59 2.81
C LEU C 37 3.21 -18.16 2.24
N CYS C 38 4.25 -18.93 2.51
CA CYS C 38 5.62 -18.53 2.20
C CYS C 38 6.29 -19.58 1.33
N TYR C 39 7.26 -19.12 0.54
CA TYR C 39 7.94 -19.96 -0.42
C TYR C 39 9.43 -19.66 -0.39
N SER C 40 10.23 -20.68 -0.07
CA SER C 40 11.68 -20.56 -0.07
C SER C 40 12.19 -20.91 -1.46
N ASN C 41 12.83 -19.94 -2.13
CA ASN C 41 13.42 -20.20 -3.43
C ASN C 41 14.63 -21.11 -3.35
N GLU C 42 15.29 -21.16 -2.19
CA GLU C 42 16.42 -22.07 -2.02
C GLU C 42 15.94 -23.52 -1.98
N ALA C 43 14.99 -23.83 -1.11
CA ALA C 43 14.47 -25.18 -1.01
C ALA C 43 13.41 -25.49 -2.07
N GLU C 44 12.88 -24.46 -2.73
CA GLU C 44 11.78 -24.61 -3.70
C GLU C 44 10.59 -25.31 -3.06
N GLU C 45 10.21 -24.82 -1.87
CA GLU C 45 9.11 -25.37 -1.11
C GLU C 45 8.19 -24.25 -0.65
N PHE C 46 6.89 -24.52 -0.64
CA PHE C 46 5.96 -23.66 0.07
C PHE C 46 6.02 -23.98 1.55
N ILE C 47 5.85 -22.95 2.38
CA ILE C 47 6.05 -23.07 3.82
C ILE C 47 4.78 -22.66 4.54
N PHE C 48 4.32 -23.52 5.45
CA PHE C 48 3.27 -23.19 6.40
C PHE C 48 3.93 -22.90 7.75
N PHE C 49 3.80 -21.67 8.23
CA PHE C 49 4.35 -21.28 9.52
C PHE C 49 3.26 -21.36 10.58
N HIS C 50 3.54 -22.09 11.66
CA HIS C 50 2.59 -22.27 12.75
C HIS C 50 2.78 -21.13 13.76
N GLY C 51 1.76 -20.29 13.88
CA GLY C 51 1.73 -19.25 14.90
C GLY C 51 0.46 -19.32 15.72
N ASN C 52 0.23 -18.33 16.58
CA ASN C 52 -0.91 -18.40 17.49
C ASN C 52 -2.23 -17.96 16.86
N THR C 53 -2.24 -17.53 15.61
CA THR C 53 -3.48 -17.33 14.86
C THR C 53 -3.60 -18.31 13.71
N SER C 54 -2.73 -19.31 13.65
CA SER C 54 -2.73 -20.25 12.54
C SER C 54 -4.02 -21.06 12.50
N VAL C 55 -4.45 -21.37 11.27
CA VAL C 55 -5.61 -22.21 11.02
C VAL C 55 -5.28 -23.10 9.83
N MET C 56 -5.48 -24.41 9.98
CA MET C 56 -5.22 -25.38 8.91
C MET C 56 -6.50 -26.15 8.65
N LEU C 57 -7.24 -25.74 7.62
CA LEU C 57 -8.51 -26.37 7.27
C LEU C 57 -8.48 -26.74 5.79
N PRO C 58 -8.42 -28.05 5.45
CA PRO C 58 -8.49 -29.18 6.37
C PRO C 58 -7.18 -29.47 7.09
N ASN C 59 -7.28 -30.09 8.26
CA ASN C 59 -6.11 -30.56 9.02
C ASN C 59 -6.05 -32.07 8.85
N LEU C 60 -5.26 -32.52 7.87
CA LEU C 60 -5.24 -33.92 7.48
C LEU C 60 -4.25 -34.76 8.26
N GLY C 61 -3.37 -34.16 9.06
CA GLY C 61 -2.37 -34.96 9.72
C GLY C 61 -1.43 -35.57 8.71
N SER C 62 -1.20 -36.89 8.82
CA SER C 62 -0.37 -37.61 7.84
C SER C 62 -1.10 -37.80 6.52
N ARG C 63 -2.43 -37.66 6.52
CA ARG C 63 -3.19 -37.76 5.27
C ARG C 63 -2.88 -36.63 4.30
N ARG C 64 -2.18 -35.59 4.74
CA ARG C 64 -1.72 -34.54 3.84
C ARG C 64 -0.75 -35.07 2.79
N PHE C 65 -0.24 -36.28 2.95
CA PHE C 65 0.69 -36.88 2.01
C PHE C 65 0.12 -38.13 1.35
N GLN C 66 -1.20 -38.28 1.36
CA GLN C 66 -1.88 -39.42 0.75
C GLN C 66 -3.00 -38.92 -0.15
N PRO C 67 -2.68 -38.40 -1.35
CA PRO C 67 -1.31 -38.26 -1.86
C PRO C 67 -0.71 -36.88 -1.57
N ALA C 68 -1.55 -35.86 -1.44
CA ALA C 68 -1.11 -34.48 -1.26
C ALA C 68 -2.29 -33.66 -0.77
N LEU C 69 -2.10 -32.34 -0.70
CA LEU C 69 -3.16 -31.45 -0.24
C LEU C 69 -4.18 -31.16 -1.33
N LEU C 70 -3.72 -30.87 -2.55
CA LEU C 70 -4.63 -30.50 -3.62
C LEU C 70 -3.95 -30.75 -4.97
N ASP C 71 -4.75 -30.69 -6.02
CA ASP C 71 -4.28 -30.79 -7.39
C ASP C 71 -3.87 -29.41 -7.88
N LEU C 72 -2.61 -29.26 -8.29
CA LEU C 72 -2.14 -27.96 -8.78
C LEU C 72 -2.58 -27.70 -10.22
N SER C 73 -2.63 -28.73 -11.05
CA SER C 73 -3.24 -28.66 -12.36
C SER C 73 -4.63 -29.28 -12.30
N THR C 74 -5.37 -29.23 -13.40
CA THR C 74 -6.71 -29.79 -13.46
C THR C 74 -6.74 -31.20 -14.04
N VAL C 75 -5.59 -31.81 -14.28
CA VAL C 75 -5.53 -33.23 -14.62
C VAL C 75 -5.67 -34.01 -13.32
N GLU C 76 -6.76 -34.79 -13.20
CA GLU C 76 -7.15 -35.39 -11.92
C GLU C 76 -6.00 -36.16 -11.30
N ASP C 77 -5.74 -35.86 -10.02
CA ASP C 77 -4.52 -36.14 -9.26
C ASP C 77 -3.39 -36.75 -10.09
N HIS C 78 -2.92 -36.00 -11.09
CA HIS C 78 -1.66 -36.34 -11.73
C HIS C 78 -0.54 -36.30 -10.70
N ASN C 79 0.28 -37.35 -10.67
CA ASN C 79 1.24 -37.50 -9.58
C ASN C 79 2.47 -36.60 -9.73
N THR C 80 2.56 -35.79 -10.78
CA THR C 80 3.59 -34.77 -10.89
C THR C 80 3.01 -33.36 -10.80
N GLN C 81 1.73 -33.23 -10.45
CA GLN C 81 1.06 -31.93 -10.39
C GLN C 81 0.43 -31.69 -9.02
N TYR C 82 1.03 -32.24 -7.98
CA TYR C 82 0.50 -32.09 -6.63
C TYR C 82 1.01 -30.80 -6.00
N PHE C 83 0.21 -30.26 -5.09
CA PHE C 83 0.63 -29.15 -4.24
C PHE C 83 0.75 -29.65 -2.80
N ASN C 84 1.78 -29.17 -2.11
CA ASN C 84 1.95 -29.40 -0.69
C ASN C 84 2.91 -28.37 -0.16
N PHE C 85 3.06 -28.36 1.16
CA PHE C 85 3.99 -27.45 1.82
C PHE C 85 4.75 -28.21 2.90
N VAL C 86 5.82 -27.61 3.38
CA VAL C 86 6.53 -28.08 4.56
C VAL C 86 6.14 -27.19 5.72
N GLU C 87 6.18 -27.75 6.92
CA GLU C 87 5.74 -27.06 8.13
C GLU C 87 6.94 -26.57 8.94
N LEU C 88 6.79 -25.40 9.54
CA LEU C 88 7.79 -24.82 10.41
C LEU C 88 7.08 -24.01 11.48
N PRO C 89 7.65 -23.89 12.67
CA PRO C 89 7.13 -22.92 13.63
C PRO C 89 7.40 -21.51 13.14
N ALA C 90 6.48 -20.60 13.44
CA ALA C 90 6.67 -19.21 13.06
C ALA C 90 7.92 -18.63 13.70
N ALA C 91 8.32 -19.16 14.85
CA ALA C 91 9.53 -18.70 15.53
C ALA C 91 10.80 -19.06 14.76
N ALA C 92 10.75 -20.07 13.89
CA ALA C 92 11.92 -20.46 13.12
C ALA C 92 12.37 -19.39 12.12
N LEU C 93 11.58 -18.34 11.93
CA LEU C 93 11.99 -17.25 11.05
C LEU C 93 13.23 -16.53 11.55
N ARG C 94 13.57 -16.67 12.83
CA ARG C 94 14.78 -16.05 13.37
C ARG C 94 16.05 -16.59 12.73
N PHE C 95 15.99 -17.78 12.13
CA PHE C 95 17.16 -18.44 11.57
C PHE C 95 17.12 -18.51 10.05
N MET C 96 16.17 -17.85 9.42
CA MET C 96 15.99 -17.86 7.97
C MET C 96 16.22 -16.47 7.40
N PRO C 97 16.48 -16.36 6.10
CA PRO C 97 16.56 -15.03 5.49
C PRO C 97 15.30 -14.23 5.72
N LYS C 98 15.47 -12.93 5.95
CA LYS C 98 14.32 -12.09 6.22
C LYS C 98 13.41 -12.06 5.00
N PRO C 99 12.12 -12.36 5.14
CA PRO C 99 11.28 -12.59 3.98
C PRO C 99 10.95 -11.31 3.23
N VAL C 100 10.57 -11.49 1.97
CA VAL C 100 10.08 -10.42 1.12
C VAL C 100 8.59 -10.66 0.91
N PHE C 101 7.78 -9.66 1.26
CA PHE C 101 6.34 -9.79 1.23
C PHE C 101 5.79 -9.47 -0.16
N VAL C 102 4.93 -10.35 -0.66
CA VAL C 102 4.19 -10.09 -1.90
C VAL C 102 2.75 -9.77 -1.51
N PRO C 103 2.35 -8.49 -1.52
CA PRO C 103 1.06 -8.12 -0.94
C PRO C 103 -0.13 -8.29 -1.87
N ASP C 104 0.07 -8.27 -3.18
CA ASP C 104 -1.04 -8.43 -4.11
C ASP C 104 -1.55 -9.86 -4.08
N VAL C 105 -2.87 -10.02 -4.26
CA VAL C 105 -3.46 -11.35 -4.21
C VAL C 105 -2.93 -12.19 -5.37
N ALA C 106 -2.69 -13.46 -5.10
CA ALA C 106 -2.08 -14.35 -6.07
C ALA C 106 -2.97 -15.58 -6.30
N LEU C 107 -2.90 -16.09 -7.52
CA LEU C 107 -3.47 -17.39 -7.87
C LEU C 107 -2.33 -18.28 -8.31
N ILE C 108 -2.10 -19.37 -7.57
CA ILE C 108 -0.98 -20.27 -7.80
C ILE C 108 -1.51 -21.55 -8.42
N ALA C 109 -0.97 -21.93 -9.57
CA ALA C 109 -1.46 -23.09 -10.30
C ALA C 109 -0.35 -23.62 -11.21
N ASN C 110 -0.60 -24.80 -11.77
CA ASN C 110 0.33 -25.47 -12.67
C ASN C 110 -0.30 -25.61 -14.05
N ARG C 111 0.40 -25.15 -15.07
CA ARG C 111 0.01 -25.43 -16.45
C ARG C 111 0.46 -26.83 -16.82
N PHE C 112 -0.45 -27.61 -17.43
CA PHE C 112 -0.12 -29.00 -17.71
C PHE C 112 0.84 -29.13 -18.89
N ASN C 113 0.51 -28.46 -20.00
CA ASN C 113 1.34 -28.52 -21.21
C ASN C 113 1.23 -27.20 -21.94
N PRO C 114 2.07 -26.22 -21.61
CA PRO C 114 1.95 -24.89 -22.22
C PRO C 114 2.30 -24.83 -23.69
N ASP C 115 2.68 -25.94 -24.32
CA ASP C 115 3.03 -25.95 -25.74
C ASP C 115 1.94 -26.54 -26.62
N ASN C 116 0.89 -27.10 -26.03
CA ASN C 116 -0.22 -27.68 -26.77
C ASN C 116 -1.45 -26.81 -26.60
N LEU C 117 -2.06 -26.41 -27.72
CA LEU C 117 -3.17 -25.48 -27.67
C LEU C 117 -4.39 -26.10 -26.99
N MET C 118 -4.61 -27.40 -27.19
CA MET C 118 -5.73 -28.07 -26.51
C MET C 118 -5.51 -28.08 -25.01
N HIS C 119 -4.30 -28.42 -24.56
CA HIS C 119 -4.00 -28.41 -23.14
C HIS C 119 -4.08 -26.99 -22.56
N VAL C 120 -3.65 -25.99 -23.33
CA VAL C 120 -3.65 -24.62 -22.84
C VAL C 120 -5.07 -24.15 -22.55
N PHE C 121 -6.00 -24.43 -23.48
CA PHE C 121 -7.36 -23.96 -23.32
C PHE C 121 -8.16 -24.82 -22.34
N HIS C 122 -8.02 -26.14 -22.43
CA HIS C 122 -8.87 -27.03 -21.64
C HIS C 122 -8.38 -27.15 -20.21
N ASP C 123 -7.06 -27.24 -20.00
CA ASP C 123 -6.51 -27.46 -18.67
C ASP C 123 -6.23 -26.18 -17.91
N ASP C 124 -5.94 -25.08 -18.62
CA ASP C 124 -5.47 -23.86 -17.97
C ASP C 124 -6.41 -22.68 -18.17
N LEU C 125 -6.62 -22.24 -19.41
CA LEU C 125 -7.28 -20.96 -19.64
C LEU C 125 -8.71 -20.96 -19.12
N LEU C 126 -9.51 -21.94 -19.51
CA LEU C 126 -10.88 -22.01 -19.02
C LEU C 126 -10.95 -22.23 -17.50
N PRO C 127 -10.20 -23.17 -16.92
CA PRO C 127 -10.22 -23.27 -15.44
C PRO C 127 -9.75 -22.00 -14.74
N LEU C 128 -8.71 -21.35 -15.25
CA LEU C 128 -8.23 -20.11 -14.63
C LEU C 128 -9.30 -19.02 -14.70
N PHE C 129 -9.98 -18.91 -15.85
CA PHE C 129 -10.95 -17.85 -16.04
C PHE C 129 -12.07 -17.89 -14.99
N TYR C 130 -12.58 -19.09 -14.70
CA TYR C 130 -13.70 -19.23 -13.78
C TYR C 130 -13.27 -19.54 -12.35
N THR C 131 -12.03 -19.99 -12.14
CA THR C 131 -11.51 -20.06 -10.77
C THR C 131 -11.28 -18.66 -10.22
N LEU C 132 -10.77 -17.75 -11.04
CA LEU C 132 -10.63 -16.36 -10.62
C LEU C 132 -11.97 -15.77 -10.21
N ARG C 133 -13.02 -16.02 -11.00
CA ARG C 133 -14.34 -15.49 -10.73
C ARG C 133 -15.08 -16.22 -9.61
N GLN C 134 -14.50 -17.30 -9.07
CA GLN C 134 -15.11 -17.98 -7.94
C GLN C 134 -15.02 -17.14 -6.66
N PHE C 135 -13.94 -16.37 -6.53
CA PHE C 135 -13.70 -15.57 -5.34
C PHE C 135 -13.72 -14.08 -5.69
N PRO C 136 -14.35 -13.26 -4.85
CA PRO C 136 -14.44 -11.83 -5.16
C PRO C 136 -13.08 -11.15 -5.14
N GLY C 137 -12.87 -10.24 -6.09
CA GLY C 137 -11.65 -9.45 -6.12
C GLY C 137 -10.45 -10.12 -6.73
N LEU C 138 -10.66 -11.17 -7.54
CA LEU C 138 -9.55 -11.87 -8.18
C LEU C 138 -9.48 -11.67 -9.68
N ALA C 139 -10.62 -11.54 -10.37
CA ALA C 139 -10.63 -11.47 -11.82
C ALA C 139 -9.95 -10.22 -12.38
N HIS C 140 -9.88 -9.15 -11.59
CA HIS C 140 -9.27 -7.91 -12.05
C HIS C 140 -8.12 -7.45 -11.16
N GLU C 141 -7.62 -8.32 -10.28
CA GLU C 141 -6.53 -7.95 -9.37
C GLU C 141 -5.45 -9.02 -9.23
N ALA C 142 -5.77 -10.30 -9.39
CA ALA C 142 -4.80 -11.35 -9.09
C ALA C 142 -3.70 -11.40 -10.13
N ARG C 143 -2.50 -11.73 -9.67
CA ARG C 143 -1.37 -12.07 -10.53
C ARG C 143 -1.23 -13.59 -10.52
N LEU C 144 -1.11 -14.18 -11.71
CA LEU C 144 -0.98 -15.63 -11.81
C LEU C 144 0.47 -16.06 -11.56
N PHE C 145 0.63 -17.12 -10.79
CA PHE C 145 1.93 -17.73 -10.53
C PHE C 145 1.88 -19.17 -11.04
N PHE C 146 2.65 -19.44 -12.10
CA PHE C 146 2.72 -20.77 -12.68
C PHE C 146 3.96 -21.47 -12.13
N MET C 147 3.76 -22.63 -11.50
CA MET C 147 4.81 -23.31 -10.76
C MET C 147 5.18 -24.68 -11.33
N GLU C 148 4.69 -25.02 -12.52
CA GLU C 148 4.92 -26.36 -13.06
C GLU C 148 6.38 -26.55 -13.48
N GLY C 149 7.07 -25.48 -13.87
CA GLY C 149 8.48 -25.56 -14.23
C GLY C 149 8.77 -25.38 -15.70
N TRP C 150 7.76 -25.18 -16.55
CA TRP C 150 7.99 -24.96 -17.96
C TRP C 150 8.35 -23.51 -18.23
N GLY C 151 8.85 -23.25 -19.43
CA GLY C 151 9.03 -21.90 -19.90
C GLY C 151 7.70 -21.25 -20.24
N GLU C 152 7.79 -20.07 -20.84
CA GLU C 152 6.57 -19.36 -21.24
C GLU C 152 5.76 -20.18 -22.24
N GLY C 153 6.43 -20.81 -23.20
CA GLY C 153 5.75 -21.64 -24.17
C GLY C 153 5.24 -20.84 -25.36
N ALA C 154 4.69 -21.58 -26.32
CA ALA C 154 4.26 -20.98 -27.57
C ALA C 154 3.02 -20.10 -27.44
N HIS C 155 2.26 -20.24 -26.35
CA HIS C 155 1.00 -19.53 -26.21
C HIS C 155 0.96 -18.71 -24.91
N PHE C 156 2.09 -18.15 -24.50
CA PHE C 156 2.13 -17.38 -23.27
C PHE C 156 1.28 -16.12 -23.37
N ASP C 157 1.13 -15.55 -24.57
CA ASP C 157 0.32 -14.35 -24.72
C ASP C 157 -1.15 -14.61 -24.39
N LEU C 158 -1.60 -15.86 -24.57
CA LEU C 158 -2.98 -16.20 -24.18
C LEU C 158 -3.13 -16.18 -22.67
N TYR C 159 -2.14 -16.71 -21.94
CA TYR C 159 -2.16 -16.62 -20.49
C TYR C 159 -2.14 -15.18 -20.00
N LYS C 160 -1.51 -14.28 -20.77
CA LYS C 160 -1.43 -12.89 -20.38
C LYS C 160 -2.81 -12.22 -20.39
N LEU C 161 -3.72 -12.68 -21.25
CA LEU C 161 -5.02 -12.06 -21.38
C LEU C 161 -5.92 -12.33 -20.18
N LEU C 162 -5.61 -13.34 -19.37
CA LEU C 162 -6.44 -13.65 -18.21
C LEU C 162 -6.15 -12.69 -17.06
N SER C 163 -4.97 -12.80 -16.45
CA SER C 163 -4.63 -11.91 -15.35
C SER C 163 -4.32 -10.51 -15.87
N PRO C 164 -4.71 -9.47 -15.14
CA PRO C 164 -4.31 -8.12 -15.54
C PRO C 164 -2.85 -7.80 -15.22
N LYS C 165 -2.23 -8.57 -14.34
CA LYS C 165 -0.83 -8.41 -14.01
C LYS C 165 -0.01 -9.49 -14.71
N GLN C 166 1.23 -9.15 -15.03
CA GLN C 166 2.12 -10.05 -15.75
C GLN C 166 2.27 -11.36 -14.99
N PRO C 167 1.93 -12.50 -15.59
CA PRO C 167 2.11 -13.78 -14.89
C PRO C 167 3.59 -14.10 -14.72
N LEU C 168 3.91 -14.71 -13.59
CA LEU C 168 5.27 -15.08 -13.26
C LEU C 168 5.43 -16.60 -13.27
N LEU C 169 6.62 -17.04 -13.66
CA LEU C 169 6.97 -18.45 -13.65
C LEU C 169 7.81 -18.77 -12.41
N ARG C 170 7.86 -20.05 -12.05
CA ARG C 170 8.57 -20.47 -10.85
C ARG C 170 10.05 -20.11 -10.92
N ALA C 171 10.65 -20.20 -12.11
CA ALA C 171 12.06 -19.89 -12.26
C ALA C 171 12.35 -18.41 -12.07
N GLN C 172 11.36 -17.54 -12.22
CA GLN C 172 11.56 -16.10 -12.09
C GLN C 172 11.42 -15.60 -10.66
N LEU C 173 10.88 -16.39 -9.75
CA LEU C 173 10.63 -15.92 -8.39
C LEU C 173 11.91 -15.66 -7.61
N LYS C 174 13.03 -16.26 -8.01
CA LYS C 174 14.27 -16.08 -7.27
C LYS C 174 14.73 -14.63 -7.27
N THR C 175 14.41 -13.88 -8.34
CA THR C 175 14.83 -12.49 -8.44
C THR C 175 14.05 -11.56 -7.51
N LEU C 176 12.97 -12.04 -6.91
CA LEU C 176 12.21 -11.26 -5.94
C LEU C 176 12.72 -11.41 -4.51
N GLY C 177 13.62 -12.37 -4.26
CA GLY C 177 14.10 -12.62 -2.91
C GLY C 177 14.27 -14.09 -2.62
N ARG C 178 15.00 -14.43 -1.56
CA ARG C 178 15.22 -15.82 -1.22
C ARG C 178 13.98 -16.44 -0.58
N LEU C 179 13.32 -15.72 0.32
CA LEU C 179 12.13 -16.19 1.01
C LEU C 179 10.99 -15.22 0.73
N LEU C 180 10.00 -15.67 -0.04
CA LEU C 180 8.82 -14.88 -0.34
C LEU C 180 7.66 -15.31 0.55
N CYS C 181 6.85 -14.35 0.97
CA CYS C 181 5.67 -14.58 1.79
C CYS C 181 4.49 -13.84 1.19
N PHE C 182 3.48 -14.60 0.77
CA PHE C 182 2.32 -14.00 0.13
C PHE C 182 1.33 -13.49 1.18
N SER C 183 0.90 -12.24 1.03
CA SER C 183 -0.15 -11.72 1.92
C SER C 183 -1.44 -12.51 1.77
N HIS C 184 -1.76 -12.90 0.54
CA HIS C 184 -3.09 -13.41 0.22
C HIS C 184 -2.96 -14.20 -1.08
N ALA C 185 -2.98 -15.53 -0.98
CA ALA C 185 -2.75 -16.38 -2.14
C ALA C 185 -3.80 -17.48 -2.22
N PHE C 186 -4.28 -17.73 -3.42
CA PHE C 186 -5.20 -18.82 -3.71
C PHE C 186 -4.46 -19.88 -4.50
N VAL C 187 -4.61 -21.14 -4.09
CA VAL C 187 -3.87 -22.26 -4.67
C VAL C 187 -4.89 -23.27 -5.18
N GLY C 188 -4.73 -23.66 -6.45
CA GLY C 188 -5.57 -24.67 -7.06
C GLY C 188 -6.44 -24.09 -8.17
N LEU C 189 -7.01 -25.01 -8.94
CA LEU C 189 -7.91 -24.66 -10.03
C LEU C 189 -9.12 -25.57 -10.01
N SER C 190 -10.28 -25.00 -10.30
CA SER C 190 -11.49 -25.80 -10.42
C SER C 190 -11.44 -26.67 -11.66
N LYS C 191 -11.97 -27.89 -11.52
CA LYS C 191 -12.12 -28.80 -12.66
C LYS C 191 -13.49 -28.69 -13.31
N ILE C 192 -14.27 -27.66 -12.96
CA ILE C 192 -15.68 -27.62 -13.34
C ILE C 192 -15.90 -27.37 -14.82
N THR C 193 -14.92 -26.80 -15.52
CA THR C 193 -15.05 -26.54 -16.95
C THR C 193 -14.43 -27.62 -17.82
N THR C 194 -13.76 -28.61 -17.22
CA THR C 194 -13.16 -29.67 -18.00
C THR C 194 -14.22 -30.61 -18.54
N TRP C 195 -13.94 -31.18 -19.72
CA TRP C 195 -14.83 -32.14 -20.35
C TRP C 195 -14.11 -33.39 -20.86
N TYR C 196 -12.80 -33.47 -20.71
CA TYR C 196 -12.02 -34.55 -21.28
C TYR C 196 -10.92 -34.98 -20.31
N GLN C 197 -10.59 -36.27 -20.36
CA GLN C 197 -9.46 -36.82 -19.62
C GLN C 197 -8.56 -37.57 -20.59
N TYR C 198 -7.25 -37.49 -20.36
CA TYR C 198 -6.27 -37.90 -21.35
C TYR C 198 -5.84 -39.35 -21.21
N GLY C 199 -6.48 -40.14 -20.36
CA GLY C 199 -6.27 -41.56 -20.35
C GLY C 199 -5.13 -42.08 -19.50
N PHE C 200 -5.00 -41.57 -18.27
CA PHE C 200 -3.91 -42.01 -17.42
C PHE C 200 -4.22 -43.31 -16.67
N VAL C 201 -5.50 -43.58 -16.41
CA VAL C 201 -5.92 -44.80 -15.73
C VAL C 201 -6.76 -45.69 -16.64
N GLN C 202 -7.82 -45.13 -17.22
CA GLN C 202 -8.61 -45.77 -18.26
C GLN C 202 -8.36 -45.07 -19.59
N PRO C 203 -8.64 -45.72 -20.72
CA PRO C 203 -8.38 -45.07 -22.02
C PRO C 203 -9.06 -43.71 -22.12
N GLN C 204 -8.43 -42.81 -22.89
CA GLN C 204 -8.87 -41.43 -22.96
C GLN C 204 -10.30 -41.34 -23.48
N GLY C 205 -10.98 -40.26 -23.11
CA GLY C 205 -12.35 -40.05 -23.49
C GLY C 205 -12.99 -38.90 -22.71
N PRO C 206 -14.28 -38.67 -22.95
CA PRO C 206 -14.96 -37.58 -22.24
C PRO C 206 -15.14 -37.92 -20.77
N LYS C 207 -15.21 -36.87 -19.95
CA LYS C 207 -15.49 -37.06 -18.53
C LYS C 207 -16.90 -37.56 -18.33
N ALA C 208 -17.09 -38.40 -17.29
CA ALA C 208 -18.38 -39.02 -17.06
C ALA C 208 -19.46 -37.98 -16.77
N ASN C 209 -19.12 -36.94 -16.00
CA ASN C 209 -20.06 -35.92 -15.58
C ASN C 209 -19.50 -34.54 -15.95
N ILE C 210 -19.82 -34.09 -17.15
CA ILE C 210 -19.40 -32.76 -17.60
C ILE C 210 -20.34 -31.73 -16.97
N LEU C 211 -19.76 -30.73 -16.31
CA LEU C 211 -20.52 -29.74 -15.56
C LEU C 211 -20.56 -28.38 -16.25
N VAL C 212 -20.07 -28.29 -17.48
CA VAL C 212 -20.08 -27.04 -18.24
C VAL C 212 -20.88 -27.25 -19.51
N SER C 213 -21.57 -26.19 -19.93
CA SER C 213 -22.35 -26.19 -21.17
C SER C 213 -21.73 -25.21 -22.16
N GLY C 214 -22.31 -25.14 -23.36
CA GLY C 214 -21.78 -24.27 -24.38
C GLY C 214 -21.91 -22.80 -24.04
N ASN C 215 -22.87 -22.44 -23.18
CA ASN C 215 -23.04 -21.04 -22.80
C ASN C 215 -21.83 -20.53 -22.03
N GLU C 216 -21.37 -21.30 -21.05
CA GLU C 216 -20.20 -20.88 -20.28
C GLU C 216 -18.94 -20.90 -21.13
N ILE C 217 -18.85 -21.81 -22.10
CA ILE C 217 -17.74 -21.82 -23.04
C ILE C 217 -17.74 -20.53 -23.85
N ARG C 218 -18.91 -20.14 -24.37
CA ARG C 218 -18.98 -18.99 -25.26
C ARG C 218 -18.79 -17.68 -24.51
N GLN C 219 -19.26 -17.59 -23.26
CA GLN C 219 -19.00 -16.39 -22.46
C GLN C 219 -17.50 -16.21 -22.25
N PHE C 220 -16.78 -17.32 -22.05
CA PHE C 220 -15.32 -17.25 -21.99
C PHE C 220 -14.73 -16.88 -23.34
N ALA C 221 -15.30 -17.42 -24.43
CA ALA C 221 -14.80 -17.10 -25.76
C ALA C 221 -14.95 -15.63 -26.06
N ARG C 222 -16.10 -15.04 -25.72
CA ARG C 222 -16.32 -13.62 -25.95
C ARG C 222 -15.30 -12.78 -25.19
N PHE C 223 -14.97 -13.17 -23.96
CA PHE C 223 -13.94 -12.47 -23.21
C PHE C 223 -12.60 -12.54 -23.93
N MET C 224 -12.27 -13.69 -24.51
CA MET C 224 -10.99 -13.84 -25.19
C MET C 224 -10.96 -13.04 -26.50
N THR C 225 -12.04 -13.10 -27.27
CA THR C 225 -12.07 -12.35 -28.53
C THR C 225 -11.92 -10.86 -28.30
N GLU C 226 -12.55 -10.34 -27.25
CA GLU C 226 -12.45 -8.91 -26.96
C GLU C 226 -11.06 -8.54 -26.46
N LYS C 227 -10.46 -9.38 -25.61
CA LYS C 227 -9.10 -9.12 -25.17
C LYS C 227 -8.12 -9.16 -26.33
N LEU C 228 -8.43 -9.94 -27.37
CA LEU C 228 -7.61 -9.99 -28.58
C LEU C 228 -7.91 -8.85 -29.54
N ASN C 229 -8.83 -7.95 -29.20
CA ASN C 229 -9.23 -6.84 -30.07
C ASN C 229 -9.65 -7.34 -31.43
N ALA C 230 -10.39 -8.46 -31.45
CA ALA C 230 -10.67 -9.20 -32.68
C ALA C 230 -12.19 -9.38 -32.86
N SER C 231 -12.91 -8.27 -32.88
CA SER C 231 -14.34 -8.31 -33.17
C SER C 231 -14.83 -6.95 -33.68
N ALA C 238 -22.18 -11.12 -46.79
CA ALA C 238 -20.78 -10.78 -46.99
C ALA C 238 -19.97 -12.03 -47.33
N ALA C 239 -20.60 -12.95 -48.05
CA ALA C 239 -20.00 -14.20 -48.49
C ALA C 239 -19.60 -15.10 -47.32
N GLU C 240 -20.49 -16.00 -46.93
CA GLU C 240 -20.15 -17.03 -45.96
C GLU C 240 -19.09 -17.95 -46.54
N TYR C 241 -18.25 -18.51 -45.67
CA TYR C 241 -17.10 -19.28 -46.12
C TYR C 241 -16.93 -20.54 -45.29
N ILE C 242 -16.08 -21.43 -45.78
CA ILE C 242 -15.66 -22.64 -45.09
C ILE C 242 -14.19 -22.48 -44.74
N LEU C 243 -13.83 -22.84 -43.51
CA LEU C 243 -12.46 -22.69 -43.03
C LEU C 243 -11.81 -24.05 -42.87
N VAL C 244 -10.64 -24.20 -43.48
CA VAL C 244 -9.83 -25.42 -43.37
C VAL C 244 -8.61 -25.09 -42.51
N PHE C 245 -8.47 -25.77 -41.38
CA PHE C 245 -7.37 -25.54 -40.46
C PHE C 245 -6.20 -26.43 -40.88
N ALA C 246 -5.25 -25.86 -41.58
CA ALA C 246 -4.12 -26.63 -42.10
C ALA C 246 -3.11 -26.92 -41.00
N ARG C 247 -2.51 -28.10 -41.06
CA ARG C 247 -1.34 -28.44 -40.27
C ARG C 247 -0.11 -28.35 -41.17
N THR C 248 1.00 -27.84 -40.63
CA THR C 248 2.13 -27.51 -41.48
C THR C 248 3.34 -28.42 -41.33
N GLN C 249 3.44 -29.20 -40.25
CA GLN C 249 4.65 -30.01 -40.04
C GLN C 249 4.40 -31.48 -39.77
N ASN C 250 3.24 -31.86 -39.25
CA ASN C 250 2.93 -33.29 -39.14
C ASN C 250 1.42 -33.48 -39.20
N ARG C 251 1.02 -34.74 -39.37
CA ARG C 251 -0.37 -35.15 -39.55
C ARG C 251 -1.02 -34.30 -40.65
N LEU C 252 -0.38 -34.30 -41.81
CA LEU C 252 -0.71 -33.37 -42.87
C LEU C 252 -1.81 -33.90 -43.78
N ILE C 253 -2.56 -32.97 -44.38
CA ILE C 253 -3.42 -33.27 -45.51
C ILE C 253 -2.58 -33.07 -46.77
N LEU C 254 -2.43 -34.13 -47.55
CA LEU C 254 -1.56 -34.08 -48.72
C LEU C 254 -2.24 -33.49 -49.95
N ASN C 255 -3.55 -33.67 -50.08
CA ASN C 255 -4.30 -33.09 -51.19
C ASN C 255 -5.11 -31.89 -50.71
N GLU C 256 -4.41 -30.93 -50.11
CA GLU C 256 -5.07 -29.75 -49.56
C GLU C 256 -5.73 -28.94 -50.66
N ALA C 257 -5.01 -28.68 -51.75
CA ALA C 257 -5.59 -27.93 -52.87
C ALA C 257 -6.80 -28.65 -53.44
N GLU C 258 -6.71 -29.97 -53.61
CA GLU C 258 -7.86 -30.74 -54.06
C GLU C 258 -9.03 -30.64 -53.08
N LEU C 259 -8.73 -30.51 -51.78
CA LEU C 259 -9.78 -30.45 -50.79
C LEU C 259 -10.52 -29.11 -50.84
N LEU C 260 -9.79 -28.00 -50.98
CA LEU C 260 -10.41 -26.69 -50.97
C LEU C 260 -11.37 -26.50 -52.14
N ALA C 261 -10.90 -26.81 -53.36
CA ALA C 261 -11.74 -26.63 -54.53
C ALA C 261 -12.96 -27.53 -54.48
N ALA C 262 -12.80 -28.77 -54.03
CA ALA C 262 -13.92 -29.69 -53.96
C ALA C 262 -14.94 -29.27 -52.91
N LEU C 263 -14.48 -28.67 -51.80
CA LEU C 263 -15.42 -28.18 -50.80
C LEU C 263 -16.13 -26.93 -51.30
N ALA C 264 -15.42 -26.06 -52.03
CA ALA C 264 -16.02 -24.84 -52.53
C ALA C 264 -17.11 -25.12 -53.54
N GLN C 265 -16.91 -26.13 -54.40
CA GLN C 265 -17.89 -26.43 -55.44
C GLN C 265 -19.06 -27.24 -54.89
N GLU C 266 -18.80 -28.14 -53.95
CA GLU C 266 -19.87 -28.98 -53.41
C GLU C 266 -20.88 -28.17 -52.63
N PHE C 267 -20.41 -27.23 -51.81
CA PHE C 267 -21.29 -26.43 -50.95
C PHE C 267 -21.52 -25.03 -51.48
N GLN C 268 -20.92 -24.68 -52.64
CA GLN C 268 -21.14 -23.40 -53.30
C GLN C 268 -20.82 -22.22 -52.38
N MET C 269 -19.73 -22.36 -51.62
CA MET C 269 -19.23 -21.29 -50.76
C MET C 269 -17.75 -21.08 -51.04
N LYS C 270 -17.24 -19.94 -50.59
CA LYS C 270 -15.81 -19.72 -50.59
C LYS C 270 -15.16 -20.56 -49.49
N THR C 271 -13.94 -21.04 -49.75
CA THR C 271 -13.18 -21.82 -48.78
C THR C 271 -11.86 -21.11 -48.52
N VAL C 272 -11.51 -20.97 -47.23
CA VAL C 272 -10.31 -20.27 -46.81
C VAL C 272 -9.44 -21.21 -45.98
N THR C 273 -8.17 -20.83 -45.84
CA THR C 273 -7.17 -21.62 -45.14
C THR C 273 -6.61 -20.82 -43.96
N VAL C 274 -6.45 -21.50 -42.83
CA VAL C 274 -5.87 -20.90 -41.62
C VAL C 274 -4.86 -21.87 -41.04
N SER C 275 -3.86 -21.33 -40.34
CA SER C 275 -2.89 -22.14 -39.64
C SER C 275 -2.37 -21.35 -38.44
N LEU C 276 -1.93 -22.08 -37.42
CA LEU C 276 -1.38 -21.42 -36.23
C LEU C 276 -0.01 -20.83 -36.51
N GLU C 277 0.72 -21.39 -37.47
CA GLU C 277 2.10 -20.98 -37.70
C GLU C 277 2.19 -19.65 -38.45
N ASP C 278 1.35 -19.47 -39.47
CA ASP C 278 1.45 -18.31 -40.35
C ASP C 278 0.54 -17.16 -39.96
N HIS C 279 -0.33 -17.34 -38.98
CA HIS C 279 -1.26 -16.30 -38.55
C HIS C 279 -1.00 -15.95 -37.08
N THR C 280 -1.33 -14.72 -36.72
CA THR C 280 -1.47 -14.38 -35.31
C THR C 280 -2.74 -15.04 -34.77
N PHE C 281 -2.78 -15.23 -33.45
CA PHE C 281 -3.94 -15.90 -32.88
C PHE C 281 -5.19 -15.04 -32.94
N ALA C 282 -5.03 -13.71 -32.88
CA ALA C 282 -6.17 -12.82 -33.08
C ALA C 282 -6.74 -12.96 -34.49
N ASP C 283 -5.88 -13.22 -35.47
CA ASP C 283 -6.36 -13.44 -36.84
C ASP C 283 -7.03 -14.80 -36.97
N VAL C 284 -6.51 -15.82 -36.28
CA VAL C 284 -7.16 -17.12 -36.27
C VAL C 284 -8.54 -17.02 -35.65
N VAL C 285 -8.65 -16.30 -34.54
CA VAL C 285 -9.94 -16.11 -33.88
C VAL C 285 -10.90 -15.35 -34.80
N ARG C 286 -10.38 -14.35 -35.52
CA ARG C 286 -11.20 -13.62 -36.48
C ARG C 286 -11.79 -14.55 -37.53
N LEU C 287 -10.95 -15.42 -38.10
CA LEU C 287 -11.40 -16.32 -39.16
C LEU C 287 -12.34 -17.39 -38.61
N VAL C 288 -11.99 -17.98 -37.47
CA VAL C 288 -12.80 -19.08 -36.93
C VAL C 288 -14.17 -18.57 -36.50
N SER C 289 -14.23 -17.40 -35.88
CA SER C 289 -15.47 -16.90 -35.32
C SER C 289 -16.52 -16.56 -36.38
N ASN C 290 -16.15 -16.52 -37.66
CA ASN C 290 -17.09 -16.25 -38.73
C ASN C 290 -17.25 -17.41 -39.70
N ALA C 291 -16.57 -18.53 -39.46
CA ALA C 291 -16.67 -19.67 -40.37
C ALA C 291 -18.03 -20.35 -40.24
N SER C 292 -18.60 -20.73 -41.39
CA SER C 292 -19.81 -21.53 -41.41
C SER C 292 -19.54 -23.00 -41.21
N MET C 293 -18.29 -23.43 -41.41
CA MET C 293 -17.91 -24.82 -41.26
C MET C 293 -16.39 -24.88 -41.10
N LEU C 294 -15.93 -25.70 -40.16
CA LEU C 294 -14.51 -25.84 -39.86
C LEU C 294 -14.06 -27.26 -40.21
N VAL C 295 -13.14 -27.36 -41.17
CA VAL C 295 -12.59 -28.64 -41.60
C VAL C 295 -11.14 -28.71 -41.10
N SER C 296 -10.80 -29.81 -40.44
CA SER C 296 -9.46 -29.94 -39.89
C SER C 296 -9.16 -31.38 -39.56
N MET C 297 -7.91 -31.77 -39.77
CA MET C 297 -7.42 -33.04 -39.24
C MET C 297 -7.39 -33.00 -37.72
N HIS C 298 -7.62 -34.15 -37.10
CA HIS C 298 -7.61 -34.26 -35.65
C HIS C 298 -6.31 -33.71 -35.09
N GLY C 299 -6.41 -32.74 -34.20
CA GLY C 299 -5.23 -32.11 -33.66
C GLY C 299 -5.60 -30.96 -32.74
N ALA C 300 -4.57 -30.44 -32.07
CA ALA C 300 -4.78 -29.44 -31.02
C ALA C 300 -5.43 -28.17 -31.55
N GLN C 301 -5.22 -27.85 -32.82
CA GLN C 301 -5.80 -26.62 -33.39
C GLN C 301 -7.31 -26.66 -33.41
N LEU C 302 -7.92 -27.84 -33.33
CA LEU C 302 -9.38 -27.94 -33.35
C LEU C 302 -10.02 -27.51 -32.04
N VAL C 303 -9.24 -27.17 -31.01
CA VAL C 303 -9.82 -26.60 -29.81
C VAL C 303 -10.39 -25.22 -30.07
N THR C 304 -10.01 -24.60 -31.20
CA THR C 304 -10.56 -23.31 -31.60
C THR C 304 -12.01 -23.46 -32.00
N THR C 305 -12.53 -24.69 -31.93
CA THR C 305 -13.95 -24.94 -32.13
C THR C 305 -14.80 -24.07 -31.21
N LEU C 306 -14.30 -23.77 -30.02
CA LEU C 306 -15.04 -22.96 -29.06
C LEU C 306 -15.24 -21.52 -29.51
N PHE C 307 -14.58 -21.10 -30.59
CA PHE C 307 -14.78 -19.77 -31.16
C PHE C 307 -15.76 -19.76 -32.33
N LEU C 308 -16.25 -20.92 -32.74
CA LEU C 308 -17.14 -20.99 -33.88
C LEU C 308 -18.49 -20.36 -33.55
N PRO C 309 -19.15 -19.76 -34.53
CA PRO C 309 -20.49 -19.21 -34.30
C PRO C 309 -21.54 -20.32 -34.22
N ARG C 310 -22.66 -19.97 -33.59
CA ARG C 310 -23.76 -20.92 -33.47
C ARG C 310 -24.27 -21.32 -34.85
N GLY C 311 -24.46 -22.62 -35.05
CA GLY C 311 -24.92 -23.13 -36.32
C GLY C 311 -23.83 -23.60 -37.27
N ALA C 312 -22.56 -23.47 -36.88
CA ALA C 312 -21.48 -23.97 -37.71
C ALA C 312 -21.36 -25.48 -37.59
N THR C 313 -20.52 -26.06 -38.44
CA THR C 313 -20.31 -27.51 -38.46
C THR C 313 -18.83 -27.81 -38.37
N VAL C 314 -18.47 -28.75 -37.49
CA VAL C 314 -17.10 -29.21 -37.34
C VAL C 314 -16.92 -30.48 -38.16
N VAL C 315 -15.91 -30.49 -39.01
CA VAL C 315 -15.56 -31.66 -39.82
C VAL C 315 -14.17 -32.10 -39.38
N GLU C 316 -14.11 -33.16 -38.59
CA GLU C 316 -12.83 -33.68 -38.10
C GLU C 316 -12.42 -34.89 -38.93
N LEU C 317 -11.17 -34.89 -39.37
CA LEU C 317 -10.61 -35.96 -40.18
C LEU C 317 -9.63 -36.77 -39.36
N PHE C 318 -9.67 -38.09 -39.51
CA PHE C 318 -8.81 -38.98 -38.75
C PHE C 318 -7.96 -39.85 -39.66
N PRO C 319 -6.69 -40.05 -39.32
CA PRO C 319 -5.82 -40.87 -40.17
C PRO C 319 -6.22 -42.34 -40.20
N TYR C 320 -5.51 -43.13 -41.01
CA TYR C 320 -5.79 -44.55 -41.13
C TYR C 320 -5.58 -45.26 -39.79
N ALA C 321 -6.45 -46.22 -39.50
CA ALA C 321 -6.45 -47.05 -38.30
C ALA C 321 -6.74 -46.27 -37.02
N VAL C 322 -7.25 -45.04 -37.12
CA VAL C 322 -7.57 -44.22 -35.97
C VAL C 322 -9.08 -44.16 -35.85
N ASN C 323 -9.63 -44.85 -34.86
CA ASN C 323 -11.07 -44.87 -34.64
C ASN C 323 -11.53 -43.52 -34.11
N PRO C 324 -12.42 -42.82 -34.80
CA PRO C 324 -12.89 -41.51 -34.29
C PRO C 324 -13.62 -41.61 -32.96
N ASP C 325 -14.24 -42.75 -32.67
CA ASP C 325 -14.98 -42.90 -31.41
C ASP C 325 -14.05 -42.96 -30.20
N HIS C 326 -12.78 -43.28 -30.40
CA HIS C 326 -11.84 -43.44 -29.30
C HIS C 326 -11.11 -42.15 -28.94
N TYR C 327 -11.22 -41.11 -29.75
CA TYR C 327 -10.47 -39.86 -29.55
C TYR C 327 -11.44 -38.71 -29.79
N THR C 328 -12.14 -38.29 -28.73
CA THR C 328 -13.27 -37.41 -28.85
C THR C 328 -13.15 -36.07 -28.10
N PRO C 329 -11.97 -35.44 -27.97
CA PRO C 329 -11.94 -34.17 -27.24
C PRO C 329 -12.68 -33.05 -27.95
N TYR C 330 -12.62 -33.02 -29.29
CA TYR C 330 -13.27 -31.97 -30.04
C TYR C 330 -14.70 -32.34 -30.44
N LYS C 331 -14.99 -33.63 -30.55
CA LYS C 331 -16.39 -34.05 -30.68
C LYS C 331 -17.18 -33.71 -29.43
N THR C 332 -16.59 -33.98 -28.26
CA THR C 332 -17.27 -33.66 -27.00
C THR C 332 -17.48 -32.16 -26.87
N LEU C 333 -16.48 -31.36 -27.20
CA LEU C 333 -16.61 -29.91 -27.11
C LEU C 333 -17.70 -29.39 -28.05
N ALA C 334 -17.69 -29.87 -29.29
CA ALA C 334 -18.64 -29.38 -30.28
C ALA C 334 -20.07 -29.78 -29.95
N MET C 335 -20.28 -30.94 -29.33
CA MET C 335 -21.60 -31.45 -29.06
C MET C 335 -22.09 -31.17 -27.64
N LEU C 336 -21.41 -30.28 -26.92
CA LEU C 336 -21.91 -29.89 -25.61
C LEU C 336 -23.27 -29.21 -25.76
N PRO C 337 -24.20 -29.45 -24.85
CA PRO C 337 -25.47 -28.70 -24.89
C PRO C 337 -25.22 -27.20 -24.80
N GLY C 338 -26.00 -26.45 -25.57
CA GLY C 338 -25.82 -25.01 -25.68
C GLY C 338 -24.77 -24.58 -26.67
N MET C 339 -23.91 -25.49 -27.14
CA MET C 339 -22.88 -25.10 -28.10
C MET C 339 -23.48 -24.76 -29.46
N ASP C 340 -24.58 -25.41 -29.84
CA ASP C 340 -25.27 -25.16 -31.10
C ASP C 340 -24.34 -25.37 -32.29
N LEU C 341 -23.70 -26.54 -32.32
CA LEU C 341 -22.79 -26.91 -33.39
C LEU C 341 -23.12 -28.32 -33.88
N GLN C 342 -22.82 -28.57 -35.15
CA GLN C 342 -22.88 -29.90 -35.72
C GLN C 342 -21.46 -30.46 -35.82
N TYR C 343 -21.35 -31.78 -35.70
CA TYR C 343 -20.05 -32.45 -35.75
C TYR C 343 -20.15 -33.64 -36.69
N VAL C 344 -19.18 -33.77 -37.59
CA VAL C 344 -19.00 -34.96 -38.39
C VAL C 344 -17.55 -35.42 -38.28
N ALA C 345 -17.36 -36.73 -38.31
CA ALA C 345 -16.03 -37.33 -38.25
C ALA C 345 -15.83 -38.18 -39.49
N TRP C 346 -14.67 -38.02 -40.13
CA TRP C 346 -14.30 -38.81 -41.30
C TRP C 346 -13.02 -39.56 -41.01
N ARG C 347 -12.99 -40.84 -41.35
CA ARG C 347 -11.87 -41.72 -41.06
C ARG C 347 -11.29 -42.25 -42.36
N ASN C 348 -9.98 -42.12 -42.53
CA ASN C 348 -9.28 -42.64 -43.70
C ASN C 348 -9.28 -44.16 -43.64
N MET C 349 -10.11 -44.79 -44.47
CA MET C 349 -10.21 -46.25 -44.50
C MET C 349 -9.29 -46.89 -45.52
N MET C 350 -8.56 -46.10 -46.30
CA MET C 350 -7.80 -46.63 -47.43
C MET C 350 -6.30 -46.58 -47.15
N PRO C 351 -5.62 -47.72 -47.05
CA PRO C 351 -4.17 -47.70 -46.80
C PRO C 351 -3.37 -47.12 -47.94
N GLU C 352 -3.90 -47.12 -49.18
CA GLU C 352 -3.22 -46.46 -50.28
C GLU C 352 -3.14 -44.96 -50.07
N ASN C 353 -4.03 -44.38 -49.27
CA ASN C 353 -4.09 -42.96 -49.06
C ASN C 353 -3.41 -42.52 -47.77
N THR C 354 -2.90 -43.44 -46.97
CA THR C 354 -2.12 -43.09 -45.80
C THR C 354 -0.63 -43.11 -46.13
N VAL C 355 0.13 -42.30 -45.42
CA VAL C 355 1.57 -42.20 -45.59
C VAL C 355 2.19 -42.28 -44.20
N THR C 356 2.75 -43.43 -43.86
CA THR C 356 3.40 -43.62 -42.58
C THR C 356 4.87 -43.26 -42.67
N HIS C 357 5.47 -42.97 -41.52
CA HIS C 357 6.87 -42.58 -41.41
C HIS C 357 7.52 -43.47 -40.35
N PRO C 358 7.91 -44.69 -40.72
CA PRO C 358 8.39 -45.66 -39.73
C PRO C 358 9.80 -45.41 -39.22
N GLU C 359 10.53 -44.44 -39.79
CA GLU C 359 11.93 -44.24 -39.45
C GLU C 359 12.16 -42.99 -38.61
N ARG C 360 11.10 -42.32 -38.18
CA ARG C 360 11.24 -41.17 -37.30
C ARG C 360 11.52 -41.63 -35.87
N PRO C 361 12.01 -40.73 -35.01
CA PRO C 361 12.24 -41.12 -33.60
C PRO C 361 10.95 -41.56 -32.92
N TRP C 362 11.13 -42.10 -31.70
CA TRP C 362 10.00 -42.74 -31.02
C TRP C 362 8.91 -41.75 -30.68
N ASP C 363 9.27 -40.52 -30.31
CA ASP C 363 8.29 -39.51 -29.93
C ASP C 363 7.54 -38.92 -31.10
N GLN C 364 7.84 -39.33 -32.34
CA GLN C 364 7.24 -38.75 -33.53
C GLN C 364 6.58 -39.77 -34.44
N GLY C 365 6.54 -41.05 -34.07
CA GLY C 365 6.00 -42.08 -34.93
C GLY C 365 6.72 -43.40 -34.73
N GLY C 366 8.05 -43.35 -34.79
CA GLY C 366 8.87 -44.46 -34.31
C GLY C 366 8.61 -45.78 -35.00
N ILE C 367 8.45 -46.82 -34.18
CA ILE C 367 8.26 -48.24 -34.49
C ILE C 367 9.54 -48.92 -34.99
N THR C 368 10.49 -48.15 -35.54
CA THR C 368 11.72 -48.80 -35.98
C THR C 368 12.65 -49.15 -34.83
N HIS C 369 12.50 -48.50 -33.68
CA HIS C 369 13.26 -48.86 -32.50
C HIS C 369 12.70 -50.10 -31.80
N LEU C 370 11.49 -50.53 -32.16
CA LEU C 370 10.90 -51.70 -31.55
C LEU C 370 11.42 -52.98 -32.20
N ASP C 371 11.11 -54.11 -31.58
CA ASP C 371 11.50 -55.39 -32.13
C ASP C 371 10.75 -55.66 -33.42
N ARG C 372 11.38 -56.46 -34.29
CA ARG C 372 10.88 -56.64 -35.65
C ARG C 372 9.54 -57.36 -35.67
N ALA C 373 9.27 -58.17 -34.65
CA ALA C 373 7.97 -58.84 -34.58
C ALA C 373 6.86 -57.89 -34.15
N GLU C 374 7.19 -56.84 -33.40
CA GLU C 374 6.18 -55.88 -32.98
C GLU C 374 5.86 -54.87 -34.08
N GLN C 375 6.84 -54.50 -34.91
CA GLN C 375 6.55 -53.70 -36.08
C GLN C 375 5.63 -54.43 -37.03
N ALA C 376 5.80 -55.75 -37.15
CA ALA C 376 4.92 -56.54 -38.00
C ALA C 376 3.49 -56.51 -37.48
N ARG C 377 3.31 -56.60 -36.17
CA ARG C 377 1.95 -56.54 -35.61
C ARG C 377 1.33 -55.16 -35.81
N ILE C 378 2.15 -54.11 -35.76
CA ILE C 378 1.64 -52.76 -35.96
C ILE C 378 1.24 -52.57 -37.42
N LEU C 379 2.11 -52.96 -38.36
CA LEU C 379 1.84 -52.79 -39.77
C LEU C 379 0.73 -53.68 -40.28
N SER C 380 0.25 -54.63 -39.48
CA SER C 380 -0.83 -55.52 -39.89
C SER C 380 -2.14 -55.21 -39.18
N SER C 381 -2.15 -54.28 -38.23
CA SER C 381 -3.37 -53.94 -37.49
C SER C 381 -4.12 -52.84 -38.21
N ARG C 382 -5.43 -53.04 -38.38
CA ARG C 382 -6.28 -52.10 -39.10
C ARG C 382 -6.87 -51.02 -38.21
N GLU C 383 -6.62 -51.06 -36.90
CA GLU C 383 -7.14 -50.04 -36.00
C GLU C 383 -6.33 -50.05 -34.72
N VAL C 384 -5.98 -48.85 -34.24
CA VAL C 384 -5.23 -48.74 -32.98
C VAL C 384 -6.08 -49.26 -31.84
N PRO C 385 -5.60 -50.20 -31.03
CA PRO C 385 -6.37 -50.67 -29.89
C PRO C 385 -6.43 -49.62 -28.79
N ARG C 386 -7.44 -49.77 -27.93
CA ARG C 386 -7.53 -48.92 -26.75
C ARG C 386 -6.26 -49.05 -25.92
N HIS C 387 -5.76 -47.91 -25.44
CA HIS C 387 -4.46 -47.85 -24.78
C HIS C 387 -4.51 -46.82 -23.66
N LEU C 388 -3.47 -46.83 -22.83
CA LEU C 388 -3.28 -45.84 -21.79
C LEU C 388 -2.31 -44.77 -22.27
N CYS C 389 -2.32 -43.63 -21.58
CA CYS C 389 -1.87 -42.39 -22.22
C CYS C 389 -0.39 -42.37 -22.55
N CYS C 390 -0.09 -41.69 -23.65
CA CYS C 390 1.07 -40.80 -23.80
C CYS C 390 2.19 -41.37 -24.67
N ARG C 391 2.41 -42.69 -24.65
CA ARG C 391 3.55 -43.23 -25.39
C ARG C 391 3.25 -44.56 -26.06
N ASN C 392 1.99 -44.83 -26.39
CA ASN C 392 1.66 -46.06 -27.10
C ASN C 392 2.30 -46.06 -28.48
N PRO C 393 3.12 -47.05 -28.83
CA PRO C 393 3.82 -47.00 -30.13
C PRO C 393 2.88 -47.00 -31.33
N GLU C 394 1.90 -47.92 -31.36
CA GLU C 394 0.99 -47.98 -32.51
C GLU C 394 0.16 -46.70 -32.61
N TRP C 395 -0.21 -46.13 -31.47
CA TRP C 395 -0.99 -44.89 -31.49
C TRP C 395 -0.15 -43.73 -32.04
N LEU C 396 1.07 -43.58 -31.55
CA LEU C 396 1.95 -42.53 -32.05
C LEU C 396 2.30 -42.75 -33.52
N PHE C 397 2.36 -44.01 -33.95
CA PHE C 397 2.65 -44.31 -35.35
C PHE C 397 1.51 -43.88 -36.26
N ARG C 398 0.28 -44.18 -35.87
CA ARG C 398 -0.87 -43.89 -36.72
C ARG C 398 -1.30 -42.43 -36.63
N ILE C 399 -1.13 -41.79 -35.45
CA ILE C 399 -1.54 -40.40 -35.31
C ILE C 399 -0.62 -39.43 -36.03
N TYR C 400 0.57 -39.88 -36.44
CA TYR C 400 1.48 -39.03 -37.18
C TYR C 400 1.60 -39.45 -38.65
N GLN C 401 0.66 -40.25 -39.14
CA GLN C 401 0.55 -40.50 -40.57
C GLN C 401 0.15 -39.22 -41.29
N ASP C 402 0.49 -39.14 -42.56
CA ASP C 402 -0.05 -38.14 -43.45
C ASP C 402 -1.18 -38.77 -44.26
N THR C 403 -2.17 -37.96 -44.64
CA THR C 403 -3.40 -38.48 -45.20
C THR C 403 -3.70 -37.83 -46.55
N LYS C 404 -4.00 -38.67 -47.53
CA LYS C 404 -4.61 -38.24 -48.79
C LYS C 404 -6.12 -38.42 -48.64
N VAL C 405 -6.83 -37.31 -48.55
CA VAL C 405 -8.26 -37.35 -48.22
C VAL C 405 -9.03 -37.76 -49.47
N ASP C 406 -9.66 -38.93 -49.42
CA ASP C 406 -10.56 -39.34 -50.49
C ASP C 406 -11.74 -38.38 -50.56
N ILE C 407 -11.72 -37.50 -51.55
CA ILE C 407 -12.74 -36.45 -51.65
C ILE C 407 -14.16 -37.02 -51.75
N PRO C 408 -14.46 -38.00 -52.61
CA PRO C 408 -15.85 -38.49 -52.69
C PRO C 408 -16.36 -39.06 -51.38
N SER C 409 -15.54 -39.80 -50.64
CA SER C 409 -16.00 -40.38 -49.38
C SER C 409 -16.19 -39.31 -48.32
N LEU C 410 -15.31 -38.32 -48.27
CA LEU C 410 -15.43 -37.26 -47.27
C LEU C 410 -16.71 -36.45 -47.48
N ILE C 411 -16.96 -36.04 -48.73
CA ILE C 411 -18.15 -35.24 -49.02
C ILE C 411 -19.41 -36.05 -48.73
N GLN C 412 -19.39 -37.34 -49.06
CA GLN C 412 -20.53 -38.21 -48.73
C GLN C 412 -20.78 -38.23 -47.23
N THR C 413 -19.71 -38.30 -46.43
CA THR C 413 -19.87 -38.30 -44.98
C THR C 413 -20.37 -36.95 -44.47
N ILE C 414 -19.87 -35.85 -45.03
CA ILE C 414 -20.33 -34.53 -44.61
C ILE C 414 -21.80 -34.33 -44.97
N ARG C 415 -22.20 -34.80 -46.16
CA ARG C 415 -23.57 -34.59 -46.62
C ARG C 415 -24.59 -35.40 -45.82
N ARG C 416 -24.14 -36.40 -45.07
CA ARG C 416 -25.05 -37.16 -44.22
C ARG C 416 -25.44 -36.41 -42.95
N VAL C 417 -25.05 -35.14 -42.84
CA VAL C 417 -25.40 -34.31 -41.68
C VAL C 417 -25.71 -32.90 -42.18
N VAL C 418 -24.88 -32.39 -43.09
CA VAL C 418 -25.02 -31.03 -43.61
C VAL C 418 -25.88 -31.12 -44.86
N ALA C 419 -27.18 -30.83 -44.71
CA ALA C 419 -28.13 -30.89 -45.82
C ALA C 419 -28.26 -29.49 -46.40
N GLY C 420 -27.45 -29.19 -47.42
CA GLY C 420 -27.57 -27.97 -48.17
C GLY C 420 -27.10 -26.71 -47.44
N ALA C 421 -25.95 -26.18 -47.86
CA ALA C 421 -25.41 -24.88 -47.44
C ALA C 421 -25.18 -24.83 -45.93
N PRO C 422 -23.94 -24.97 -45.47
CA PRO C 422 -23.67 -24.91 -44.02
C PRO C 422 -23.88 -23.52 -43.44
N GLY C 423 -23.72 -23.40 -42.12
CA GLY C 423 -23.83 -22.12 -41.46
C GLY C 423 -25.16 -21.92 -40.76
N PRO C 424 -25.28 -20.79 -40.04
CA PRO C 424 -26.51 -20.42 -39.33
C PRO C 424 -27.55 -19.77 -40.24
N ALA C 431 -31.63 -19.12 -24.27
CA ALA C 431 -32.44 -20.27 -24.66
C ALA C 431 -32.20 -21.46 -23.74
N GLY C 432 -33.18 -22.37 -23.68
CA GLY C 432 -33.02 -23.63 -22.99
C GLY C 432 -33.25 -23.59 -21.49
N LEU C 433 -34.43 -23.12 -21.07
CA LEU C 433 -34.78 -23.09 -19.66
C LEU C 433 -35.50 -24.37 -19.27
N TYR C 434 -35.46 -24.69 -17.98
CA TYR C 434 -36.14 -25.88 -17.52
C TYR C 434 -37.41 -25.53 -16.76
N PRO C 435 -38.43 -26.38 -16.82
CA PRO C 435 -39.67 -26.09 -16.10
C PRO C 435 -39.46 -26.22 -14.59
N GLY C 436 -40.34 -25.55 -13.86
CA GLY C 436 -40.43 -25.78 -12.43
C GLY C 436 -41.26 -27.00 -12.14
N LYS C 437 -41.43 -27.27 -10.85
CA LYS C 437 -42.34 -28.34 -10.44
C LYS C 437 -43.76 -27.97 -10.84
N VAL C 438 -44.54 -28.99 -11.20
CA VAL C 438 -45.99 -28.79 -11.27
C VAL C 438 -46.50 -28.54 -9.86
N ARG C 439 -47.56 -27.76 -9.75
CA ARG C 439 -48.04 -27.28 -8.46
C ARG C 439 -49.38 -27.89 -8.10
N GLU C 440 -49.54 -28.19 -6.82
CA GLU C 440 -50.82 -28.64 -6.24
C GLU C 440 -51.35 -29.88 -6.97
N ALA C 441 -50.49 -30.88 -7.11
CA ALA C 441 -50.90 -32.14 -7.71
C ALA C 441 -51.80 -32.91 -6.74
N ARG C 442 -52.99 -33.28 -7.21
CA ARG C 442 -53.95 -34.03 -6.42
C ARG C 442 -54.37 -35.27 -7.20
N CYS C 443 -54.90 -36.26 -6.48
CA CYS C 443 -55.44 -37.44 -7.14
C CYS C 443 -56.66 -37.94 -6.38
N GLN C 444 -57.68 -38.35 -7.14
CA GLN C 444 -58.89 -38.95 -6.60
C GLN C 444 -59.23 -40.18 -7.43
N ALA C 445 -59.86 -41.16 -6.79
CA ALA C 445 -60.23 -42.40 -7.45
C ALA C 445 -61.73 -42.60 -7.35
N SER C 446 -62.36 -42.83 -8.50
CA SER C 446 -63.76 -43.20 -8.54
C SER C 446 -63.86 -44.73 -8.60
N VAL C 447 -65.08 -45.24 -8.78
CA VAL C 447 -65.32 -46.67 -8.94
C VAL C 447 -66.77 -46.89 -9.36
N HIS C 448 -67.08 -48.07 -9.87
CA HIS C 448 -68.45 -48.42 -10.22
C HIS C 448 -68.93 -49.57 -9.35
N GLY C 449 -69.91 -50.33 -9.85
CA GLY C 449 -70.34 -51.53 -9.16
C GLY C 449 -69.44 -52.73 -9.38
N ALA C 450 -68.71 -52.76 -10.49
CA ALA C 450 -67.79 -53.85 -10.78
C ALA C 450 -66.36 -53.45 -10.45
N SER C 451 -65.46 -53.55 -11.42
CA SER C 451 -64.04 -53.26 -11.22
C SER C 451 -63.53 -52.21 -12.19
N GLU C 452 -64.40 -51.30 -12.63
CA GLU C 452 -63.95 -50.13 -13.40
C GLU C 452 -63.50 -49.08 -12.39
N ALA C 453 -62.26 -49.24 -11.94
CA ALA C 453 -61.62 -48.23 -11.11
C ALA C 453 -61.11 -47.11 -12.00
N ARG C 454 -61.29 -45.88 -11.55
CA ARG C 454 -60.82 -44.71 -12.27
C ARG C 454 -59.88 -43.92 -11.38
N LEU C 455 -58.87 -43.32 -11.99
CA LEU C 455 -57.83 -42.58 -11.27
C LEU C 455 -57.64 -41.23 -11.92
N THR C 456 -58.10 -40.17 -11.25
CA THR C 456 -58.03 -38.81 -11.76
C THR C 456 -56.83 -38.11 -11.11
N VAL C 457 -55.94 -37.58 -11.95
CA VAL C 457 -54.77 -36.84 -11.48
C VAL C 457 -54.81 -35.44 -12.08
N SER C 458 -54.62 -34.43 -11.23
CA SER C 458 -54.69 -33.04 -11.65
C SER C 458 -53.52 -32.28 -11.05
N TRP C 459 -53.21 -31.12 -11.65
CA TRP C 459 -52.12 -30.28 -11.20
C TRP C 459 -52.21 -28.95 -11.92
N GLN C 460 -51.58 -27.93 -11.33
CA GLN C 460 -51.40 -26.64 -11.97
C GLN C 460 -50.03 -26.58 -12.64
N ILE C 461 -49.91 -25.70 -13.63
CA ILE C 461 -48.70 -25.59 -14.43
C ILE C 461 -47.58 -25.02 -13.58
N PRO C 462 -46.32 -25.30 -13.90
CA PRO C 462 -45.21 -24.73 -13.12
C PRO C 462 -45.29 -23.21 -13.06
N TRP C 463 -44.82 -22.66 -11.93
CA TRP C 463 -44.97 -21.23 -11.69
C TRP C 463 -44.24 -20.41 -12.76
N ASN C 464 -43.07 -20.87 -13.20
CA ASN C 464 -42.30 -20.11 -14.17
C ASN C 464 -42.94 -20.15 -15.56
N LEU C 465 -43.79 -21.14 -15.84
CA LEU C 465 -44.48 -21.17 -17.12
C LEU C 465 -45.44 -20.00 -17.28
N LYS C 466 -45.85 -19.37 -16.17
CA LYS C 466 -46.69 -18.18 -16.26
C LYS C 466 -46.00 -17.04 -16.99
N TYR C 467 -44.68 -17.11 -17.18
CA TYR C 467 -43.92 -16.04 -17.82
C TYR C 467 -43.15 -16.49 -19.05
N LEU C 468 -43.26 -17.75 -19.44
CA LEU C 468 -42.49 -18.29 -20.56
C LEU C 468 -43.36 -18.46 -21.80
N LYS C 469 -42.72 -18.50 -22.95
CA LYS C 469 -43.35 -18.75 -24.24
C LYS C 469 -42.66 -19.97 -24.84
N VAL C 470 -43.13 -21.16 -24.48
CA VAL C 470 -42.52 -22.43 -24.87
C VAL C 470 -43.26 -23.00 -26.07
N ALA C 471 -42.51 -23.58 -27.01
CA ALA C 471 -43.12 -24.13 -28.21
C ALA C 471 -44.00 -25.34 -27.89
N GLU C 472 -43.49 -26.26 -27.09
CA GLU C 472 -44.20 -27.49 -26.74
C GLU C 472 -44.08 -27.74 -25.26
N VAL C 473 -45.22 -27.87 -24.58
CA VAL C 473 -45.29 -28.14 -23.15
C VAL C 473 -46.06 -29.43 -22.95
N LYS C 474 -45.38 -30.45 -22.44
CA LYS C 474 -46.00 -31.73 -22.11
C LYS C 474 -45.80 -32.03 -20.63
N TYR C 475 -46.43 -33.10 -20.18
CA TYR C 475 -46.29 -33.56 -18.80
C TYR C 475 -46.13 -35.07 -18.81
N GLU C 476 -45.12 -35.55 -18.08
CA GLU C 476 -44.84 -36.97 -17.97
C GLU C 476 -45.38 -37.47 -16.64
N VAL C 477 -46.27 -38.47 -16.70
CA VAL C 477 -46.89 -39.04 -15.52
C VAL C 477 -46.42 -40.48 -15.37
N TRP C 478 -45.90 -40.81 -14.19
CA TRP C 478 -45.48 -42.17 -13.87
C TRP C 478 -46.42 -42.73 -12.82
N LEU C 479 -47.28 -43.66 -13.23
CA LEU C 479 -48.08 -44.44 -12.30
C LEU C 479 -47.30 -45.69 -11.92
N GLN C 480 -47.17 -45.94 -10.62
CA GLN C 480 -46.54 -47.17 -10.13
C GLN C 480 -47.46 -47.84 -9.12
N GLU C 481 -47.69 -49.13 -9.32
CA GLU C 481 -48.40 -49.93 -8.34
C GLU C 481 -47.52 -50.15 -7.12
N ALA C 482 -47.96 -49.65 -5.97
CA ALA C 482 -47.15 -49.67 -4.75
C ALA C 482 -46.72 -51.09 -4.38
N GLY C 483 -45.67 -51.58 -5.03
CA GLY C 483 -45.15 -52.89 -4.73
C GLY C 483 -44.59 -53.64 -5.93
N GLU C 484 -44.91 -53.16 -7.13
CA GLU C 484 -44.50 -53.85 -8.35
C GLU C 484 -43.12 -53.38 -8.81
N ASN C 485 -42.60 -54.05 -9.83
CA ASN C 485 -41.25 -53.78 -10.34
C ASN C 485 -41.34 -52.78 -11.48
N THR C 486 -41.43 -51.49 -11.11
CA THR C 486 -41.50 -50.38 -12.06
C THR C 486 -42.79 -50.44 -12.86
N TYR C 487 -43.30 -49.30 -13.32
CA TYR C 487 -44.59 -49.29 -13.99
C TYR C 487 -44.57 -48.23 -15.09
N VAL C 488 -45.75 -47.80 -15.52
CA VAL C 488 -45.96 -47.19 -16.83
C VAL C 488 -45.75 -45.69 -16.84
N PRO C 489 -45.19 -45.12 -17.92
CA PRO C 489 -45.19 -43.65 -18.09
C PRO C 489 -46.25 -43.18 -19.08
N TYR C 490 -46.59 -41.89 -19.02
CA TYR C 490 -47.52 -41.28 -19.96
C TYR C 490 -47.03 -39.88 -20.31
N ILE C 491 -47.22 -39.49 -21.57
CA ILE C 491 -46.97 -38.12 -22.02
C ILE C 491 -48.32 -37.47 -22.29
N LEU C 492 -48.56 -36.33 -21.65
CA LEU C 492 -49.85 -35.66 -21.71
C LEU C 492 -49.67 -34.17 -22.01
N ALA C 493 -50.64 -33.60 -22.72
CA ALA C 493 -50.69 -32.17 -22.94
C ALA C 493 -51.55 -31.46 -21.92
N LEU C 494 -52.60 -32.12 -21.42
CA LEU C 494 -53.52 -31.51 -20.47
C LEU C 494 -52.99 -31.66 -19.04
N GLN C 495 -53.69 -31.02 -18.11
CA GLN C 495 -53.36 -31.08 -16.69
C GLN C 495 -54.39 -31.86 -15.88
N ASN C 496 -55.53 -32.23 -16.48
CA ASN C 496 -56.50 -33.13 -15.88
C ASN C 496 -56.51 -34.41 -16.69
N HIS C 497 -56.29 -35.55 -16.04
CA HIS C 497 -56.40 -36.82 -16.72
C HIS C 497 -56.96 -37.87 -15.77
N THR C 498 -57.86 -38.70 -16.30
CA THR C 498 -58.43 -39.83 -15.58
C THR C 498 -58.02 -41.11 -16.29
N PHE C 499 -57.30 -41.98 -15.60
CA PHE C 499 -56.81 -43.22 -16.18
C PHE C 499 -57.80 -44.34 -15.92
N THR C 500 -58.03 -45.17 -16.93
CA THR C 500 -58.94 -46.29 -16.81
C THR C 500 -58.31 -47.61 -17.23
N GLU C 501 -57.50 -47.61 -18.29
CA GLU C 501 -56.87 -48.84 -18.77
C GLU C 501 -55.97 -49.44 -17.70
N ASN C 502 -56.24 -50.69 -17.34
CA ASN C 502 -55.40 -51.46 -16.41
C ASN C 502 -55.30 -50.79 -15.04
N ILE C 503 -56.31 -50.02 -14.67
CA ILE C 503 -56.40 -49.44 -13.32
C ILE C 503 -57.26 -50.39 -12.49
N LYS C 504 -56.61 -51.05 -11.50
CA LYS C 504 -57.30 -52.04 -10.69
C LYS C 504 -57.92 -51.40 -9.45
N PRO C 505 -59.05 -51.93 -8.99
CA PRO C 505 -59.62 -51.46 -7.72
C PRO C 505 -58.88 -52.05 -6.53
N PHE C 506 -59.04 -51.38 -5.38
CA PHE C 506 -58.40 -51.78 -4.13
C PHE C 506 -56.89 -51.85 -4.29
N THR C 507 -56.32 -50.85 -4.95
CA THR C 507 -54.89 -50.81 -5.24
C THR C 507 -54.33 -49.46 -4.85
N THR C 508 -53.09 -49.46 -4.36
CA THR C 508 -52.37 -48.25 -4.01
C THR C 508 -51.41 -47.90 -5.15
N TYR C 509 -51.58 -46.71 -5.72
CA TYR C 509 -50.77 -46.27 -6.84
C TYR C 509 -49.90 -45.09 -6.41
N LEU C 510 -48.64 -45.10 -6.84
CA LEU C 510 -47.74 -43.98 -6.66
C LEU C 510 -47.66 -43.20 -7.97
N VAL C 511 -47.84 -41.89 -7.89
CA VAL C 511 -47.97 -41.03 -9.07
C VAL C 511 -46.90 -39.95 -9.02
N TRP C 512 -46.06 -39.90 -10.05
CA TRP C 512 -45.09 -38.85 -10.23
C TRP C 512 -45.43 -38.02 -11.45
N VAL C 513 -45.26 -36.70 -11.35
CA VAL C 513 -45.58 -35.80 -12.43
C VAL C 513 -44.43 -34.81 -12.59
N ARG C 514 -44.00 -34.60 -13.84
CA ARG C 514 -43.06 -33.55 -14.17
C ARG C 514 -43.45 -32.95 -15.51
N CYS C 515 -43.04 -31.69 -15.71
CA CYS C 515 -43.30 -30.96 -16.93
C CYS C 515 -42.07 -31.02 -17.84
N ILE C 516 -42.33 -31.05 -19.15
CA ILE C 516 -41.28 -31.21 -20.14
C ILE C 516 -41.40 -30.10 -21.18
N PHE C 517 -40.31 -29.35 -21.37
CA PHE C 517 -40.25 -28.30 -22.38
C PHE C 517 -39.56 -28.84 -23.63
N ASN C 518 -40.26 -28.77 -24.77
CA ASN C 518 -39.68 -29.11 -26.07
C ASN C 518 -39.05 -30.50 -26.06
N LYS C 519 -39.76 -31.46 -25.45
CA LYS C 519 -39.47 -32.89 -25.54
C LYS C 519 -38.24 -33.33 -24.74
N ILE C 520 -37.23 -32.47 -24.60
CA ILE C 520 -35.96 -32.88 -24.03
C ILE C 520 -35.61 -32.15 -22.73
N LEU C 521 -36.29 -31.06 -22.39
CA LEU C 521 -35.98 -30.32 -21.17
C LEU C 521 -36.86 -30.85 -20.05
N LEU C 522 -36.38 -31.88 -19.37
CA LEU C 522 -37.13 -32.53 -18.31
C LEU C 522 -37.03 -31.73 -17.02
N GLY C 523 -38.19 -31.41 -16.43
CA GLY C 523 -38.23 -30.68 -15.18
C GLY C 523 -38.23 -31.60 -13.98
N PRO C 524 -38.22 -31.02 -12.78
CA PRO C 524 -38.21 -31.84 -11.58
C PRO C 524 -39.57 -32.49 -11.33
N PHE C 525 -39.52 -33.67 -10.73
CA PHE C 525 -40.75 -34.32 -10.27
C PHE C 525 -41.29 -33.60 -9.05
N ALA C 526 -42.62 -33.59 -8.92
CA ALA C 526 -43.24 -33.12 -7.70
C ALA C 526 -43.21 -34.22 -6.65
N ASP C 527 -43.64 -33.87 -5.44
CA ASP C 527 -43.74 -34.85 -4.36
C ASP C 527 -44.63 -36.01 -4.81
N VAL C 528 -44.25 -37.22 -4.40
CA VAL C 528 -44.99 -38.40 -4.81
C VAL C 528 -46.44 -38.31 -4.34
N LEU C 529 -47.35 -38.85 -5.16
CA LEU C 529 -48.76 -38.89 -4.83
C LEU C 529 -49.15 -40.34 -4.56
N VAL C 530 -49.70 -40.58 -3.38
CA VAL C 530 -50.22 -41.90 -3.01
C VAL C 530 -51.72 -41.90 -3.28
N CYS C 531 -52.18 -42.80 -4.13
CA CYS C 531 -53.57 -42.84 -4.56
C CYS C 531 -54.13 -44.23 -4.36
N ASN C 532 -55.34 -44.31 -3.81
CA ASN C 532 -56.00 -45.57 -3.49
C ASN C 532 -57.28 -45.71 -4.30
N THR C 533 -57.48 -46.88 -4.90
CA THR C 533 -58.72 -47.17 -5.60
C THR C 533 -59.58 -48.11 -4.75
N ASP D 1 -27.82 2.68 -6.20
CA ASP D 1 -28.39 3.18 -7.45
C ASP D 1 -29.40 2.19 -8.02
N TYR D 2 -30.70 2.51 -7.88
CA TYR D 2 -31.73 1.57 -8.32
C TYR D 2 -31.82 1.46 -9.84
N PRO D 3 -31.95 2.56 -10.61
CA PRO D 3 -32.07 2.38 -12.07
C PRO D 3 -30.87 1.68 -12.69
N ALA D 4 -29.67 1.90 -12.17
CA ALA D 4 -28.51 1.20 -12.69
C ALA D 4 -28.53 -0.28 -12.32
N ALA D 5 -28.89 -0.59 -11.07
CA ALA D 5 -28.97 -1.98 -10.65
C ALA D 5 -30.04 -2.73 -11.45
N LEU D 6 -31.19 -2.09 -11.68
CA LEU D 6 -32.24 -2.72 -12.47
C LEU D 6 -31.79 -2.96 -13.90
N GLN D 7 -30.92 -2.09 -14.44
CA GLN D 7 -30.45 -2.27 -15.80
C GLN D 7 -29.52 -3.48 -15.90
N ILE D 8 -28.59 -3.61 -14.96
CA ILE D 8 -27.65 -4.74 -14.98
C ILE D 8 -28.41 -6.06 -14.86
N LEU D 9 -29.43 -6.10 -14.00
CA LEU D 9 -30.18 -7.33 -13.81
C LEU D 9 -30.94 -7.72 -15.08
N MET D 10 -31.67 -6.76 -15.67
CA MET D 10 -32.52 -7.10 -16.80
C MET D 10 -31.72 -7.33 -18.07
N GLU D 11 -30.57 -6.69 -18.21
CA GLU D 11 -29.75 -6.88 -19.40
C GLU D 11 -28.73 -8.00 -19.24
N GLY D 12 -28.10 -8.10 -18.07
CA GLY D 12 -27.04 -9.06 -17.86
C GLY D 12 -27.49 -10.40 -17.32
N GLY D 13 -28.47 -10.38 -16.41
CA GLY D 13 -28.99 -11.61 -15.84
C GLY D 13 -28.20 -12.11 -14.65
N THR D 14 -28.64 -13.27 -14.16
CA THR D 14 -28.02 -13.89 -12.99
C THR D 14 -26.69 -14.54 -13.35
N HIS D 15 -25.74 -14.50 -12.41
CA HIS D 15 -24.40 -15.04 -12.60
C HIS D 15 -24.10 -16.01 -11.46
N MET D 16 -23.69 -17.24 -11.80
CA MET D 16 -23.47 -18.27 -10.79
C MET D 16 -22.19 -19.04 -11.08
N VAL D 17 -21.34 -19.16 -10.07
CA VAL D 17 -20.13 -19.99 -10.10
C VAL D 17 -20.01 -20.68 -8.76
N CYS D 18 -19.79 -22.01 -8.77
CA CYS D 18 -19.81 -22.82 -7.56
C CYS D 18 -18.61 -23.75 -7.52
N THR D 19 -18.23 -24.11 -6.29
CA THR D 19 -17.18 -25.09 -6.03
C THR D 19 -17.76 -26.50 -5.95
N GLY D 20 -16.90 -27.48 -6.16
CA GLY D 20 -17.24 -28.87 -5.93
C GLY D 20 -17.84 -29.55 -7.16
N ARG D 21 -17.75 -30.89 -7.14
CA ARG D 21 -18.29 -31.71 -8.22
C ARG D 21 -19.66 -32.30 -7.90
N THR D 22 -20.04 -32.37 -6.64
CA THR D 22 -21.34 -32.86 -6.22
C THR D 22 -22.07 -31.79 -5.42
N HIS D 23 -23.36 -32.03 -5.20
CA HIS D 23 -24.17 -31.09 -4.42
C HIS D 23 -23.87 -31.18 -2.92
N THR D 24 -23.07 -32.14 -2.48
CA THR D 24 -22.82 -32.35 -1.06
C THR D 24 -21.62 -31.59 -0.53
N ASP D 25 -20.79 -31.00 -1.40
CA ASP D 25 -19.74 -30.07 -0.99
C ASP D 25 -19.66 -28.95 -2.02
N ARG D 26 -20.76 -28.22 -2.17
CA ARG D 26 -20.89 -27.17 -3.16
C ARG D 26 -21.32 -25.87 -2.49
N ILE D 27 -20.52 -24.82 -2.67
CA ILE D 27 -20.87 -23.46 -2.29
C ILE D 27 -20.89 -22.61 -3.55
N CYS D 28 -21.94 -21.79 -3.69
CA CYS D 28 -22.23 -21.06 -4.91
C CYS D 28 -22.10 -19.56 -4.69
N ARG D 29 -21.36 -18.89 -5.56
CA ARG D 29 -21.32 -17.44 -5.59
C ARG D 29 -22.31 -16.94 -6.64
N PHE D 30 -23.22 -16.07 -6.21
CA PHE D 30 -24.29 -15.57 -7.06
C PHE D 30 -24.17 -14.06 -7.26
N LYS D 31 -24.55 -13.61 -8.46
CA LYS D 31 -24.76 -12.20 -8.75
C LYS D 31 -26.14 -12.05 -9.35
N TRP D 32 -26.98 -11.23 -8.72
CA TRP D 32 -28.34 -10.98 -9.18
C TRP D 32 -29.18 -12.26 -9.14
N LEU D 33 -29.03 -13.01 -8.06
CA LEU D 33 -29.96 -14.08 -7.74
C LEU D 33 -31.19 -13.48 -7.09
N CYS D 34 -32.37 -13.90 -7.53
CA CYS D 34 -33.63 -13.34 -7.09
C CYS D 34 -34.44 -14.35 -6.30
N TYR D 35 -35.38 -13.82 -5.51
CA TYR D 35 -36.28 -14.65 -4.72
C TYR D 35 -37.68 -14.06 -4.79
N SER D 36 -38.65 -14.86 -5.22
CA SER D 36 -40.03 -14.45 -5.28
C SER D 36 -40.74 -14.90 -4.01
N ASN D 37 -41.24 -13.95 -3.23
CA ASN D 37 -42.00 -14.30 -2.03
C ASN D 37 -43.34 -14.94 -2.37
N GLU D 38 -43.88 -14.61 -3.55
CA GLU D 38 -45.14 -15.22 -3.98
C GLU D 38 -44.95 -16.71 -4.27
N ALA D 39 -43.95 -17.04 -5.08
CA ALA D 39 -43.68 -18.43 -5.41
C ALA D 39 -42.85 -19.14 -4.35
N GLU D 40 -42.22 -18.40 -3.45
CA GLU D 40 -41.26 -18.95 -2.49
C GLU D 40 -40.20 -19.78 -3.20
N GLU D 41 -39.68 -19.21 -4.29
CA GLU D 41 -38.70 -19.86 -5.14
C GLU D 41 -37.58 -18.88 -5.45
N PHE D 42 -36.35 -19.38 -5.46
CA PHE D 42 -35.24 -18.62 -5.99
C PHE D 42 -35.31 -18.60 -7.51
N ILE D 43 -34.89 -17.49 -8.10
CA ILE D 43 -35.05 -17.26 -9.53
C ILE D 43 -33.68 -16.98 -10.15
N PHE D 44 -33.34 -17.73 -11.18
CA PHE D 44 -32.17 -17.46 -12.02
C PHE D 44 -32.67 -16.78 -13.29
N PHE D 45 -32.29 -15.52 -13.48
CA PHE D 45 -32.68 -14.76 -14.65
C PHE D 45 -31.58 -14.87 -15.70
N HIS D 46 -31.92 -15.40 -16.87
CA HIS D 46 -30.94 -15.57 -17.94
C HIS D 46 -30.81 -14.27 -18.73
N GLY D 47 -29.60 -13.71 -18.71
CA GLY D 47 -29.28 -12.53 -19.50
C GLY D 47 -28.10 -12.80 -20.42
N ASN D 48 -27.55 -11.77 -21.05
CA ASN D 48 -26.48 -11.96 -22.03
C ASN D 48 -25.09 -12.06 -21.41
N THR D 49 -24.97 -11.92 -20.09
CA THR D 49 -23.73 -12.25 -19.39
C THR D 49 -23.94 -13.35 -18.37
N SER D 50 -25.08 -14.03 -18.41
CA SER D 50 -25.39 -15.06 -17.43
C SER D 50 -24.42 -16.23 -17.56
N VAL D 51 -23.94 -16.71 -16.42
CA VAL D 51 -23.08 -17.89 -16.34
C VAL D 51 -23.67 -18.83 -15.31
N MET D 52 -23.78 -20.11 -15.66
CA MET D 52 -24.28 -21.15 -14.76
C MET D 52 -23.22 -22.23 -14.65
N LEU D 53 -22.46 -22.21 -13.55
CA LEU D 53 -21.41 -23.18 -13.28
C LEU D 53 -21.61 -23.74 -11.89
N PRO D 54 -21.93 -25.05 -11.74
CA PRO D 54 -22.07 -25.99 -12.85
C PRO D 54 -23.34 -25.80 -13.67
N ASN D 55 -23.31 -26.20 -14.94
CA ASN D 55 -24.49 -26.22 -15.80
C ASN D 55 -24.91 -27.69 -15.91
N LEU D 56 -25.80 -28.11 -15.03
CA LEU D 56 -26.16 -29.51 -14.88
C LEU D 56 -27.28 -29.94 -15.82
N GLY D 57 -27.91 -29.02 -16.54
CA GLY D 57 -29.06 -29.39 -17.34
C GLY D 57 -30.16 -29.93 -16.44
N SER D 58 -30.73 -31.07 -16.85
CA SER D 58 -31.77 -31.70 -16.05
C SER D 58 -31.23 -32.40 -14.81
N ARG D 59 -29.91 -32.59 -14.72
CA ARG D 59 -29.33 -33.17 -13.50
C ARG D 59 -29.37 -32.21 -12.32
N ARG D 60 -29.69 -30.94 -12.56
CA ARG D 60 -29.88 -29.99 -11.46
C ARG D 60 -31.04 -30.39 -10.55
N PHE D 61 -31.89 -31.32 -10.98
CA PHE D 61 -33.00 -31.81 -10.18
C PHE D 61 -32.76 -33.23 -9.68
N GLN D 62 -31.50 -33.68 -9.68
CA GLN D 62 -31.14 -35.02 -9.22
C GLN D 62 -30.03 -34.92 -8.18
N PRO D 63 -30.35 -34.52 -6.95
CA PRO D 63 -31.68 -34.12 -6.48
C PRO D 63 -31.87 -32.60 -6.43
N ALA D 64 -30.78 -31.84 -6.44
CA ALA D 64 -30.83 -30.39 -6.30
C ALA D 64 -29.46 -29.82 -6.65
N LEU D 65 -29.28 -28.52 -6.41
CA LEU D 65 -28.02 -27.86 -6.72
C LEU D 65 -27.00 -28.03 -5.59
N LEU D 66 -27.43 -27.88 -4.34
CA LEU D 66 -26.51 -27.96 -3.21
C LEU D 66 -27.31 -28.21 -1.94
N ASP D 67 -26.57 -28.52 -0.86
CA ASP D 67 -27.14 -28.66 0.47
C ASP D 67 -27.18 -27.29 1.14
N LEU D 68 -28.37 -26.89 1.61
CA LEU D 68 -28.50 -25.62 2.30
C LEU D 68 -28.01 -25.68 3.74
N SER D 69 -27.98 -26.86 4.34
CA SER D 69 -27.41 -27.09 5.65
C SER D 69 -26.19 -28.01 5.52
N THR D 70 -25.52 -28.25 6.64
CA THR D 70 -24.35 -29.12 6.65
C THR D 70 -24.69 -30.58 6.89
N VAL D 71 -25.95 -30.90 7.18
CA VAL D 71 -26.37 -32.30 7.27
C VAL D 71 -26.46 -32.86 5.86
N GLU D 72 -25.62 -33.83 5.56
CA GLU D 72 -25.38 -34.24 4.17
C GLU D 72 -26.62 -34.85 3.54
N ASP D 73 -27.01 -34.31 2.38
CA ASP D 73 -28.02 -34.92 1.50
C ASP D 73 -29.36 -35.09 2.22
N HIS D 74 -29.84 -34.00 2.83
CA HIS D 74 -31.11 -34.04 3.54
C HIS D 74 -32.25 -33.61 2.62
N ASN D 75 -33.37 -34.32 2.73
CA ASN D 75 -34.51 -34.08 1.85
C ASN D 75 -35.03 -32.65 1.98
N THR D 76 -35.07 -32.14 3.21
CA THR D 76 -35.72 -30.87 3.50
C THR D 76 -34.76 -29.68 3.45
N GLN D 77 -33.50 -29.89 3.07
CA GLN D 77 -32.50 -28.83 3.11
C GLN D 77 -31.83 -28.60 1.76
N TYR D 78 -32.50 -28.93 0.67
CA TYR D 78 -31.94 -28.72 -0.65
C TYR D 78 -32.13 -27.27 -1.10
N PHE D 79 -31.21 -26.80 -1.92
CA PHE D 79 -31.34 -25.51 -2.59
C PHE D 79 -31.51 -25.73 -4.08
N ASN D 80 -32.36 -24.91 -4.69
CA ASN D 80 -32.55 -24.92 -6.13
C ASN D 80 -33.28 -23.65 -6.52
N PHE D 81 -33.30 -23.38 -7.82
CA PHE D 81 -33.97 -22.21 -8.36
C PHE D 81 -34.80 -22.61 -9.58
N VAL D 82 -35.72 -21.74 -9.94
CA VAL D 82 -36.46 -21.84 -11.19
C VAL D 82 -35.88 -20.81 -12.14
N GLU D 83 -35.93 -21.12 -13.44
CA GLU D 83 -35.32 -20.28 -14.46
C GLU D 83 -36.37 -19.40 -15.14
N LEU D 84 -35.94 -18.20 -15.51
CA LEU D 84 -36.76 -17.23 -16.22
C LEU D 84 -35.83 -16.41 -17.10
N PRO D 85 -36.31 -15.94 -18.25
CA PRO D 85 -35.52 -14.97 -19.00
C PRO D 85 -35.56 -13.62 -18.31
N ALA D 86 -34.44 -12.90 -18.37
CA ALA D 86 -34.38 -11.59 -17.73
C ALA D 86 -35.43 -10.65 -18.30
N ALA D 87 -35.84 -10.87 -19.56
CA ALA D 87 -36.88 -10.06 -20.16
C ALA D 87 -38.25 -10.27 -19.52
N ALA D 88 -38.44 -11.36 -18.78
CA ALA D 88 -39.71 -11.60 -18.10
C ALA D 88 -39.97 -10.61 -16.98
N LEU D 89 -38.95 -9.87 -16.53
CA LEU D 89 -39.16 -8.84 -15.52
C LEU D 89 -40.10 -7.75 -16.01
N ARG D 90 -40.29 -7.63 -17.33
CA ARG D 90 -41.28 -6.71 -17.88
C ARG D 90 -42.65 -6.98 -17.30
N PHE D 91 -42.99 -8.25 -17.06
CA PHE D 91 -44.31 -8.66 -16.60
C PHE D 91 -44.27 -9.16 -15.16
N MET D 92 -43.38 -8.62 -14.34
CA MET D 92 -43.20 -9.01 -12.96
C MET D 92 -43.15 -7.77 -12.09
N PRO D 93 -43.42 -7.89 -10.78
CA PRO D 93 -43.31 -6.73 -9.91
C PRO D 93 -41.89 -6.16 -9.90
N LYS D 94 -41.80 -4.86 -9.64
CA LYS D 94 -40.50 -4.21 -9.56
C LYS D 94 -39.71 -4.79 -8.39
N PRO D 95 -38.48 -5.23 -8.61
CA PRO D 95 -37.75 -5.92 -7.55
C PRO D 95 -37.17 -4.95 -6.52
N VAL D 96 -36.94 -5.49 -5.33
CA VAL D 96 -36.23 -4.81 -4.26
C VAL D 96 -34.84 -5.44 -4.16
N PHE D 97 -33.82 -4.59 -4.05
CA PHE D 97 -32.44 -5.05 -4.11
C PHE D 97 -31.82 -5.09 -2.72
N VAL D 98 -31.24 -6.23 -2.37
CA VAL D 98 -30.44 -6.35 -1.14
C VAL D 98 -29.02 -5.92 -1.48
N PRO D 99 -28.54 -4.80 -0.94
CA PRO D 99 -27.23 -4.28 -1.37
C PRO D 99 -26.05 -5.00 -0.74
N ASP D 100 -26.18 -5.37 0.53
CA ASP D 100 -25.09 -6.04 1.22
C ASP D 100 -24.89 -7.46 0.68
N VAL D 101 -23.63 -7.88 0.67
CA VAL D 101 -23.33 -9.25 0.30
C VAL D 101 -23.99 -10.19 1.31
N ALA D 102 -24.55 -11.29 0.80
CA ALA D 102 -25.36 -12.19 1.62
C ALA D 102 -24.73 -13.57 1.67
N LEU D 103 -24.93 -14.25 2.80
CA LEU D 103 -24.67 -15.67 2.94
C LEU D 103 -25.99 -16.34 3.28
N ILE D 104 -26.45 -17.23 2.40
CA ILE D 104 -27.75 -17.86 2.51
C ILE D 104 -27.54 -19.33 2.89
N ALA D 105 -28.16 -19.75 3.99
CA ALA D 105 -27.98 -21.10 4.48
C ALA D 105 -29.16 -21.48 5.38
N ASN D 106 -29.20 -22.75 5.76
CA ASN D 106 -30.25 -23.29 6.61
C ASN D 106 -29.65 -23.73 7.93
N ARG D 107 -30.26 -23.31 9.03
CA ARG D 107 -29.94 -23.86 10.34
C ARG D 107 -30.73 -25.15 10.53
N PHE D 108 -30.04 -26.21 10.95
CA PHE D 108 -30.71 -27.51 11.03
C PHE D 108 -31.68 -27.56 12.19
N ASN D 109 -31.23 -27.20 13.40
CA ASN D 109 -32.09 -27.23 14.58
C ASN D 109 -31.66 -26.10 15.51
N PRO D 110 -32.24 -24.91 15.34
CA PRO D 110 -31.84 -23.76 16.16
C PRO D 110 -32.18 -23.89 17.64
N ASP D 111 -32.85 -24.96 18.06
CA ASP D 111 -33.23 -25.12 19.46
C ASP D 111 -32.31 -26.06 20.24
N ASN D 112 -31.41 -26.76 19.55
CA ASN D 112 -30.48 -27.68 20.19
C ASN D 112 -29.08 -27.10 20.16
N LEU D 113 -28.44 -27.02 21.33
CA LEU D 113 -27.14 -26.37 21.44
C LEU D 113 -26.07 -27.12 20.65
N MET D 114 -26.15 -28.45 20.60
CA MET D 114 -25.18 -29.22 19.82
C MET D 114 -25.37 -28.96 18.32
N HIS D 115 -26.61 -28.99 17.86
CA HIS D 115 -26.88 -28.68 16.45
C HIS D 115 -26.47 -27.26 16.10
N VAL D 116 -26.70 -26.33 17.01
CA VAL D 116 -26.36 -24.92 16.75
C VAL D 116 -24.86 -24.78 16.50
N PHE D 117 -24.05 -25.38 17.37
CA PHE D 117 -22.60 -25.20 17.27
C PHE D 117 -22.01 -26.07 16.16
N HIS D 118 -22.44 -27.33 16.07
CA HIS D 118 -21.79 -28.26 15.13
C HIS D 118 -22.29 -28.04 13.70
N ASP D 119 -23.59 -27.82 13.51
CA ASP D 119 -24.14 -27.71 12.17
C ASP D 119 -24.07 -26.30 11.60
N ASP D 120 -24.17 -25.27 12.45
CA ASP D 120 -24.31 -23.90 11.96
C ASP D 120 -23.12 -23.03 12.33
N LEU D 121 -22.87 -22.80 13.63
CA LEU D 121 -21.92 -21.77 14.05
C LEU D 121 -20.53 -22.03 13.49
N LEU D 122 -19.98 -23.22 13.73
CA LEU D 122 -18.66 -23.54 13.21
C LEU D 122 -18.62 -23.52 11.68
N PRO D 123 -19.54 -24.15 10.95
CA PRO D 123 -19.51 -24.01 9.49
C PRO D 123 -19.68 -22.57 9.01
N LEU D 124 -20.58 -21.80 9.63
CA LEU D 124 -20.72 -20.40 9.25
C LEU D 124 -19.42 -19.63 9.46
N PHE D 125 -18.73 -19.90 10.56
CA PHE D 125 -17.51 -19.17 10.89
C PHE D 125 -16.43 -19.35 9.82
N TYR D 126 -16.26 -20.57 9.34
CA TYR D 126 -15.21 -20.85 8.37
C TYR D 126 -15.69 -20.80 6.92
N THR D 127 -17.00 -20.77 6.69
CA THR D 127 -17.49 -20.50 5.35
C THR D 127 -17.31 -19.02 4.99
N LEU D 128 -17.57 -18.13 5.96
CA LEU D 128 -17.37 -16.71 5.74
C LEU D 128 -15.91 -16.40 5.43
N ARG D 129 -14.99 -17.07 6.11
CA ARG D 129 -13.57 -16.85 5.91
C ARG D 129 -13.01 -17.60 4.71
N GLN D 130 -13.86 -18.36 3.99
CA GLN D 130 -13.42 -19.03 2.78
C GLN D 130 -13.32 -18.07 1.60
N PHE D 131 -14.15 -17.03 1.57
CA PHE D 131 -14.16 -16.07 0.49
C PHE D 131 -13.84 -14.67 1.00
N PRO D 132 -13.09 -13.88 0.25
CA PRO D 132 -12.68 -12.56 0.74
C PRO D 132 -13.86 -11.62 0.88
N GLY D 133 -13.84 -10.84 1.96
CA GLY D 133 -14.81 -9.78 2.18
C GLY D 133 -16.12 -10.20 2.81
N LEU D 134 -16.22 -11.42 3.34
CA LEU D 134 -17.46 -11.92 3.92
C LEU D 134 -17.47 -11.96 5.43
N ALA D 135 -16.33 -12.21 6.07
CA ALA D 135 -16.30 -12.40 7.51
C ALA D 135 -16.75 -11.16 8.28
N HIS D 136 -16.67 -9.98 7.67
CA HIS D 136 -17.02 -8.74 8.37
C HIS D 136 -18.05 -7.89 7.64
N GLU D 137 -18.55 -8.33 6.49
CA GLU D 137 -19.53 -7.56 5.73
C GLU D 137 -20.80 -8.31 5.36
N ALA D 138 -20.81 -9.65 5.45
CA ALA D 138 -21.96 -10.41 5.01
C ALA D 138 -23.10 -10.32 6.00
N ARG D 139 -24.32 -10.35 5.47
CA ARG D 139 -25.54 -10.50 6.26
C ARG D 139 -26.05 -11.92 6.06
N LEU D 140 -26.25 -12.65 7.15
CA LEU D 140 -26.69 -14.03 7.08
C LEU D 140 -28.19 -14.09 6.80
N PHE D 141 -28.58 -14.98 5.90
CA PHE D 141 -29.98 -15.20 5.55
C PHE D 141 -30.32 -16.67 5.83
N PHE D 142 -31.13 -16.89 6.86
CA PHE D 142 -31.55 -18.24 7.23
C PHE D 142 -32.89 -18.55 6.57
N MET D 143 -32.91 -19.58 5.73
CA MET D 143 -34.08 -19.91 4.93
C MET D 143 -34.77 -21.20 5.37
N GLU D 144 -34.35 -21.80 6.49
CA GLU D 144 -34.93 -23.07 6.90
C GLU D 144 -36.37 -22.93 7.37
N GLY D 145 -36.78 -21.73 7.79
CA GLY D 145 -38.16 -21.50 8.18
C GLY D 145 -38.44 -21.51 9.66
N TRP D 146 -37.43 -21.75 10.49
CA TRP D 146 -37.64 -21.76 11.94
C TRP D 146 -37.61 -20.33 12.50
N GLY D 147 -38.02 -20.21 13.75
CA GLY D 147 -37.95 -18.94 14.46
C GLY D 147 -36.54 -18.65 14.91
N GLU D 148 -36.43 -17.59 15.73
CA GLU D 148 -35.13 -17.20 16.26
C GLU D 148 -34.48 -18.34 17.05
N GLY D 149 -35.29 -19.11 17.77
CA GLY D 149 -34.78 -20.20 18.56
C GLY D 149 -34.19 -19.73 19.88
N ALA D 150 -33.82 -20.71 20.71
CA ALA D 150 -33.34 -20.42 22.05
C ALA D 150 -31.93 -19.87 22.09
N HIS D 151 -31.23 -19.81 20.94
CA HIS D 151 -29.83 -19.42 20.93
C HIS D 151 -29.53 -18.40 19.84
N PHE D 152 -30.51 -17.57 19.49
CA PHE D 152 -30.32 -16.61 18.40
C PHE D 152 -29.20 -15.62 18.69
N ASP D 153 -28.90 -15.37 19.96
CA ASP D 153 -27.82 -14.45 20.30
C ASP D 153 -26.47 -14.96 19.81
N LEU D 154 -26.31 -16.28 19.71
CA LEU D 154 -25.03 -16.82 19.27
C LEU D 154 -24.84 -16.64 17.76
N TYR D 155 -25.92 -16.71 16.99
CA TYR D 155 -25.82 -16.42 15.57
C TYR D 155 -25.46 -14.95 15.33
N LYS D 156 -25.99 -14.05 16.17
CA LYS D 156 -25.69 -12.63 16.04
C LYS D 156 -24.20 -12.35 16.21
N LEU D 157 -23.51 -13.18 17.00
CA LEU D 157 -22.08 -12.95 17.23
C LEU D 157 -21.29 -13.06 15.93
N LEU D 158 -21.61 -14.04 15.11
CA LEU D 158 -21.12 -14.04 13.74
C LEU D 158 -21.80 -12.91 12.96
N SER D 159 -21.03 -12.21 12.14
CA SER D 159 -21.47 -11.08 11.33
C SER D 159 -21.83 -9.89 12.19
N PRO D 160 -21.44 -8.68 11.79
CA PRO D 160 -21.87 -7.47 12.52
C PRO D 160 -23.27 -7.03 12.15
N LYS D 161 -23.87 -7.60 11.11
CA LYS D 161 -25.19 -7.22 10.64
C LYS D 161 -26.23 -8.21 11.13
N GLN D 162 -27.39 -7.69 11.49
CA GLN D 162 -28.47 -8.51 12.03
C GLN D 162 -28.93 -9.54 10.99
N PRO D 163 -28.89 -10.83 11.31
CA PRO D 163 -29.33 -11.84 10.34
C PRO D 163 -30.83 -11.77 10.09
N LEU D 164 -31.23 -12.30 8.94
CA LEU D 164 -32.61 -12.27 8.49
C LEU D 164 -33.19 -13.68 8.49
N LEU D 165 -34.46 -13.79 8.86
CA LEU D 165 -35.19 -15.05 8.79
C LEU D 165 -36.13 -15.04 7.59
N ARG D 166 -36.55 -16.24 7.18
CA ARG D 166 -37.39 -16.35 5.99
C ARG D 166 -38.74 -15.67 6.19
N ALA D 167 -39.29 -15.74 7.40
CA ALA D 167 -40.61 -15.17 7.66
C ALA D 167 -40.61 -13.65 7.50
N GLN D 168 -39.45 -13.00 7.69
CA GLN D 168 -39.31 -11.57 7.49
C GLN D 168 -38.69 -11.23 6.15
N LEU D 169 -38.91 -12.07 5.13
CA LEU D 169 -38.57 -11.72 3.75
C LEU D 169 -39.80 -11.30 2.96
N LYS D 170 -40.99 -11.75 3.36
CA LYS D 170 -42.21 -11.26 2.73
C LYS D 170 -42.42 -9.78 2.96
N THR D 171 -41.95 -9.27 4.11
CA THR D 171 -42.15 -7.85 4.43
C THR D 171 -41.38 -6.94 3.47
N LEU D 172 -40.31 -7.44 2.87
CA LEU D 172 -39.43 -6.58 2.11
C LEU D 172 -39.93 -6.31 0.70
N GLY D 173 -40.73 -7.20 0.15
CA GLY D 173 -41.27 -6.97 -1.18
C GLY D 173 -41.77 -8.25 -1.81
N ARG D 174 -42.50 -8.05 -2.91
CA ARG D 174 -43.05 -9.17 -3.68
C ARG D 174 -41.94 -9.99 -4.33
N LEU D 175 -40.82 -9.35 -4.65
CA LEU D 175 -39.72 -9.99 -5.35
C LEU D 175 -38.44 -9.24 -5.02
N LEU D 176 -37.47 -9.92 -4.41
CA LEU D 176 -36.20 -9.32 -4.06
C LEU D 176 -35.06 -10.04 -4.75
N CYS D 177 -33.99 -9.29 -5.04
CA CYS D 177 -32.83 -9.80 -5.76
C CYS D 177 -31.56 -9.40 -5.04
N PHE D 178 -30.67 -10.35 -4.80
CA PHE D 178 -29.40 -10.10 -4.14
C PHE D 178 -28.36 -9.68 -5.18
N SER D 179 -27.75 -8.51 -4.99
CA SER D 179 -26.68 -8.08 -5.88
C SER D 179 -25.49 -9.03 -5.78
N HIS D 180 -25.27 -9.63 -4.61
CA HIS D 180 -24.14 -10.51 -4.38
C HIS D 180 -24.48 -11.45 -3.24
N ALA D 181 -24.56 -12.74 -3.53
CA ALA D 181 -25.00 -13.72 -2.53
C ALA D 181 -24.18 -14.99 -2.64
N PHE D 182 -23.81 -15.54 -1.48
CA PHE D 182 -23.19 -16.85 -1.38
C PHE D 182 -24.19 -17.81 -0.74
N VAL D 183 -24.30 -19.01 -1.31
CA VAL D 183 -25.29 -20.00 -0.90
C VAL D 183 -24.57 -21.28 -0.52
N GLY D 184 -24.91 -21.82 0.64
CA GLY D 184 -24.37 -23.08 1.10
C GLY D 184 -23.42 -22.91 2.28
N LEU D 185 -23.00 -24.06 2.81
CA LEU D 185 -22.10 -24.10 3.96
C LEU D 185 -21.08 -25.20 3.75
N SER D 186 -19.82 -24.90 4.09
CA SER D 186 -18.79 -25.93 4.07
C SER D 186 -19.08 -26.97 5.14
N LYS D 187 -18.77 -28.23 4.83
CA LYS D 187 -18.91 -29.33 5.78
C LYS D 187 -17.60 -29.67 6.46
N ILE D 188 -16.57 -28.84 6.28
CA ILE D 188 -15.21 -29.24 6.63
C ILE D 188 -15.01 -29.31 8.14
N THR D 189 -15.80 -28.56 8.92
CA THR D 189 -15.64 -28.56 10.36
C THR D 189 -16.50 -29.60 11.06
N THR D 190 -17.33 -30.33 10.33
CA THR D 190 -18.20 -31.33 10.97
C THR D 190 -17.41 -32.56 11.38
N TRP D 191 -17.91 -33.25 12.41
CA TRP D 191 -17.29 -34.48 12.89
C TRP D 191 -18.29 -35.56 13.25
N TYR D 192 -19.60 -35.30 13.11
CA TYR D 192 -20.62 -36.25 13.53
C TYR D 192 -21.78 -36.23 12.55
N GLN D 193 -22.42 -37.38 12.40
CA GLN D 193 -23.64 -37.50 11.61
C GLN D 193 -24.70 -38.16 12.48
N TYR D 194 -25.96 -37.72 12.31
CA TYR D 194 -27.02 -38.01 13.26
C TYR D 194 -27.82 -39.26 12.91
N GLY D 195 -27.37 -40.06 11.95
CA GLY D 195 -27.95 -41.37 11.75
C GLY D 195 -29.11 -41.45 10.77
N PHE D 196 -28.98 -40.81 9.61
CA PHE D 196 -30.08 -40.78 8.66
C PHE D 196 -30.08 -41.95 7.68
N VAL D 197 -28.93 -42.59 7.44
CA VAL D 197 -28.89 -43.75 6.55
C VAL D 197 -28.27 -44.94 7.28
N GLN D 198 -27.44 -44.66 8.27
CA GLN D 198 -26.83 -45.67 9.12
C GLN D 198 -26.74 -45.09 10.53
N PRO D 199 -26.68 -45.95 11.56
CA PRO D 199 -26.74 -45.44 12.94
C PRO D 199 -25.73 -44.32 13.19
N GLN D 200 -26.13 -43.41 14.09
CA GLN D 200 -25.34 -42.20 14.31
C GLN D 200 -23.96 -42.55 14.86
N GLY D 201 -22.99 -41.70 14.51
CA GLY D 201 -21.62 -41.90 14.91
C GLY D 201 -20.71 -40.85 14.31
N PRO D 202 -19.41 -40.97 14.56
CA PRO D 202 -18.47 -39.99 14.00
C PRO D 202 -18.38 -40.10 12.48
N LYS D 203 -18.01 -38.99 11.85
CA LYS D 203 -17.79 -38.98 10.42
C LYS D 203 -16.59 -39.85 10.06
N ALA D 204 -16.64 -40.45 8.87
CA ALA D 204 -15.57 -41.36 8.46
C ALA D 204 -14.25 -40.64 8.30
N ASN D 205 -14.27 -39.46 7.70
CA ASN D 205 -13.06 -38.67 7.44
C ASN D 205 -13.25 -37.29 8.06
N ILE D 206 -12.76 -37.13 9.28
CA ILE D 206 -12.84 -35.85 9.99
C ILE D 206 -11.67 -34.99 9.53
N LEU D 207 -11.98 -33.79 9.02
CA LEU D 207 -10.98 -32.91 8.44
C LEU D 207 -10.67 -31.71 9.34
N VAL D 208 -11.23 -31.67 10.54
CA VAL D 208 -10.98 -30.58 11.47
C VAL D 208 -10.22 -31.11 12.67
N SER D 209 -9.34 -30.28 13.22
CA SER D 209 -8.55 -30.61 14.40
C SER D 209 -8.89 -29.63 15.52
N GLY D 210 -8.29 -29.89 16.69
CA GLY D 210 -8.58 -29.07 17.86
C GLY D 210 -8.15 -27.62 17.72
N ASN D 211 -7.08 -27.37 16.96
CA ASN D 211 -6.61 -26.00 16.78
C ASN D 211 -7.69 -25.14 16.14
N GLU D 212 -8.34 -25.64 15.08
CA GLU D 212 -9.37 -24.88 14.41
C GLU D 212 -10.61 -24.72 15.28
N ILE D 213 -10.92 -25.74 16.09
CA ILE D 213 -12.01 -25.60 17.05
C ILE D 213 -11.70 -24.50 18.06
N ARG D 214 -10.47 -24.48 18.57
CA ARG D 214 -10.12 -23.54 19.63
C ARG D 214 -9.96 -22.12 19.09
N GLN D 215 -9.54 -21.96 17.84
CA GLN D 215 -9.55 -20.62 17.25
C GLN D 215 -10.96 -20.09 17.10
N PHE D 216 -11.91 -20.98 16.78
CA PHE D 216 -13.32 -20.59 16.77
C PHE D 216 -13.80 -20.30 18.19
N ALA D 217 -13.36 -21.10 19.16
CA ALA D 217 -13.81 -20.91 20.54
C ALA D 217 -13.30 -19.59 21.11
N ARG D 218 -12.09 -19.18 20.73
CA ARG D 218 -11.56 -17.91 21.20
C ARG D 218 -12.31 -16.74 20.59
N PHE D 219 -12.72 -16.86 19.32
CA PHE D 219 -13.54 -15.84 18.70
C PHE D 219 -14.85 -15.66 19.45
N MET D 220 -15.53 -16.79 19.74
CA MET D 220 -16.81 -16.72 20.45
C MET D 220 -16.64 -16.18 21.86
N THR D 221 -15.51 -16.48 22.52
CA THR D 221 -15.29 -15.97 23.88
C THR D 221 -15.11 -14.46 23.87
N GLU D 222 -14.34 -13.93 22.92
CA GLU D 222 -14.16 -12.49 22.82
C GLU D 222 -15.47 -11.79 22.52
N LYS D 223 -16.24 -12.32 21.57
CA LYS D 223 -17.52 -11.71 21.23
C LYS D 223 -18.51 -11.80 22.38
N LEU D 224 -18.34 -12.77 23.27
CA LEU D 224 -19.17 -12.87 24.46
C LEU D 224 -18.66 -12.01 25.61
N ASN D 225 -17.57 -11.27 25.40
CA ASN D 225 -16.95 -10.44 26.43
C ASN D 225 -16.61 -11.24 27.68
N ALA D 226 -16.27 -12.52 27.49
CA ALA D 226 -15.94 -13.42 28.60
C ALA D 226 -14.45 -13.71 28.69
N SER D 227 -13.63 -13.09 27.85
CA SER D 227 -12.18 -13.33 27.89
C SER D 227 -11.52 -12.48 28.96
N ALA D 234 -7.01 -22.19 44.45
CA ALA D 234 -7.37 -20.78 44.49
C ALA D 234 -8.10 -20.37 43.23
N ALA D 235 -8.09 -21.26 42.23
CA ALA D 235 -8.77 -21.03 40.96
C ALA D 235 -8.89 -22.34 40.20
N GLU D 236 -9.03 -23.45 40.92
CA GLU D 236 -9.08 -24.78 40.34
C GLU D 236 -10.33 -25.48 40.87
N TYR D 237 -11.23 -25.86 39.96
CA TYR D 237 -12.50 -26.46 40.36
C TYR D 237 -12.90 -27.52 39.35
N ILE D 238 -13.88 -28.33 39.75
CA ILE D 238 -14.53 -29.32 38.89
C ILE D 238 -15.93 -28.80 38.59
N LEU D 239 -16.27 -28.76 37.31
CA LEU D 239 -17.57 -28.24 36.88
C LEU D 239 -18.53 -29.38 36.59
N VAL D 240 -19.72 -29.33 37.17
CA VAL D 240 -20.76 -30.32 36.96
C VAL D 240 -21.94 -29.62 36.29
N PHE D 241 -22.28 -30.07 35.08
CA PHE D 241 -23.43 -29.53 34.36
C PHE D 241 -24.70 -30.15 34.92
N SER D 242 -25.54 -29.34 35.55
CA SER D 242 -26.83 -29.79 36.04
C SER D 242 -27.93 -29.40 35.07
N ARG D 243 -28.95 -30.24 34.98
CA ARG D 243 -30.14 -29.96 34.20
C ARG D 243 -31.31 -29.76 35.16
N THR D 244 -32.23 -28.86 34.78
CA THR D 244 -33.40 -28.57 35.60
C THR D 244 -34.62 -29.37 35.16
N GLN D 245 -34.85 -29.48 33.86
CA GLN D 245 -36.04 -30.11 33.32
C GLN D 245 -36.03 -31.63 33.50
N ASN D 246 -35.28 -32.32 32.65
CA ASN D 246 -35.29 -33.77 32.59
C ASN D 246 -33.86 -34.26 32.43
N ARG D 247 -33.70 -35.58 32.33
CA ARG D 247 -32.39 -36.23 32.30
C ARG D 247 -31.54 -35.76 33.48
N LEU D 248 -32.10 -35.93 34.67
CA LEU D 248 -31.53 -35.38 35.89
C LEU D 248 -30.48 -36.31 36.48
N ILE D 249 -29.52 -35.71 37.18
CA ILE D 249 -28.68 -36.42 38.13
C ILE D 249 -29.39 -36.38 39.47
N LEU D 250 -29.93 -37.52 39.91
CA LEU D 250 -30.80 -37.54 41.07
C LEU D 250 -30.03 -37.25 42.36
N ASN D 251 -28.77 -37.67 42.44
CA ASN D 251 -27.98 -37.44 43.65
C ASN D 251 -26.88 -36.42 43.39
N GLU D 252 -27.26 -35.21 42.97
CA GLU D 252 -26.28 -34.19 42.64
C GLU D 252 -25.42 -33.81 43.84
N ALA D 253 -26.05 -33.64 45.00
CA ALA D 253 -25.31 -33.29 46.21
C ALA D 253 -24.31 -34.37 46.58
N GLU D 254 -24.73 -35.64 46.50
CA GLU D 254 -23.81 -36.74 46.74
C GLU D 254 -22.67 -36.74 45.72
N LEU D 255 -22.99 -36.43 44.46
CA LEU D 255 -21.97 -36.41 43.41
C LEU D 255 -20.95 -35.30 43.65
N LEU D 256 -21.39 -34.14 44.11
CA LEU D 256 -20.47 -33.04 44.37
C LEU D 256 -19.52 -33.36 45.51
N LEU D 257 -20.03 -34.04 46.55
CA LEU D 257 -19.18 -34.42 47.67
C LEU D 257 -18.10 -35.40 47.24
N ALA D 258 -18.49 -36.45 46.51
CA ALA D 258 -17.54 -37.50 46.14
C ALA D 258 -16.44 -36.96 45.25
N LEU D 259 -16.77 -36.09 44.31
CA LEU D 259 -15.77 -35.51 43.43
C LEU D 259 -14.78 -34.66 44.23
N ALA D 260 -15.27 -33.89 45.20
CA ALA D 260 -14.39 -33.05 46.00
C ALA D 260 -13.43 -33.88 46.84
N GLN D 261 -13.94 -34.94 47.48
CA GLN D 261 -13.10 -35.78 48.32
C GLN D 261 -12.07 -36.54 47.50
N GLU D 262 -12.43 -36.96 46.28
CA GLU D 262 -11.56 -37.83 45.51
C GLU D 262 -10.43 -37.07 44.84
N PHE D 263 -10.70 -35.88 44.32
CA PHE D 263 -9.74 -35.13 43.52
C PHE D 263 -9.21 -33.88 44.21
N GLN D 264 -9.69 -33.59 45.43
CA GLN D 264 -9.17 -32.47 46.23
C GLN D 264 -9.40 -31.14 45.52
N MET D 265 -10.62 -30.93 45.03
CA MET D 265 -10.99 -29.72 44.32
C MET D 265 -12.42 -29.34 44.66
N LYS D 266 -12.71 -28.06 44.52
CA LYS D 266 -14.10 -27.63 44.62
C LYS D 266 -14.89 -28.13 43.43
N THR D 267 -16.19 -28.29 43.64
CA THR D 267 -17.10 -28.70 42.58
C THR D 267 -18.16 -27.62 42.45
N VAL D 268 -18.24 -27.01 41.28
CA VAL D 268 -19.21 -25.96 40.99
C VAL D 268 -20.29 -26.53 40.08
N THR D 269 -21.52 -26.07 40.30
CA THR D 269 -22.66 -26.45 39.47
C THR D 269 -22.92 -25.37 38.43
N VAL D 270 -23.11 -25.77 37.18
CA VAL D 270 -23.44 -24.87 36.10
C VAL D 270 -24.69 -25.38 35.41
N SER D 271 -25.48 -24.45 34.87
CA SER D 271 -26.73 -24.78 34.18
C SER D 271 -26.89 -23.86 32.98
N LEU D 272 -27.51 -24.39 31.93
CA LEU D 272 -27.90 -23.55 30.80
C LEU D 272 -29.14 -22.73 31.13
N GLU D 273 -30.00 -23.25 32.01
CA GLU D 273 -31.27 -22.60 32.31
C GLU D 273 -31.12 -21.49 33.33
N ASP D 274 -30.13 -21.58 34.22
CA ASP D 274 -29.96 -20.62 35.31
C ASP D 274 -28.82 -19.65 35.10
N HIS D 275 -27.99 -19.83 34.07
CA HIS D 275 -26.88 -18.95 33.78
C HIS D 275 -27.03 -18.33 32.41
N THR D 276 -26.47 -17.14 32.24
CA THR D 276 -26.26 -16.62 30.89
C THR D 276 -25.23 -17.49 30.18
N PHE D 277 -25.28 -17.49 28.85
CA PHE D 277 -24.33 -18.29 28.10
C PHE D 277 -22.90 -17.75 28.26
N ALA D 278 -22.76 -16.45 28.48
CA ALA D 278 -21.44 -15.91 28.80
C ALA D 278 -20.95 -16.39 30.16
N ASP D 279 -21.87 -16.56 31.12
CA ASP D 279 -21.49 -17.17 32.40
C ASP D 279 -21.07 -18.62 32.20
N VAL D 280 -21.81 -19.36 31.38
CA VAL D 280 -21.47 -20.76 31.12
C VAL D 280 -20.07 -20.85 30.52
N VAL D 281 -19.78 -20.02 29.52
CA VAL D 281 -18.46 -20.03 28.89
C VAL D 281 -17.40 -19.62 29.90
N ARG D 282 -17.73 -18.66 30.78
CA ARG D 282 -16.78 -18.25 31.81
C ARG D 282 -16.43 -19.42 32.74
N LEU D 283 -17.44 -20.20 33.13
CA LEU D 283 -17.18 -21.32 34.04
C LEU D 283 -16.49 -22.47 33.34
N VAL D 284 -16.90 -22.80 32.11
CA VAL D 284 -16.30 -23.92 31.40
C VAL D 284 -14.85 -23.64 31.03
N SER D 285 -14.53 -22.38 30.72
CA SER D 285 -13.20 -22.04 30.21
C SER D 285 -12.10 -22.24 31.24
N ASN D 286 -12.43 -22.25 32.54
CA ASN D 286 -11.44 -22.47 33.58
C ASN D 286 -11.60 -23.81 34.29
N ALA D 287 -12.59 -24.60 33.90
CA ALA D 287 -12.83 -25.87 34.58
C ALA D 287 -11.71 -26.86 34.31
N SER D 288 -11.26 -27.53 35.37
CA SER D 288 -10.30 -28.62 35.22
C SER D 288 -10.96 -29.92 34.79
N MET D 289 -12.26 -30.08 35.04
CA MET D 289 -13.00 -31.28 34.71
C MET D 289 -14.45 -30.89 34.50
N LEU D 290 -15.09 -31.51 33.50
CA LEU D 290 -16.47 -31.23 33.17
C LEU D 290 -17.27 -32.52 33.25
N VAL D 291 -18.18 -32.59 34.22
CA VAL D 291 -19.04 -33.75 34.43
C VAL D 291 -20.45 -33.38 34.00
N SER D 292 -21.11 -34.28 33.26
CA SER D 292 -22.45 -34.01 32.76
C SER D 292 -23.06 -35.28 32.21
N MET D 293 -24.38 -35.38 32.33
CA MET D 293 -25.12 -36.38 31.59
C MET D 293 -24.96 -36.14 30.09
N HIS D 294 -25.17 -37.19 29.31
CA HIS D 294 -25.16 -37.06 27.86
C HIS D 294 -26.23 -36.07 27.43
N GLY D 295 -25.83 -35.01 26.74
CA GLY D 295 -26.79 -34.00 26.34
C GLY D 295 -26.11 -32.87 25.60
N ALA D 296 -26.95 -32.00 25.03
CA ALA D 296 -26.48 -30.94 24.16
C ALA D 296 -25.56 -29.97 24.89
N GLN D 297 -25.69 -29.86 26.22
CA GLN D 297 -24.84 -28.95 26.97
C GLN D 297 -23.37 -29.35 26.92
N LEU D 298 -23.08 -30.61 26.61
CA LEU D 298 -21.69 -31.07 26.54
C LEU D 298 -20.95 -30.58 25.31
N VAL D 299 -21.62 -29.88 24.39
CA VAL D 299 -20.89 -29.30 23.25
C VAL D 299 -20.04 -28.13 23.72
N THR D 300 -20.34 -27.55 24.88
CA THR D 300 -19.45 -26.54 25.47
C THR D 300 -18.08 -27.10 25.82
N THR D 301 -17.88 -28.41 25.65
CA THR D 301 -16.56 -29.01 25.76
C THR D 301 -15.53 -28.23 24.94
N LEU D 302 -15.93 -27.71 23.80
CA LEU D 302 -15.02 -26.95 22.94
C LEU D 302 -14.49 -25.69 23.61
N PHE D 303 -15.05 -25.28 24.75
CA PHE D 303 -14.56 -24.14 25.51
C PHE D 303 -13.61 -24.54 26.63
N LEU D 304 -13.41 -25.84 26.86
CA LEU D 304 -12.58 -26.29 27.97
C LEU D 304 -11.12 -25.95 27.71
N PRO D 305 -10.36 -25.64 28.76
CA PRO D 305 -8.93 -25.39 28.60
C PRO D 305 -8.19 -26.67 28.26
N ARG D 306 -7.02 -26.49 27.63
CA ARG D 306 -6.18 -27.64 27.29
C ARG D 306 -5.77 -28.37 28.56
N GLY D 307 -5.90 -29.70 28.55
CA GLY D 307 -5.57 -30.53 29.69
C GLY D 307 -6.75 -30.92 30.54
N ALA D 308 -7.94 -30.34 30.31
CA ALA D 308 -9.10 -30.68 31.11
C ALA D 308 -9.61 -32.08 30.73
N THR D 309 -10.57 -32.57 31.52
CA THR D 309 -11.12 -33.90 31.34
C THR D 309 -12.64 -33.81 31.23
N VAL D 310 -13.20 -34.46 30.20
CA VAL D 310 -14.64 -34.58 30.06
C VAL D 310 -15.09 -35.89 30.68
N VAL D 311 -16.10 -35.82 31.54
CA VAL D 311 -16.68 -36.99 32.17
C VAL D 311 -18.15 -37.02 31.76
N GLU D 312 -18.49 -37.90 30.82
CA GLU D 312 -19.85 -38.01 30.31
C GLU D 312 -20.55 -39.20 30.97
N LEU D 313 -21.77 -38.98 31.43
CA LEU D 313 -22.56 -40.00 32.11
C LEU D 313 -23.73 -40.41 31.23
N PHE D 314 -23.97 -41.72 31.15
CA PHE D 314 -25.02 -42.26 30.31
C PHE D 314 -26.05 -43.00 31.14
N PRO D 315 -27.35 -42.78 30.92
CA PRO D 315 -28.37 -43.48 31.72
C PRO D 315 -28.44 -44.97 31.42
N TYR D 316 -29.29 -45.67 32.16
CA TYR D 316 -29.43 -47.11 32.00
C TYR D 316 -29.88 -47.46 30.58
N ALA D 317 -29.25 -48.51 30.03
CA ALA D 317 -29.52 -49.10 28.71
C ALA D 317 -29.00 -48.26 27.55
N VAL D 318 -28.19 -47.23 27.80
CA VAL D 318 -27.63 -46.38 26.76
C VAL D 318 -26.15 -46.70 26.65
N ASN D 319 -25.76 -47.35 25.56
CA ASN D 319 -24.36 -47.71 25.34
C ASN D 319 -23.56 -46.49 24.96
N PRO D 320 -22.52 -46.12 25.71
CA PRO D 320 -21.74 -44.92 25.38
C PRO D 320 -21.09 -44.97 24.00
N ASP D 321 -20.67 -46.14 23.54
CA ASP D 321 -19.98 -46.23 22.26
C ASP D 321 -20.92 -46.05 21.07
N HIS D 322 -22.23 -45.96 21.29
CA HIS D 322 -23.19 -45.74 20.22
C HIS D 322 -23.57 -44.26 20.06
N TYR D 323 -23.22 -43.41 21.02
CA TYR D 323 -23.63 -42.01 21.03
C TYR D 323 -22.42 -41.17 21.43
N THR D 324 -21.56 -40.88 20.44
CA THR D 324 -20.26 -40.31 20.71
C THR D 324 -20.00 -38.93 20.08
N PRO D 325 -20.97 -38.00 20.04
CA PRO D 325 -20.64 -36.69 19.47
C PRO D 325 -19.70 -35.89 20.34
N TYR D 326 -19.74 -36.12 21.66
CA TYR D 326 -18.88 -35.39 22.58
C TYR D 326 -17.59 -36.15 22.88
N LYS D 327 -17.61 -37.49 22.78
CA LYS D 327 -16.37 -38.24 22.80
C LYS D 327 -15.51 -37.91 21.58
N THR D 328 -16.13 -37.80 20.41
CA THR D 328 -15.39 -37.44 19.21
C THR D 328 -14.80 -36.04 19.31
N LEU D 329 -15.59 -35.09 19.80
CA LEU D 329 -15.08 -33.72 19.95
C LEU D 329 -13.95 -33.66 20.97
N ALA D 330 -14.14 -34.31 22.13
CA ALA D 330 -13.14 -34.25 23.18
C ALA D 330 -11.84 -34.93 22.78
N MET D 331 -11.91 -36.00 21.99
CA MET D 331 -10.75 -36.78 21.61
C MET D 331 -10.18 -36.39 20.25
N LEU D 332 -10.63 -35.27 19.69
CA LEU D 332 -10.06 -34.81 18.43
C LEU D 332 -8.58 -34.49 18.61
N PRO D 333 -7.72 -34.89 17.68
CA PRO D 333 -6.31 -34.49 17.75
C PRO D 333 -6.17 -32.97 17.77
N GLY D 334 -5.37 -32.47 18.71
CA GLY D 334 -5.20 -31.05 18.90
C GLY D 334 -6.11 -30.44 19.95
N MET D 335 -7.11 -31.19 20.43
CA MET D 335 -7.99 -30.65 21.46
C MET D 335 -7.33 -30.64 22.83
N ASP D 336 -6.39 -31.56 23.07
CA ASP D 336 -5.70 -31.66 24.35
C ASP D 336 -6.67 -31.86 25.50
N LEU D 337 -7.63 -32.77 25.30
CA LEU D 337 -8.61 -33.12 26.31
C LEU D 337 -8.62 -34.62 26.53
N GLN D 338 -9.04 -35.03 27.73
CA GLN D 338 -9.24 -36.43 28.06
C GLN D 338 -10.73 -36.70 28.18
N TYR D 339 -11.13 -37.91 27.77
CA TYR D 339 -12.52 -38.31 27.79
C TYR D 339 -12.73 -39.50 28.71
N VAL D 340 -13.81 -39.45 29.49
CA VAL D 340 -14.21 -40.53 30.38
C VAL D 340 -15.70 -40.75 30.18
N ALA D 341 -16.09 -42.01 29.98
CA ALA D 341 -17.49 -42.39 29.84
C ALA D 341 -17.88 -43.30 31.00
N TRP D 342 -18.92 -42.91 31.72
CA TRP D 342 -19.51 -43.72 32.77
C TRP D 342 -20.97 -44.01 32.41
N ARG D 343 -21.42 -45.21 32.75
CA ARG D 343 -22.78 -45.62 32.44
C ARG D 343 -23.43 -46.26 33.66
N ASN D 344 -24.75 -46.09 33.77
CA ASN D 344 -25.53 -46.75 34.80
C ASN D 344 -26.01 -48.10 34.28
N MET D 345 -25.66 -49.17 34.98
CA MET D 345 -26.06 -50.52 34.59
C MET D 345 -27.16 -51.08 35.47
N MET D 346 -27.58 -50.35 36.50
CA MET D 346 -28.52 -50.88 37.48
C MET D 346 -29.90 -50.26 37.30
N PRO D 347 -30.92 -51.04 36.98
CA PRO D 347 -32.28 -50.48 36.90
C PRO D 347 -32.74 -49.85 38.21
N GLU D 348 -32.22 -50.31 39.34
CA GLU D 348 -32.59 -49.74 40.64
C GLU D 348 -32.10 -48.31 40.82
N ASN D 349 -31.17 -47.84 39.97
CA ASN D 349 -30.68 -46.47 40.02
C ASN D 349 -31.23 -45.60 38.91
N THR D 350 -32.21 -46.09 38.15
CA THR D 350 -32.85 -45.32 37.10
C THR D 350 -34.30 -45.05 37.46
N VAL D 351 -34.80 -43.91 36.99
CA VAL D 351 -36.21 -43.56 37.12
C VAL D 351 -36.73 -43.23 35.73
N THR D 352 -37.73 -43.99 35.28
CA THR D 352 -38.33 -43.80 33.98
C THR D 352 -39.61 -42.98 34.10
N HIS D 353 -40.05 -42.44 32.97
CA HIS D 353 -41.26 -41.63 32.89
C HIS D 353 -42.07 -42.05 31.68
N PRO D 354 -42.76 -43.20 31.78
CA PRO D 354 -43.43 -43.75 30.60
C PRO D 354 -44.70 -43.00 30.18
N GLU D 355 -45.19 -42.06 31.00
CA GLU D 355 -46.46 -41.39 30.71
C GLU D 355 -46.29 -40.00 30.10
N ARG D 356 -45.05 -39.52 29.96
CA ARG D 356 -44.81 -38.24 29.33
C ARG D 356 -45.15 -38.33 27.85
N PRO D 357 -45.26 -37.19 27.15
CA PRO D 357 -45.45 -37.25 25.70
C PRO D 357 -44.24 -37.85 25.01
N TRP D 358 -44.47 -38.36 23.79
CA TRP D 358 -43.38 -38.88 22.97
C TRP D 358 -42.22 -37.90 22.90
N ASP D 359 -42.52 -36.60 22.95
CA ASP D 359 -41.49 -35.56 22.99
C ASP D 359 -40.43 -35.85 24.05
N GLN D 360 -40.87 -36.33 25.22
CA GLN D 360 -39.98 -36.51 26.37
C GLN D 360 -39.79 -37.99 26.72
N GLY D 361 -39.95 -38.89 25.76
CA GLY D 361 -39.64 -40.28 25.98
C GLY D 361 -40.74 -41.14 26.55
N GLY D 362 -41.98 -40.66 26.58
CA GLY D 362 -43.08 -41.49 27.04
C GLY D 362 -43.40 -42.58 26.03
N ILE D 363 -43.91 -43.70 26.54
CA ILE D 363 -44.26 -44.85 25.72
C ILE D 363 -45.72 -45.24 25.83
N THR D 364 -46.54 -44.46 26.56
CA THR D 364 -47.95 -44.79 26.70
C THR D 364 -48.70 -44.70 25.37
N HIS D 365 -48.16 -43.99 24.39
CA HIS D 365 -48.78 -43.86 23.08
C HIS D 365 -48.52 -45.06 22.17
N LEU D 366 -47.97 -46.14 22.70
CA LEU D 366 -47.62 -47.31 21.93
C LEU D 366 -48.44 -48.51 22.38
N ASP D 367 -48.53 -49.50 21.50
CA ASP D 367 -49.21 -50.76 21.84
C ASP D 367 -48.58 -51.38 23.08
N ALA D 368 -49.41 -52.08 23.86
CA ALA D 368 -48.92 -52.67 25.10
C ALA D 368 -47.79 -53.65 24.86
N ALA D 369 -47.82 -54.37 23.74
CA ALA D 369 -46.74 -55.31 23.44
C ALA D 369 -45.42 -54.60 23.21
N GLU D 370 -45.44 -53.48 22.49
CA GLU D 370 -44.21 -52.74 22.26
C GLU D 370 -43.71 -52.10 23.56
N GLN D 371 -44.62 -51.66 24.42
CA GLN D 371 -44.22 -51.18 25.73
C GLN D 371 -43.56 -52.27 26.56
N ALA D 372 -44.02 -53.52 26.40
CA ALA D 372 -43.42 -54.63 27.12
C ALA D 372 -42.01 -54.91 26.64
N ALA D 373 -41.80 -54.93 25.32
CA ALA D 373 -40.47 -55.18 24.79
C ALA D 373 -39.49 -54.08 25.18
N ILE D 374 -39.96 -52.83 25.23
CA ILE D 374 -39.11 -51.73 25.64
C ILE D 374 -38.71 -51.85 27.10
N LEU D 375 -39.68 -52.16 27.96
CA LEU D 375 -39.40 -52.28 29.39
C LEU D 375 -38.51 -53.47 29.70
N GLN D 376 -38.56 -54.52 28.87
CA GLN D 376 -37.72 -55.69 29.10
C GLN D 376 -36.34 -55.54 28.50
N SER D 377 -36.19 -54.70 27.47
CA SER D 377 -34.90 -54.51 26.83
C SER D 377 -33.91 -53.87 27.79
N ARG D 378 -32.68 -54.39 27.79
CA ARG D 378 -31.64 -53.91 28.68
C ARG D 378 -30.64 -52.99 28.01
N GLU D 379 -30.78 -52.77 26.69
CA GLU D 379 -29.90 -51.85 25.97
C GLU D 379 -30.62 -51.39 24.72
N VAL D 380 -30.59 -50.09 24.46
CA VAL D 380 -31.20 -49.52 23.25
C VAL D 380 -30.45 -50.06 22.04
N PRO D 381 -31.11 -50.78 21.15
CA PRO D 381 -30.44 -51.27 19.94
C PRO D 381 -30.09 -50.13 19.00
N ARG D 382 -29.10 -50.38 18.15
CA ARG D 382 -28.72 -49.40 17.14
C ARG D 382 -29.90 -49.15 16.20
N HIS D 383 -30.17 -47.88 15.95
CA HIS D 383 -31.38 -47.45 15.25
C HIS D 383 -31.00 -46.33 14.29
N LEU D 384 -31.97 -45.95 13.46
CA LEU D 384 -31.83 -44.80 12.58
C LEU D 384 -32.45 -43.57 13.23
N CYS D 385 -32.15 -42.41 12.64
CA CYS D 385 -32.35 -41.15 13.35
C CYS D 385 -33.80 -40.89 13.74
N CYS D 386 -33.94 -40.14 14.84
CA CYS D 386 -34.88 -39.03 15.02
C CYS D 386 -35.89 -39.27 16.13
N ARG D 387 -36.86 -40.17 15.94
CA ARG D 387 -37.92 -40.35 16.94
C ARG D 387 -38.10 -41.83 17.28
N ASN D 388 -37.01 -42.50 17.59
CA ASN D 388 -37.05 -43.88 18.05
C ASN D 388 -37.58 -43.92 19.47
N PRO D 389 -38.72 -44.59 19.73
CA PRO D 389 -39.33 -44.49 21.07
C PRO D 389 -38.51 -45.13 22.18
N GLU D 390 -37.84 -46.26 21.91
CA GLU D 390 -37.02 -46.87 22.95
C GLU D 390 -35.84 -45.97 23.32
N TRP D 391 -35.22 -45.35 22.32
CA TRP D 391 -34.12 -44.43 22.59
C TRP D 391 -34.58 -43.23 23.40
N LEU D 392 -35.71 -42.62 22.98
CA LEU D 392 -36.23 -41.47 23.70
C LEU D 392 -36.63 -41.84 25.12
N PHE D 393 -37.16 -43.05 25.31
CA PHE D 393 -37.57 -43.50 26.63
C PHE D 393 -36.39 -43.59 27.58
N ARG D 394 -35.26 -44.11 27.10
CA ARG D 394 -34.10 -44.29 27.96
C ARG D 394 -33.30 -42.99 28.12
N ILE D 395 -33.25 -42.16 27.08
CA ILE D 395 -32.44 -40.95 27.15
C ILE D 395 -33.05 -39.91 28.08
N TYR D 396 -34.36 -39.96 28.32
CA TYR D 396 -35.02 -39.03 29.22
C TYR D 396 -35.26 -39.63 30.60
N GLN D 397 -34.52 -40.68 30.95
CA GLN D 397 -34.55 -41.19 32.31
C GLN D 397 -33.84 -40.23 33.26
N ASP D 398 -34.14 -40.39 34.54
CA ASP D 398 -33.33 -39.79 35.60
C ASP D 398 -32.41 -40.85 36.17
N THR D 399 -31.22 -40.42 36.59
CA THR D 399 -30.16 -41.35 36.95
C THR D 399 -29.62 -41.05 38.33
N LYS D 400 -29.56 -42.08 39.17
CA LYS D 400 -28.83 -42.01 40.44
C LYS D 400 -27.41 -42.52 40.18
N VAL D 401 -26.45 -41.60 40.15
CA VAL D 401 -25.08 -41.95 39.80
C VAL D 401 -24.48 -42.81 40.91
N ASP D 402 -23.89 -43.94 40.52
CA ASP D 402 -23.18 -44.80 41.46
C ASP D 402 -21.77 -44.26 41.63
N ILE D 403 -21.47 -43.71 42.80
CA ILE D 403 -20.22 -43.00 43.06
C ILE D 403 -19.02 -43.94 43.01
N PRO D 404 -19.06 -45.14 43.60
CA PRO D 404 -17.89 -46.04 43.48
C PRO D 404 -17.49 -46.34 42.05
N SER D 405 -18.44 -46.66 41.16
CA SER D 405 -18.09 -46.97 39.79
C SER D 405 -17.63 -45.72 39.03
N LEU D 406 -18.27 -44.58 39.31
CA LEU D 406 -17.87 -43.34 38.64
C LEU D 406 -16.43 -42.98 38.98
N ILE D 407 -16.05 -43.10 40.26
CA ILE D 407 -14.70 -42.72 40.66
C ILE D 407 -13.67 -43.68 40.09
N GLN D 408 -13.95 -44.99 40.14
CA GLN D 408 -13.05 -45.95 39.51
C GLN D 408 -12.92 -45.69 38.02
N THR D 409 -14.01 -45.27 37.37
CA THR D 409 -13.99 -45.04 35.94
C THR D 409 -13.15 -43.83 35.58
N ILE D 410 -13.27 -42.74 36.35
CA ILE D 410 -12.47 -41.55 36.09
C ILE D 410 -11.00 -41.82 36.39
N ARG D 411 -10.72 -42.56 37.47
CA ARG D 411 -9.35 -42.77 37.91
C ARG D 411 -8.53 -43.58 36.92
N ARG D 412 -9.17 -44.32 36.01
CA ARG D 412 -8.43 -44.99 34.96
C ARG D 412 -7.82 -44.01 33.96
N VAL D 413 -8.22 -42.74 33.99
CA VAL D 413 -7.74 -41.73 33.06
C VAL D 413 -7.03 -40.60 33.77
N VAL D 414 -7.55 -40.13 34.91
CA VAL D 414 -7.08 -38.93 35.57
C VAL D 414 -6.30 -39.30 36.81
N LYS D 415 -5.19 -38.58 37.05
CA LYS D 415 -4.36 -38.75 38.25
C LYS D 415 -4.14 -37.38 38.89
N GLY D 416 -5.24 -36.67 39.15
CA GLY D 416 -5.17 -35.30 39.62
C GLY D 416 -5.48 -34.34 38.49
N ALA D 417 -6.68 -33.77 38.50
CA ALA D 417 -7.22 -33.03 37.36
C ALA D 417 -6.22 -32.05 36.79
N ALA D 418 -5.83 -32.29 35.54
CA ALA D 418 -4.72 -31.61 34.88
C ALA D 418 -5.09 -30.17 34.51
N PRO D 419 -4.09 -29.31 34.27
CA PRO D 419 -4.41 -27.91 33.98
C PRO D 419 -4.74 -27.67 32.51
N ALA D 423 -1.74 -27.40 27.86
CA ALA D 423 -0.90 -28.37 27.18
C ALA D 423 -0.31 -27.79 25.90
N ALA D 424 0.86 -27.17 26.01
CA ALA D 424 1.54 -26.64 24.84
C ALA D 424 2.09 -27.77 23.99
N ALA D 425 1.91 -27.66 22.68
CA ALA D 425 2.34 -28.70 21.76
C ALA D 425 2.50 -28.08 20.38
N ALA D 426 2.77 -28.93 19.38
CA ALA D 426 2.92 -28.49 18.00
C ALA D 426 2.36 -29.54 17.05
N GLY D 427 3.16 -30.56 16.74
CA GLY D 427 2.74 -31.62 15.85
C GLY D 427 2.99 -31.30 14.39
N LEU D 428 4.27 -31.21 14.02
CA LEU D 428 4.67 -30.87 12.66
C LEU D 428 5.23 -32.10 11.96
N TYR D 429 4.99 -32.16 10.65
CA TYR D 429 5.42 -33.32 9.88
C TYR D 429 6.68 -32.99 9.08
N PRO D 430 7.58 -33.97 8.93
CA PRO D 430 8.80 -33.72 8.15
C PRO D 430 8.48 -33.57 6.67
N GLY D 431 9.40 -32.89 5.98
CA GLY D 431 9.37 -32.85 4.54
C GLY D 431 10.04 -34.07 3.95
N LYS D 432 10.11 -34.10 2.62
CA LYS D 432 10.81 -35.18 1.95
C LYS D 432 12.28 -35.16 2.31
N VAL D 433 12.88 -36.34 2.40
CA VAL D 433 14.34 -36.41 2.39
C VAL D 433 14.85 -35.95 1.03
N ARG D 434 16.08 -35.47 1.01
CA ARG D 434 16.62 -34.82 -0.17
C ARG D 434 17.85 -35.56 -0.70
N GLU D 435 18.00 -35.53 -2.02
CA GLU D 435 19.16 -36.07 -2.72
C GLU D 435 19.37 -37.55 -2.37
N ALA D 436 18.30 -38.33 -2.45
CA ALA D 436 18.40 -39.77 -2.21
C ALA D 436 19.18 -40.43 -3.33
N ARG D 437 20.21 -41.20 -2.99
CA ARG D 437 21.06 -41.82 -4.01
C ARG D 437 21.37 -43.25 -3.60
N CYS D 438 21.50 -44.13 -4.60
CA CYS D 438 21.89 -45.50 -4.31
C CYS D 438 23.25 -45.81 -4.93
N GLN D 439 23.68 -47.06 -4.69
CA GLN D 439 24.89 -47.62 -5.28
C GLN D 439 24.98 -49.09 -4.92
N ALA D 440 25.39 -49.91 -5.89
CA ALA D 440 25.53 -51.34 -5.73
C ALA D 440 26.86 -51.80 -6.31
N SER D 441 27.38 -52.89 -5.76
CA SER D 441 28.65 -53.47 -6.21
C SER D 441 28.65 -54.95 -5.90
N VAL D 442 29.39 -55.71 -6.72
CA VAL D 442 29.43 -57.16 -6.60
C VAL D 442 30.53 -57.56 -5.62
N HIS D 443 30.20 -58.46 -4.70
CA HIS D 443 31.13 -58.97 -3.72
C HIS D 443 31.25 -60.49 -3.88
N GLY D 444 31.98 -61.11 -2.96
CA GLY D 444 32.11 -62.56 -2.85
C GLY D 444 32.02 -63.36 -4.14
N ALA D 445 31.17 -64.39 -4.14
CA ALA D 445 30.89 -65.20 -5.31
C ALA D 445 29.45 -64.89 -5.73
N SER D 446 29.29 -63.93 -6.64
CA SER D 446 27.99 -63.46 -7.10
C SER D 446 27.15 -62.89 -5.95
N GLU D 447 27.76 -61.98 -5.19
CA GLU D 447 27.11 -61.33 -4.08
C GLU D 447 26.61 -59.95 -4.51
N ALA D 448 25.43 -59.57 -4.01
CA ALA D 448 24.81 -58.30 -4.37
C ALA D 448 24.49 -57.52 -3.10
N ARG D 449 24.97 -56.27 -3.06
CA ARG D 449 24.67 -55.35 -1.98
C ARG D 449 24.11 -54.05 -2.56
N LEU D 450 23.26 -53.40 -1.78
CA LEU D 450 22.65 -52.13 -2.22
C LEU D 450 22.68 -51.15 -1.06
N THR D 451 23.39 -50.04 -1.26
CA THR D 451 23.49 -48.98 -0.27
C THR D 451 22.62 -47.80 -0.68
N VAL D 452 21.87 -47.26 0.28
CA VAL D 452 21.00 -46.11 0.07
C VAL D 452 21.44 -45.00 1.02
N SER D 453 21.40 -43.75 0.54
CA SER D 453 21.76 -42.61 1.35
C SER D 453 20.90 -41.41 0.95
N TRP D 454 20.72 -40.49 1.89
CA TRP D 454 19.86 -39.33 1.67
C TRP D 454 20.25 -38.23 2.66
N GLN D 455 19.80 -37.02 2.36
CA GLN D 455 19.94 -35.91 3.29
C GLN D 455 18.66 -35.73 4.10
N ILE D 456 18.78 -35.06 5.23
CA ILE D 456 17.64 -34.86 6.12
C ILE D 456 16.64 -33.92 5.43
N PRO D 457 15.37 -33.94 5.80
CA PRO D 457 14.42 -32.99 5.23
C PRO D 457 14.85 -31.56 5.48
N TRP D 458 14.53 -30.68 4.52
CA TRP D 458 14.99 -29.30 4.58
C TRP D 458 14.47 -28.59 5.83
N ASN D 459 13.26 -28.92 6.29
CA ASN D 459 12.70 -28.26 7.45
C ASN D 459 13.24 -28.80 8.77
N LEU D 460 13.97 -29.91 8.74
CA LEU D 460 14.56 -30.44 9.97
C LEU D 460 15.64 -29.54 10.55
N LYS D 461 16.24 -28.68 9.72
CA LYS D 461 17.23 -27.72 10.22
C LYS D 461 16.65 -26.89 11.36
N TYR D 462 15.56 -26.19 11.09
CA TYR D 462 14.92 -25.27 12.03
C TYR D 462 14.01 -25.98 13.01
N LEU D 463 14.09 -27.30 13.12
CA LEU D 463 13.26 -28.09 14.01
C LEU D 463 14.12 -28.81 15.03
N LYS D 464 13.58 -28.97 16.24
CA LYS D 464 14.22 -29.71 17.32
C LYS D 464 13.26 -30.83 17.70
N VAL D 465 13.50 -32.03 17.19
CA VAL D 465 12.60 -33.17 17.35
C VAL D 465 13.27 -34.18 18.26
N ALA D 466 12.48 -34.80 19.14
CA ALA D 466 12.99 -35.82 20.05
C ALA D 466 13.52 -37.02 19.26
N GLU D 467 12.63 -37.73 18.58
CA GLU D 467 12.97 -38.95 17.86
C GLU D 467 12.78 -38.74 16.36
N VAL D 468 13.83 -39.00 15.59
CA VAL D 468 13.78 -38.88 14.14
C VAL D 468 14.26 -40.21 13.56
N LYS D 469 13.38 -40.89 12.84
CA LYS D 469 13.70 -42.17 12.21
C LYS D 469 13.34 -42.09 10.74
N TYR D 470 13.79 -43.09 9.98
CA TYR D 470 13.53 -43.17 8.55
C TYR D 470 12.98 -44.54 8.20
N GLU D 471 11.93 -44.57 7.39
CA GLU D 471 11.35 -45.79 6.88
C GLU D 471 11.71 -45.96 5.41
N VAL D 472 12.28 -47.12 5.07
CA VAL D 472 12.70 -47.42 3.71
C VAL D 472 11.86 -48.57 3.19
N TRP D 473 11.35 -48.43 1.97
CA TRP D 473 10.55 -49.44 1.31
C TRP D 473 11.33 -49.96 0.10
N LEU D 474 11.82 -51.20 0.21
CA LEU D 474 12.42 -51.85 -0.95
C LEU D 474 11.31 -52.38 -1.86
N GLN D 475 11.67 -52.68 -3.11
CA GLN D 475 10.76 -53.32 -4.04
C GLN D 475 11.47 -53.81 -5.30
N GLU D 476 11.21 -55.06 -5.68
CA GLU D 476 11.73 -55.59 -6.92
C GLU D 476 10.83 -55.19 -8.09
N ALA D 477 11.47 -54.88 -9.23
CA ALA D 477 10.85 -54.51 -10.51
C ALA D 477 9.33 -54.37 -10.48
N GLY D 478 8.63 -55.50 -10.37
CA GLY D 478 7.19 -55.50 -10.32
C GLY D 478 6.63 -56.59 -9.44
N GLU D 479 6.65 -56.38 -8.13
CA GLU D 479 6.18 -57.38 -7.18
C GLU D 479 5.26 -56.69 -6.17
N ALA D 480 5.05 -57.34 -5.03
CA ALA D 480 4.47 -56.65 -3.90
C ALA D 480 5.53 -55.78 -3.24
N ALA D 481 5.08 -54.82 -2.43
CA ALA D 481 6.01 -53.97 -1.70
C ALA D 481 6.95 -54.84 -0.90
N TYR D 482 8.24 -54.78 -1.24
CA TYR D 482 9.24 -55.61 -0.57
C TYR D 482 9.41 -55.19 0.88
N VAL D 483 10.65 -55.25 1.35
CA VAL D 483 10.87 -55.14 2.80
C VAL D 483 10.61 -53.71 3.24
N PRO D 484 9.94 -53.49 4.37
CA PRO D 484 10.01 -52.18 5.03
C PRO D 484 11.03 -52.21 6.15
N TYR D 485 11.78 -51.12 6.32
CA TYR D 485 12.80 -51.07 7.38
C TYR D 485 12.81 -49.69 8.00
N ILE D 486 12.82 -49.65 9.34
CA ILE D 486 12.94 -48.41 10.10
C ILE D 486 14.41 -48.23 10.46
N LEU D 487 14.94 -47.04 10.17
CA LEU D 487 16.37 -46.78 10.28
C LEU D 487 16.63 -45.66 11.28
N ALA D 488 17.92 -45.45 11.57
CA ALA D 488 18.37 -44.44 12.53
C ALA D 488 18.88 -43.19 11.82
N LEU D 489 19.96 -43.30 11.05
CA LEU D 489 20.42 -42.18 10.24
C LEU D 489 20.38 -42.56 8.76
N GLN D 490 21.12 -41.83 7.93
CA GLN D 490 20.86 -41.72 6.51
C GLN D 490 21.68 -42.70 5.67
N ASN D 491 22.18 -43.78 6.26
CA ASN D 491 22.83 -44.84 5.50
C ASN D 491 22.18 -46.17 5.84
N HIS D 492 22.38 -47.13 4.93
CA HIS D 492 22.05 -48.54 5.12
C HIS D 492 22.47 -49.29 3.88
N THR D 493 22.69 -50.60 4.04
CA THR D 493 23.10 -51.46 2.94
C THR D 493 22.35 -52.78 3.07
N PHE D 494 21.32 -52.96 2.25
CA PHE D 494 20.61 -54.23 2.19
C PHE D 494 21.54 -55.29 1.61
N THR D 495 21.84 -56.32 2.40
CA THR D 495 22.78 -57.35 1.96
C THR D 495 22.03 -58.59 1.47
N GLU D 496 21.81 -59.56 2.36
CA GLU D 496 21.06 -60.76 1.99
C GLU D 496 19.61 -60.41 1.71
N ASN D 497 19.32 -60.04 0.48
CA ASN D 497 18.04 -59.48 0.07
C ASN D 497 18.10 -59.23 -1.42
N ILE D 498 19.26 -58.79 -1.87
CA ILE D 498 19.43 -58.21 -3.20
C ILE D 498 19.81 -59.32 -4.17
N LYS D 499 18.94 -59.58 -5.13
CA LYS D 499 19.31 -60.42 -6.25
C LYS D 499 20.10 -59.61 -7.26
N PRO D 500 21.24 -60.10 -7.75
CA PRO D 500 21.97 -59.37 -8.78
C PRO D 500 21.21 -59.34 -10.09
N PHE D 501 21.52 -58.34 -10.91
CA PHE D 501 20.91 -58.15 -12.21
C PHE D 501 19.40 -57.94 -12.10
N THR D 502 18.99 -57.17 -11.09
CA THR D 502 17.60 -56.81 -10.88
C THR D 502 17.49 -55.30 -10.67
N THR D 503 16.30 -54.77 -10.91
CA THR D 503 16.00 -53.35 -10.76
C THR D 503 15.15 -53.16 -9.51
N TYR D 504 15.69 -52.45 -8.52
CA TYR D 504 15.01 -52.24 -7.25
C TYR D 504 14.53 -50.79 -7.15
N LEU D 505 13.29 -50.62 -6.70
CA LEU D 505 12.70 -49.30 -6.49
C LEU D 505 12.68 -49.01 -4.99
N VAL D 506 13.32 -47.90 -4.60
CA VAL D 506 13.53 -47.56 -3.19
C VAL D 506 12.75 -46.29 -2.88
N TRP D 507 11.89 -46.37 -1.87
CA TRP D 507 11.17 -45.23 -1.33
C TRP D 507 11.67 -44.93 0.08
N VAL D 508 11.87 -43.65 0.39
CA VAL D 508 12.36 -43.22 1.69
C VAL D 508 11.47 -42.10 2.20
N ARG D 509 11.11 -42.17 3.48
CA ARG D 509 10.37 -41.11 4.13
C ARG D 509 10.84 -40.96 5.58
N CYS D 510 10.80 -39.72 6.07
CA CYS D 510 11.21 -39.43 7.43
C CYS D 510 9.99 -39.44 8.34
N ILE D 511 10.21 -39.73 9.62
CA ILE D 511 9.15 -39.79 10.62
C ILE D 511 9.64 -39.15 11.91
N PHE D 512 8.84 -38.25 12.46
CA PHE D 512 9.11 -37.64 13.75
C PHE D 512 8.29 -38.33 14.83
N ASN D 513 8.96 -38.79 15.88
CA ASN D 513 8.31 -39.33 17.07
C ASN D 513 7.29 -40.41 16.72
N LYS D 514 7.76 -41.43 15.98
CA LYS D 514 7.03 -42.67 15.72
C LYS D 514 5.78 -42.49 14.87
N ILE D 515 4.96 -41.46 15.13
CA ILE D 515 3.64 -41.36 14.54
C ILE D 515 3.55 -40.28 13.45
N LEU D 516 4.39 -39.25 13.50
CA LEU D 516 4.32 -38.17 12.51
C LEU D 516 5.04 -38.62 11.25
N LEU D 517 4.28 -39.26 10.36
CA LEU D 517 4.85 -39.83 9.13
C LEU D 517 4.95 -38.75 8.05
N GLY D 518 6.10 -38.67 7.41
CA GLY D 518 6.32 -37.70 6.36
C GLY D 518 6.07 -38.28 4.98
N PRO D 519 6.20 -37.46 3.95
CA PRO D 519 5.96 -37.94 2.58
C PRO D 519 7.17 -38.66 2.01
N PHE D 520 6.90 -39.58 1.10
CA PHE D 520 7.96 -40.24 0.37
C PHE D 520 8.55 -39.28 -0.67
N ALA D 521 9.85 -39.36 -0.86
CA ALA D 521 10.52 -38.60 -1.91
C ALA D 521 10.22 -39.25 -3.26
N ASP D 522 10.87 -38.79 -4.31
CA ASP D 522 10.75 -39.46 -5.60
C ASP D 522 11.46 -40.80 -5.56
N VAL D 523 10.89 -41.79 -6.23
CA VAL D 523 11.39 -43.16 -6.12
C VAL D 523 12.80 -43.24 -6.71
N LEU D 524 13.64 -44.03 -6.05
CA LEU D 524 14.97 -44.33 -6.56
C LEU D 524 14.93 -45.62 -7.39
N VAL D 525 15.51 -45.57 -8.58
CA VAL D 525 15.64 -46.74 -9.44
C VAL D 525 17.09 -47.18 -9.38
N CYS D 526 17.33 -48.36 -8.82
CA CYS D 526 18.68 -48.84 -8.64
C CYS D 526 18.82 -50.20 -9.29
N ASN D 527 19.94 -50.40 -9.98
CA ASN D 527 20.20 -51.59 -10.77
C ASN D 527 21.32 -52.40 -10.12
N THR D 528 21.29 -53.70 -10.37
CA THR D 528 22.25 -54.61 -9.76
C THR D 528 22.83 -55.55 -10.80
N ALA E 1 11.97 -5.18 -17.77
CA ALA E 1 10.82 -4.43 -17.31
C ALA E 1 9.98 -5.24 -16.33
N ALA E 2 8.66 -5.02 -16.39
CA ALA E 2 7.68 -5.72 -15.55
C ALA E 2 7.94 -5.51 -14.06
N ALA E 3 7.30 -4.50 -13.48
CA ALA E 3 7.42 -4.27 -12.05
C ALA E 3 6.51 -5.20 -11.27
N ALA E 4 6.95 -5.57 -10.07
CA ALA E 4 6.19 -6.46 -9.19
C ALA E 4 6.36 -5.98 -7.76
N ALA E 5 5.26 -5.56 -7.14
CA ALA E 5 5.31 -5.01 -5.78
C ALA E 5 5.78 -6.06 -4.78
N ALA E 6 6.98 -5.85 -4.23
CA ALA E 6 7.58 -6.75 -3.25
C ALA E 6 8.25 -5.93 -2.18
N ALA E 7 7.84 -6.12 -0.93
CA ALA E 7 8.32 -5.31 0.19
C ALA E 7 9.40 -6.09 0.94
N ALA E 8 10.65 -5.75 0.68
CA ALA E 8 11.78 -6.39 1.34
C ALA E 8 12.16 -5.60 2.58
N ALA E 9 13.20 -6.08 3.28
CA ALA E 9 13.77 -5.31 4.38
C ALA E 9 14.33 -4.00 3.84
N ALA E 10 13.99 -2.90 4.51
CA ALA E 10 14.31 -1.56 4.01
C ALA E 10 15.81 -1.33 3.85
N ALA F 1 -2.92 0.51 -10.95
CA ALA F 1 -3.40 -0.06 -9.70
C ALA F 1 -2.24 -0.45 -8.80
N GLY F 2 -1.07 0.12 -9.07
CA GLY F 2 0.15 -0.25 -8.38
C GLY F 2 0.52 0.72 -7.28
N ALA F 3 0.63 0.20 -6.06
CA ALA F 3 1.23 0.93 -4.96
C ALA F 3 2.53 0.25 -4.56
N GLY F 4 3.51 0.26 -5.46
CA GLY F 4 4.61 -0.68 -5.40
C GLY F 4 5.94 -0.01 -5.12
N ALA F 5 6.70 -0.60 -4.19
CA ALA F 5 8.12 -0.32 -4.07
C ALA F 5 8.91 -1.21 -5.02
N ALA F 6 8.43 -2.44 -5.23
CA ALA F 6 8.65 -3.21 -6.44
C ALA F 6 10.06 -3.73 -6.66
N ALA F 7 10.19 -5.04 -6.82
CA ALA F 7 11.37 -5.67 -7.42
C ALA F 7 11.09 -5.96 -8.89
N ALA F 8 12.15 -6.34 -9.60
CA ALA F 8 12.10 -6.39 -11.07
C ALA F 8 11.44 -7.64 -11.62
N ALA F 9 12.25 -8.68 -11.86
CA ALA F 9 11.88 -9.88 -12.61
C ALA F 9 11.85 -9.58 -14.10
N ALA F 10 12.82 -10.12 -14.85
CA ALA F 10 12.93 -9.88 -16.28
C ALA F 10 11.91 -10.72 -17.06
C1 NAG G . 43.74 3.43 9.02
C2 NAG G . 44.01 2.03 9.55
C3 NAG G . 42.70 1.25 9.56
C4 NAG G . 41.60 2.02 10.29
C5 NAG G . 41.55 3.49 9.88
C6 NAG G . 40.77 4.34 10.86
C7 NAG G . 45.65 0.24 9.19
C8 NAG G . 46.66 -0.34 8.25
N2 NAG G . 45.02 1.34 8.77
O3 NAG G . 42.90 -0.02 10.18
O4 NAG G . 40.35 1.43 9.99
O5 NAG G . 42.85 4.07 9.85
O6 NAG G . 41.49 5.52 11.21
O7 NAG G . 45.40 -0.28 10.28
P PO4 H . 39.39 17.39 -11.89
O1 PO4 H . 40.38 16.59 -11.05
O2 PO4 H . 38.12 17.58 -11.12
O3 PO4 H . 39.09 16.64 -13.17
O4 PO4 H . 40.01 18.72 -12.22
P PO4 I . 15.44 -1.47 -1.48
O1 PO4 I . 15.72 -2.95 -1.54
O2 PO4 I . 16.21 -0.77 -2.57
O3 PO4 I . 15.89 -0.93 -0.13
O4 PO4 I . 13.96 -1.22 -1.65
P PO4 J . 1.07 1.74 -16.61
O1 PO4 J . 2.10 0.83 -17.23
O2 PO4 J . 1.29 1.84 -15.12
O3 PO4 J . -0.32 1.19 -16.87
O4 PO4 J . 1.17 3.12 -17.21
P PO4 K . 1.96 15.13 9.58
O1 PO4 K . 3.20 14.39 10.01
O2 PO4 K . 1.58 14.70 8.18
O3 PO4 K . 0.83 14.81 10.52
O4 PO4 K . 2.23 16.62 9.59
P PO4 L . 23.25 10.30 12.23
O1 PO4 L . 24.67 10.08 12.70
O2 PO4 L . 22.30 9.95 13.36
O3 PO4 L . 22.96 9.40 11.05
O4 PO4 L . 23.05 11.74 11.82
P PO4 M . 58.51 16.90 16.34
O1 PO4 M . 58.02 16.51 17.72
O2 PO4 M . 59.86 17.57 16.47
O3 PO4 M . 58.62 15.68 15.48
O4 PO4 M . 57.54 17.87 15.72
P PO4 N . 26.52 34.12 38.81
O1 PO4 N . 26.92 33.96 40.25
O2 PO4 N . 26.22 32.78 38.20
O3 PO4 N . 27.63 34.80 38.05
O4 PO4 N . 25.28 34.99 38.73
P PO4 O . 37.41 13.06 15.67
O1 PO4 O . 37.20 12.66 17.12
O2 PO4 O . 38.87 13.37 15.45
O3 PO4 O . 37.00 11.91 14.77
O4 PO4 O . 36.58 14.27 15.36
C1 NAG P . 2.89 27.62 -39.61
C2 NAG P . 3.15 26.16 -39.98
C3 NAG P . 4.04 26.07 -41.21
C4 NAG P . 3.45 26.88 -42.36
C5 NAG P . 3.19 28.31 -41.91
C6 NAG P . 2.49 29.14 -42.96
C7 NAG P . 3.06 24.65 -38.04
C8 NAG P . 3.85 23.99 -36.95
N2 NAG P . 3.75 25.44 -38.86
O3 NAG P . 4.17 24.70 -41.61
O4 NAG P . 4.34 26.89 -43.47
O5 NAG P . 2.33 28.31 -40.75
O6 NAG P . 2.40 30.51 -42.56
O7 NAG P . 1.85 24.48 -38.16
P PO4 Q . 15.96 11.45 12.59
O1 PO4 Q . 16.94 10.30 12.52
O2 PO4 Q . 15.74 11.83 14.03
O3 PO4 Q . 14.65 11.02 11.97
O4 PO4 Q . 16.52 12.63 11.83
P PO4 R . 0.59 15.81 -26.81
O1 PO4 R . 0.21 14.99 -25.60
O2 PO4 R . 2.08 16.06 -26.80
O3 PO4 R . 0.21 15.06 -28.06
O4 PO4 R . -0.13 17.14 -26.78
P PO4 S . 15.80 21.14 40.49
O1 PO4 S . 17.02 20.27 40.73
O2 PO4 S . 14.97 20.56 39.38
O3 PO4 S . 14.98 21.21 41.76
O4 PO4 S . 16.25 22.53 40.10
P PO4 T . 8.42 41.88 1.81
O1 PO4 T . 8.70 40.84 2.85
O2 PO4 T . 9.66 42.11 0.97
O3 PO4 T . 8.03 43.17 2.48
O4 PO4 T . 7.30 41.41 0.91
P PO4 U . -7.82 46.89 17.66
O1 PO4 U . -7.53 46.54 19.10
O2 PO4 U . -6.94 46.04 16.76
O3 PO4 U . -9.27 46.63 17.34
O4 PO4 U . -7.51 48.36 17.44
P PO4 V . -5.94 69.10 7.52
O1 PO4 V . -5.91 67.65 7.07
O2 PO4 V . -4.79 69.37 8.45
O3 PO4 V . -5.83 70.00 6.31
O4 PO4 V . -7.26 69.38 8.22
C1 NAG W . -60.72 -31.96 -13.35
C2 NAG W . -61.51 -33.17 -12.84
C3 NAG W . -62.42 -32.75 -11.69
C4 NAG W . -61.64 -32.00 -10.61
C5 NAG W . -60.84 -30.86 -11.23
C6 NAG W . -59.94 -30.16 -10.24
C7 NAG W . -61.87 -34.85 -14.59
C8 NAG W . -62.82 -35.37 -15.62
N2 NAG W . -62.28 -33.80 -13.89
O3 NAG W . -63.06 -33.89 -11.13
O4 NAG W . -62.54 -31.46 -9.66
O5 NAG W . -59.99 -31.37 -12.27
O6 NAG W . -58.92 -29.41 -10.89
O7 NAG W . -60.77 -35.36 -14.41
P PO4 X . -1.49 -32.47 -31.19
O1 PO4 X . -1.09 -33.92 -31.29
O2 PO4 X . -2.35 -32.26 -29.96
O3 PO4 X . -2.27 -32.08 -32.42
O4 PO4 X . -0.25 -31.61 -31.08
P PO4 Y . -16.10 -37.55 -13.57
O1 PO4 Y . -17.13 -38.47 -12.96
O2 PO4 Y . -15.26 -38.32 -14.56
O3 PO4 Y . -15.23 -36.98 -12.49
O4 PO4 Y . -16.81 -36.43 -14.30
P PO4 Z . 17.32 -11.41 -0.24
O1 PO4 Z . 17.39 -12.88 0.09
O2 PO4 Z . 18.45 -10.68 0.44
O3 PO4 Z . 16.00 -10.85 0.25
O4 PO4 Z . 17.42 -11.23 -1.74
P PO4 AA . -11.29 -11.32 5.22
O1 PO4 AA . -11.68 -12.75 5.45
O2 PO4 AA . -9.78 -11.20 5.22
O3 PO4 AA . -11.85 -10.45 6.33
O4 PO4 AA . -11.85 -10.86 3.89
P PO4 BA . -0.31 -50.19 -43.39
O1 PO4 BA . -0.77 -51.00 -42.20
O2 PO4 BA . 1.19 -50.23 -43.48
O3 PO4 BA . -0.90 -50.76 -44.65
O4 PO4 BA . -0.78 -48.76 -43.21
P PO4 CA . -14.90 -49.88 -28.43
O1 PO4 CA . -13.63 -50.28 -27.72
O2 PO4 CA . -15.88 -51.01 -28.38
O3 PO4 CA . -14.58 -49.55 -29.87
O4 PO4 CA . -15.49 -48.66 -27.75
P PO4 DA . -15.46 -9.69 -9.30
O1 PO4 DA . -15.15 -11.12 -9.65
O2 PO4 DA . -14.90 -9.37 -7.94
O3 PO4 DA . -16.95 -9.48 -9.30
O4 PO4 DA . -14.83 -8.77 -10.33
P PO4 EA . 20.84 -27.23 3.41
O1 PO4 EA . 20.22 -28.45 4.05
O2 PO4 EA . 22.33 -27.24 3.62
O3 PO4 EA . 20.54 -27.22 1.94
O4 PO4 EA . 20.27 -25.97 4.05
P PO4 FA . -17.13 -38.77 5.54
O1 PO4 FA . -16.17 -38.27 6.60
O2 PO4 FA . -16.39 -39.62 4.54
O3 PO4 FA . -18.20 -39.61 6.19
O4 PO4 FA . -17.77 -37.60 4.85
P PO4 GA . -30.38 -33.10 23.87
O1 PO4 GA . -30.74 -34.57 23.82
O2 PO4 GA . -29.56 -32.84 25.11
O3 PO4 GA . -31.63 -32.26 23.91
O4 PO4 GA . -29.56 -32.73 22.65
P PO4 HA . -27.64 -3.63 10.56
O1 PO4 HA . -27.57 -5.11 10.29
O2 PO4 HA . -26.98 -3.31 11.88
O3 PO4 HA . -29.09 -3.20 10.61
O4 PO4 HA . -26.94 -2.89 9.44
#